data_7NSG
#
_entry.id   7NSG
#
_cell.length_a   1.00
_cell.length_b   1.00
_cell.length_c   1.00
_cell.angle_alpha   90.00
_cell.angle_beta   90.00
_cell.angle_gamma   90.00
#
_symmetry.space_group_name_H-M   'P 1'
#
loop_
_entity.id
_entity.type
_entity.pdbx_description
1 polymer 'Excitatory amino acid transporter 3'
2 non-polymer '(+)-3-Hydroxy-4,5,6,6a-tetrahydro-3aH-pyrrolo[3,4-d]isoxazole-6-carboxylic acid'
3 non-polymer '(-)-3-Hydroxy-4,5,6,6a-tetrahydro-3aH-pyrrolo[3,4-d]isoxazole-6-carboxylic acid'
4 non-polymer 'CHOLESTEROL HEMISUCCINATE'
5 non-polymer 1,2-DIACYL-SN-GLYCERO-3-PHOSPHOCHOLINE
#
_entity_poly.entity_id   1
_entity_poly.type   'polypeptide(L)'
_entity_poly.pdbx_seq_one_letter_code
;MGKPARKGCEWKRFLKNNWVLLSTVAAVVLGITTGVLVREHRNLSTLEKFYFAFPGEILMRMLKLIILPLIISSMITGVA
ALDSNVSGKIGVRAVVYYFCTTLIAVILGIVLVVSIKPGVTQKVGEIARTGSTPEVSTVDAMLDLIRNMFPENLVQACFQ
QYKTKREEVKPPSDPEMNMTEESFTAVMTTAISKNKTKEYKIVGMYSDGINVLGLIVFCLVFGLVIGKMGEKGQILVDFF
NALSDATMKIVQIIMCYMPLGILFLIAGKIIEVEDWEIFRKLGLYMATVLTGLAIHSIVILPLIYFIVVRKNPFRFAMGM
AQALLTALMISSSSATLPVTFRCAEENNQVDKRITRFVLPVGATINMDGTALYEAVAAVFIAQLNDLDLGIGQIITISIT
ATSASIGAAGVPQAGLVTMVIVLSAVGLPAEDVTLIIAVDWLLDRFRTMVNVLGDAFGTGIVEKLSKKELEQMDVSSEVN
AENLYFQ
;
_entity_poly.pdbx_strand_id   A,B,C
#
# COMPACT_ATOMS: atom_id res chain seq x y z
N GLU A 10 -35.43 16.95 -31.04
CA GLU A 10 -34.69 16.11 -30.11
C GLU A 10 -33.20 16.05 -30.47
N TRP A 11 -32.54 17.21 -30.42
CA TRP A 11 -31.13 17.31 -30.78
C TRP A 11 -30.23 17.19 -29.56
N LYS A 12 -30.59 17.83 -28.46
CA LYS A 12 -29.75 17.77 -27.26
C LYS A 12 -29.91 16.46 -26.52
N ARG A 13 -31.10 15.85 -26.58
CA ARG A 13 -31.29 14.55 -25.93
C ARG A 13 -30.52 13.45 -26.64
N PHE A 14 -30.39 13.55 -27.96
CA PHE A 14 -29.59 12.58 -28.71
C PHE A 14 -28.12 12.74 -28.41
N LEU A 15 -27.67 13.96 -28.14
CA LEU A 15 -26.28 14.17 -27.76
C LEU A 15 -26.03 13.68 -26.34
N LYS A 16 -27.00 13.84 -25.45
CA LYS A 16 -26.84 13.37 -24.08
C LYS A 16 -26.93 11.85 -24.00
N ASN A 17 -27.62 11.23 -24.95
CA ASN A 17 -27.76 9.77 -24.93
C ASN A 17 -26.51 9.10 -25.49
N ASN A 18 -26.01 9.59 -26.62
CA ASN A 18 -24.97 8.92 -27.40
C ASN A 18 -23.68 9.72 -27.45
N TRP A 19 -23.21 10.19 -26.29
CA TRP A 19 -22.04 11.08 -26.28
C TRP A 19 -20.74 10.32 -26.56
N VAL A 20 -20.68 9.04 -26.18
CA VAL A 20 -19.44 8.28 -26.25
C VAL A 20 -19.06 7.99 -27.69
N LEU A 21 -19.96 7.36 -28.45
CA LEU A 21 -19.69 6.99 -29.83
C LEU A 21 -19.53 8.23 -30.70
N LEU A 22 -20.36 9.25 -30.48
CA LEU A 22 -20.29 10.47 -31.28
C LEU A 22 -18.99 11.22 -31.01
N SER A 23 -18.54 11.26 -29.76
CA SER A 23 -17.33 12.00 -29.48
C SER A 23 -16.09 11.23 -29.92
N THR A 24 -16.13 9.89 -29.88
CA THR A 24 -15.01 9.10 -30.40
C THR A 24 -14.89 9.24 -31.91
N VAL A 25 -16.02 9.19 -32.62
CA VAL A 25 -16.01 9.36 -34.07
C VAL A 25 -15.56 10.77 -34.47
N ALA A 26 -16.02 11.79 -33.74
CA ALA A 26 -15.59 13.15 -34.02
C ALA A 26 -14.10 13.35 -33.73
N ALA A 27 -13.58 12.67 -32.71
CA ALA A 27 -12.16 12.78 -32.40
C ALA A 27 -11.31 12.11 -33.47
N VAL A 28 -11.76 10.95 -33.98
CA VAL A 28 -11.02 10.27 -35.06
C VAL A 28 -11.02 11.11 -36.33
N VAL A 29 -12.18 11.68 -36.67
CA VAL A 29 -12.29 12.49 -37.89
C VAL A 29 -11.44 13.75 -37.80
N LEU A 30 -11.51 14.44 -36.65
CA LEU A 30 -10.71 15.65 -36.45
C LEU A 30 -9.22 15.34 -36.39
N GLY A 31 -8.83 14.20 -35.82
CA GLY A 31 -7.43 13.84 -35.79
C GLY A 31 -6.87 13.52 -37.17
N ILE A 32 -7.66 12.84 -37.99
CA ILE A 32 -7.22 12.53 -39.35
C ILE A 32 -7.11 13.81 -40.18
N THR A 33 -8.10 14.69 -40.11
CA THR A 33 -8.02 15.90 -40.93
C THR A 33 -6.98 16.88 -40.39
N THR A 34 -6.68 16.83 -39.09
CA THR A 34 -5.63 17.67 -38.53
C THR A 34 -4.26 17.17 -38.93
N GLY A 35 -4.05 15.86 -38.92
CA GLY A 35 -2.78 15.32 -39.38
C GLY A 35 -2.55 15.53 -40.86
N VAL A 36 -3.62 15.48 -41.66
CA VAL A 36 -3.48 15.75 -43.08
C VAL A 36 -3.17 17.23 -43.33
N LEU A 37 -3.89 18.13 -42.65
CA LEU A 37 -3.65 19.55 -42.87
C LEU A 37 -2.35 20.05 -42.25
N VAL A 38 -1.77 19.32 -41.30
CA VAL A 38 -0.45 19.69 -40.77
C VAL A 38 0.65 19.11 -41.64
N ARG A 39 0.46 17.90 -42.16
CA ARG A 39 1.49 17.26 -42.98
C ARG A 39 1.69 17.96 -44.32
N GLU A 40 0.66 18.66 -44.82
CA GLU A 40 0.74 19.36 -46.09
C GLU A 40 0.86 20.87 -45.91
N HIS A 41 1.32 21.34 -44.75
CA HIS A 41 1.50 22.76 -44.55
C HIS A 41 2.84 23.07 -43.90
N ARG A 42 3.39 22.12 -43.15
CA ARG A 42 4.62 22.36 -42.41
C ARG A 42 5.27 21.02 -42.06
N ASN A 43 6.58 20.95 -42.25
CA ASN A 43 7.33 19.82 -41.73
C ASN A 43 7.49 19.95 -40.22
N LEU A 44 7.74 18.82 -39.56
CA LEU A 44 7.93 18.82 -38.12
C LEU A 44 9.19 18.05 -37.80
N SER A 45 10.00 18.59 -36.90
CA SER A 45 11.25 17.94 -36.50
C SER A 45 10.95 16.81 -35.51
N THR A 46 12.01 16.20 -35.01
CA THR A 46 11.83 15.09 -34.06
C THR A 46 11.37 15.60 -32.70
N LEU A 47 11.81 16.80 -32.32
CA LEU A 47 11.44 17.33 -31.01
C LEU A 47 10.00 17.85 -30.99
N GLU A 48 9.60 18.60 -32.01
CA GLU A 48 8.25 19.13 -32.03
C GLU A 48 7.21 18.12 -32.52
N LYS A 49 7.63 16.91 -32.86
CA LYS A 49 6.70 15.78 -32.96
C LYS A 49 6.44 15.13 -31.63
N PHE A 50 7.18 15.50 -30.59
CA PHE A 50 6.94 15.01 -29.24
C PHE A 50 6.07 15.96 -28.43
N TYR A 51 6.17 17.27 -28.66
CA TYR A 51 5.29 18.21 -28.00
C TYR A 51 3.89 18.22 -28.61
N PHE A 52 3.74 17.70 -29.83
CA PHE A 52 2.45 17.66 -30.48
C PHE A 52 1.61 16.48 -30.00
N ALA A 53 2.26 15.40 -29.57
CA ALA A 53 1.60 14.22 -29.04
C ALA A 53 1.69 14.15 -27.53
N PHE A 54 1.60 15.29 -26.86
CA PHE A 54 1.61 15.39 -25.40
C PHE A 54 0.26 15.10 -24.72
N PRO A 55 -0.91 15.55 -25.21
CA PRO A 55 -2.16 15.10 -24.57
C PRO A 55 -2.39 13.60 -24.67
N GLY A 56 -1.92 12.96 -25.72
CA GLY A 56 -1.97 11.51 -25.77
C GLY A 56 -1.05 10.86 -24.76
N GLU A 57 0.08 11.49 -24.46
CA GLU A 57 0.96 10.96 -23.42
C GLU A 57 0.34 11.10 -22.05
N ILE A 58 -0.34 12.21 -21.80
CA ILE A 58 -1.04 12.38 -20.52
C ILE A 58 -2.20 11.39 -20.41
N LEU A 59 -2.88 11.09 -21.51
CA LEU A 59 -3.94 10.08 -21.48
C LEU A 59 -3.37 8.69 -21.22
N MET A 60 -2.24 8.35 -21.83
CA MET A 60 -1.64 7.05 -21.58
C MET A 60 -1.01 6.94 -20.20
N ARG A 61 -0.70 8.06 -19.54
CA ARG A 61 -0.33 8.00 -18.13
C ARG A 61 -1.54 7.84 -17.23
N MET A 62 -2.64 8.51 -17.54
CA MET A 62 -3.86 8.39 -16.75
C MET A 62 -4.48 7.01 -16.86
N LEU A 63 -4.30 6.33 -18.00
CA LEU A 63 -4.86 4.99 -18.14
C LEU A 63 -4.06 3.95 -17.37
N LYS A 64 -2.74 4.11 -17.31
CA LYS A 64 -1.90 3.21 -16.53
C LYS A 64 -1.89 3.54 -15.05
N LEU A 65 -2.36 4.72 -14.67
CA LEU A 65 -2.47 5.07 -13.26
C LEU A 65 -3.54 4.23 -12.56
N ILE A 66 -4.60 3.87 -13.28
CA ILE A 66 -5.83 3.38 -12.66
C ILE A 66 -5.93 1.87 -12.65
N ILE A 67 -5.05 1.15 -13.37
CA ILE A 67 -5.23 -0.30 -13.47
C ILE A 67 -4.83 -1.03 -12.18
N LEU A 68 -4.00 -0.43 -11.35
CA LEU A 68 -3.59 -1.12 -10.13
C LEU A 68 -4.68 -1.15 -9.06
N PRO A 69 -5.45 -0.08 -8.78
CA PRO A 69 -6.63 -0.29 -7.93
C PRO A 69 -7.74 -1.03 -8.63
N LEU A 70 -7.79 -0.96 -9.97
CA LEU A 70 -8.86 -1.60 -10.72
C LEU A 70 -8.78 -3.11 -10.62
N ILE A 71 -7.60 -3.69 -10.86
CA ILE A 71 -7.54 -5.15 -10.86
C ILE A 71 -7.68 -5.70 -9.44
N ILE A 72 -7.21 -4.97 -8.42
CA ILE A 72 -7.31 -5.44 -7.05
C ILE A 72 -8.75 -5.44 -6.58
N SER A 73 -9.42 -4.28 -6.69
CA SER A 73 -10.80 -4.16 -6.24
C SER A 73 -11.75 -5.03 -7.07
N SER A 74 -11.54 -5.05 -8.39
CA SER A 74 -12.43 -5.79 -9.27
C SER A 74 -12.28 -7.29 -9.10
N MET A 75 -11.04 -7.80 -8.95
CA MET A 75 -10.88 -9.24 -8.78
C MET A 75 -11.40 -9.70 -7.43
N ILE A 76 -11.18 -8.90 -6.37
CA ILE A 76 -11.63 -9.30 -5.04
C ILE A 76 -13.17 -9.32 -4.98
N THR A 77 -13.83 -8.25 -5.41
CA THR A 77 -15.28 -8.24 -5.34
C THR A 77 -15.92 -9.18 -6.35
N GLY A 78 -15.26 -9.39 -7.48
CA GLY A 78 -15.81 -10.29 -8.48
C GLY A 78 -15.81 -11.73 -8.04
N VAL A 79 -14.69 -12.20 -7.49
CA VAL A 79 -14.67 -13.59 -7.07
C VAL A 79 -15.40 -13.78 -5.73
N ALA A 80 -15.54 -12.72 -4.91
CA ALA A 80 -16.36 -12.86 -3.70
C ALA A 80 -17.84 -12.94 -4.04
N ALA A 81 -18.32 -12.06 -4.92
CA ALA A 81 -19.72 -12.12 -5.33
C ALA A 81 -20.02 -13.36 -6.16
N LEU A 82 -19.03 -13.88 -6.89
CA LEU A 82 -19.24 -15.13 -7.61
C LEU A 82 -19.29 -16.32 -6.67
N ASP A 83 -18.49 -16.30 -5.59
CA ASP A 83 -18.59 -17.35 -4.59
C ASP A 83 -19.92 -17.26 -3.84
N SER A 84 -20.46 -16.05 -3.70
CA SER A 84 -21.78 -15.89 -3.09
C SER A 84 -22.92 -16.35 -3.98
N ASN A 85 -22.82 -16.11 -5.30
CA ASN A 85 -23.91 -16.46 -6.20
C ASN A 85 -24.05 -17.97 -6.39
N VAL A 86 -22.93 -18.69 -6.45
CA VAL A 86 -22.98 -20.15 -6.60
C VAL A 86 -23.49 -20.77 -5.31
N SER A 87 -24.61 -21.49 -5.40
CA SER A 87 -25.29 -22.06 -4.25
C SER A 87 -25.27 -23.57 -4.26
N GLY A 88 -25.77 -24.20 -5.32
CA GLY A 88 -25.90 -25.64 -5.34
C GLY A 88 -25.09 -26.32 -6.42
N LYS A 89 -25.80 -26.97 -7.36
CA LYS A 89 -25.14 -27.60 -8.50
C LYS A 89 -25.46 -26.93 -9.83
N ILE A 90 -26.43 -26.01 -9.86
CA ILE A 90 -26.60 -25.17 -11.04
C ILE A 90 -25.45 -24.18 -11.14
N GLY A 91 -24.96 -23.72 -9.99
CA GLY A 91 -23.91 -22.71 -9.99
C GLY A 91 -22.58 -23.21 -10.49
N VAL A 92 -22.17 -24.39 -10.04
CA VAL A 92 -20.88 -24.94 -10.44
C VAL A 92 -20.89 -25.30 -11.92
N ARG A 93 -22.02 -25.82 -12.40
CA ARG A 93 -22.14 -26.16 -13.82
C ARG A 93 -22.11 -24.92 -14.70
N ALA A 94 -22.81 -23.85 -14.28
CA ALA A 94 -22.80 -22.63 -15.08
C ALA A 94 -21.42 -21.97 -15.07
N VAL A 95 -20.71 -21.99 -13.93
CA VAL A 95 -19.42 -21.34 -13.86
C VAL A 95 -18.36 -22.11 -14.66
N VAL A 96 -18.41 -23.45 -14.59
CA VAL A 96 -17.49 -24.27 -15.37
C VAL A 96 -17.75 -24.08 -16.86
N TYR A 97 -19.03 -23.97 -17.25
CA TYR A 97 -19.36 -23.69 -18.65
C TYR A 97 -18.82 -22.35 -19.12
N TYR A 98 -18.99 -21.31 -18.29
CA TYR A 98 -18.56 -19.97 -18.65
C TYR A 98 -17.06 -19.90 -18.87
N PHE A 99 -16.30 -20.49 -17.95
CA PHE A 99 -14.85 -20.38 -18.08
C PHE A 99 -14.29 -21.30 -19.15
N CYS A 100 -14.92 -22.45 -19.41
CA CYS A 100 -14.49 -23.27 -20.53
C CYS A 100 -14.74 -22.59 -21.87
N THR A 101 -15.90 -21.94 -22.06
CA THR A 101 -16.11 -21.28 -23.35
C THR A 101 -15.27 -20.03 -23.50
N THR A 102 -14.99 -19.30 -22.41
CA THR A 102 -14.08 -18.16 -22.52
C THR A 102 -12.66 -18.61 -22.88
N LEU A 103 -12.21 -19.73 -22.31
CA LEU A 103 -10.89 -20.26 -22.66
C LEU A 103 -10.83 -20.74 -24.10
N ILE A 104 -11.91 -21.36 -24.59
CA ILE A 104 -11.94 -21.82 -25.99
C ILE A 104 -11.93 -20.64 -26.94
N ALA A 105 -12.62 -19.55 -26.59
CA ALA A 105 -12.62 -18.35 -27.42
C ALA A 105 -11.25 -17.69 -27.45
N VAL A 106 -10.55 -17.66 -26.32
CA VAL A 106 -9.21 -17.07 -26.28
C VAL A 106 -8.24 -17.88 -27.12
N ILE A 107 -8.29 -19.22 -27.01
CA ILE A 107 -7.40 -20.08 -27.78
C ILE A 107 -7.68 -19.95 -29.28
N LEU A 108 -8.96 -19.85 -29.66
CA LEU A 108 -9.30 -19.64 -31.06
C LEU A 108 -8.79 -18.31 -31.59
N GLY A 109 -8.88 -17.26 -30.76
CA GLY A 109 -8.37 -15.96 -31.19
C GLY A 109 -6.87 -15.93 -31.37
N ILE A 110 -6.13 -16.57 -30.45
CA ILE A 110 -4.68 -16.64 -30.55
C ILE A 110 -4.25 -17.42 -31.79
N VAL A 111 -4.91 -18.56 -32.05
CA VAL A 111 -4.59 -19.38 -33.22
C VAL A 111 -4.86 -18.61 -34.51
N LEU A 112 -5.98 -17.90 -34.58
CA LEU A 112 -6.31 -17.16 -35.80
C LEU A 112 -5.38 -15.99 -36.03
N VAL A 113 -4.93 -15.31 -34.96
CA VAL A 113 -4.11 -14.13 -35.18
C VAL A 113 -2.65 -14.53 -35.44
N VAL A 114 -2.18 -15.68 -34.96
CA VAL A 114 -0.84 -16.10 -35.35
C VAL A 114 -0.84 -16.90 -36.65
N SER A 115 -2.00 -17.28 -37.17
CA SER A 115 -2.04 -17.89 -38.48
C SER A 115 -2.23 -16.88 -39.60
N ILE A 116 -3.11 -15.90 -39.41
CA ILE A 116 -3.35 -14.90 -40.45
C ILE A 116 -2.21 -13.88 -40.49
N LYS A 117 -1.68 -13.54 -39.33
CA LYS A 117 -0.63 -12.55 -39.08
C LYS A 117 -0.95 -11.18 -39.69
N PRO A 118 -1.87 -10.41 -39.13
CA PRO A 118 -1.98 -9.00 -39.54
C PRO A 118 -1.01 -8.14 -38.75
N GLY A 119 -0.27 -7.28 -39.46
CA GLY A 119 0.71 -6.40 -38.85
C GLY A 119 2.12 -6.59 -39.35
N VAL A 120 2.47 -7.81 -39.72
CA VAL A 120 3.79 -8.04 -40.29
C VAL A 120 3.81 -7.54 -41.72
N THR A 121 4.96 -7.03 -42.14
CA THR A 121 5.08 -6.27 -43.37
C THR A 121 5.13 -7.19 -44.59
N GLN A 122 4.49 -6.74 -45.67
CA GLN A 122 4.47 -7.48 -46.92
C GLN A 122 5.59 -7.00 -47.85
N VAL A 136 17.20 -18.07 -26.81
CA VAL A 136 16.37 -18.21 -25.61
C VAL A 136 16.16 -19.67 -25.26
N SER A 137 15.28 -19.91 -24.29
CA SER A 137 14.88 -21.25 -23.90
C SER A 137 13.46 -21.16 -23.34
N THR A 138 12.55 -21.96 -23.91
CA THR A 138 11.17 -21.93 -23.46
C THR A 138 10.98 -22.56 -22.09
N VAL A 139 11.91 -23.42 -21.68
CA VAL A 139 11.87 -24.00 -20.33
C VAL A 139 12.02 -22.94 -19.27
N ASP A 140 12.92 -21.97 -19.44
CA ASP A 140 13.06 -20.88 -18.51
C ASP A 140 11.88 -19.92 -18.51
N ALA A 141 11.28 -19.64 -19.66
CA ALA A 141 10.14 -18.73 -19.71
C ALA A 141 8.89 -19.35 -19.07
N MET A 142 8.65 -20.63 -19.32
CA MET A 142 7.51 -21.29 -18.70
C MET A 142 7.72 -21.58 -17.22
N LEU A 143 8.91 -21.35 -16.67
CA LEU A 143 9.11 -21.35 -15.24
C LEU A 143 9.11 -19.96 -14.63
N ASP A 144 9.51 -18.92 -15.39
CA ASP A 144 9.32 -17.56 -14.91
C ASP A 144 7.85 -17.18 -14.84
N LEU A 145 6.99 -17.84 -15.62
CA LEU A 145 5.55 -17.69 -15.45
C LEU A 145 5.11 -18.09 -14.04
N ILE A 146 5.48 -19.28 -13.60
CA ILE A 146 5.11 -19.74 -12.26
C ILE A 146 5.88 -19.00 -11.19
N ARG A 147 7.07 -18.49 -11.49
CA ARG A 147 7.77 -17.65 -10.52
C ARG A 147 7.13 -16.28 -10.38
N ASN A 148 6.42 -15.81 -11.40
CA ASN A 148 5.71 -14.55 -11.32
C ASN A 148 4.29 -14.69 -10.79
N MET A 149 3.73 -15.89 -10.78
CA MET A 149 2.43 -16.07 -10.14
C MET A 149 2.51 -15.98 -8.63
N PHE A 150 3.66 -16.30 -8.03
CA PHE A 150 3.87 -16.19 -6.58
C PHE A 150 5.05 -15.25 -6.35
N PRO A 151 4.81 -13.96 -6.22
CA PRO A 151 5.92 -13.02 -6.05
C PRO A 151 6.49 -13.06 -4.65
N GLU A 152 7.74 -12.63 -4.52
CA GLU A 152 8.41 -12.62 -3.23
C GLU A 152 8.05 -11.43 -2.36
N ASN A 153 7.33 -10.46 -2.89
CA ASN A 153 6.93 -9.30 -2.11
C ASN A 153 5.66 -8.76 -2.73
N LEU A 154 4.76 -8.27 -1.89
CA LEU A 154 3.45 -7.89 -2.37
C LEU A 154 3.36 -6.42 -2.76
N VAL A 155 4.28 -5.58 -2.28
CA VAL A 155 4.36 -4.20 -2.70
C VAL A 155 5.20 -4.06 -3.96
N GLN A 156 6.27 -4.85 -4.08
CA GLN A 156 7.06 -4.87 -5.30
C GLN A 156 6.33 -5.54 -6.45
N ALA A 157 5.28 -6.31 -6.19
CA ALA A 157 4.48 -6.86 -7.28
C ALA A 157 3.66 -5.79 -7.97
N CYS A 158 3.49 -4.63 -7.34
CA CYS A 158 2.77 -3.53 -7.94
C CYS A 158 3.61 -2.75 -8.95
N PHE A 159 4.92 -2.94 -8.99
CA PHE A 159 5.68 -2.28 -10.05
C PHE A 159 6.82 -3.06 -10.69
N GLN A 160 7.18 -4.26 -10.23
CA GLN A 160 8.33 -4.90 -10.84
C GLN A 160 8.14 -6.41 -10.97
N GLN A 161 8.77 -6.97 -12.00
CA GLN A 161 8.62 -8.35 -12.43
C GLN A 161 9.94 -9.11 -12.27
N TYR A 162 9.86 -10.42 -12.37
CA TYR A 162 11.01 -11.30 -12.23
C TYR A 162 11.38 -11.91 -13.59
N LYS A 163 12.67 -12.15 -13.80
CA LYS A 163 13.11 -12.78 -15.02
C LYS A 163 14.43 -13.50 -14.78
N THR A 164 14.54 -14.73 -15.23
CA THR A 164 15.76 -15.52 -15.11
C THR A 164 16.43 -15.68 -16.46
N LYS A 165 17.76 -15.57 -16.46
CA LYS A 165 18.57 -15.90 -17.62
C LYS A 165 19.55 -16.99 -17.25
N ARG A 166 20.11 -17.62 -18.26
CA ARG A 166 21.07 -18.70 -18.10
C ARG A 166 22.48 -18.16 -18.31
N GLU A 167 23.31 -18.26 -17.28
CA GLU A 167 24.67 -17.75 -17.33
C GLU A 167 25.64 -18.90 -17.15
N GLU A 168 26.69 -18.93 -17.96
CA GLU A 168 27.66 -20.02 -17.91
C GLU A 168 28.56 -19.86 -16.69
N VAL A 169 28.97 -20.98 -16.12
CA VAL A 169 29.82 -20.98 -14.94
C VAL A 169 31.25 -21.31 -15.35
N LYS A 170 32.21 -20.83 -14.57
CA LYS A 170 33.62 -21.01 -14.91
C LYS A 170 34.35 -21.64 -13.72
N PRO A 171 34.99 -22.81 -13.90
CA PRO A 171 35.77 -23.45 -12.84
C PRO A 171 37.10 -22.76 -12.59
N LYS A 196 34.78 -31.12 -18.53
CA LYS A 196 34.92 -31.03 -19.96
C LYS A 196 33.63 -30.56 -20.62
N THR A 197 32.51 -30.83 -19.96
CA THR A 197 31.21 -30.47 -20.49
C THR A 197 30.88 -29.01 -20.20
N LYS A 198 29.90 -28.50 -20.93
CA LYS A 198 29.43 -27.13 -20.77
C LYS A 198 28.31 -27.11 -19.75
N GLU A 199 28.54 -26.47 -18.60
CA GLU A 199 27.56 -26.39 -17.54
C GLU A 199 27.19 -24.93 -17.28
N TYR A 200 25.91 -24.69 -17.05
CA TYR A 200 25.39 -23.36 -16.79
C TYR A 200 24.78 -23.30 -15.40
N LYS A 201 24.33 -22.10 -15.03
CA LYS A 201 23.49 -21.88 -13.87
C LYS A 201 22.48 -20.80 -14.24
N ILE A 202 21.59 -20.47 -13.29
CA ILE A 202 20.46 -19.60 -13.55
C ILE A 202 20.54 -18.39 -12.63
N VAL A 203 20.49 -17.20 -13.21
CA VAL A 203 20.57 -15.96 -12.46
C VAL A 203 19.30 -15.17 -12.73
N GLY A 204 18.60 -14.78 -11.67
CA GLY A 204 17.36 -14.05 -11.78
C GLY A 204 17.53 -12.61 -11.35
N MET A 205 16.68 -11.73 -11.91
CA MET A 205 16.72 -10.32 -11.57
C MET A 205 15.33 -9.73 -11.74
N TYR A 206 15.11 -8.60 -11.09
CA TYR A 206 13.83 -7.89 -11.11
C TYR A 206 13.91 -6.72 -12.07
N SER A 207 13.07 -6.74 -13.09
CA SER A 207 12.96 -5.65 -14.04
C SER A 207 11.70 -4.86 -13.78
N ASP A 208 11.55 -3.74 -14.47
CA ASP A 208 10.44 -2.83 -14.18
C ASP A 208 9.21 -3.21 -14.99
N GLY A 209 8.06 -2.75 -14.52
CA GLY A 209 6.75 -3.04 -15.09
C GLY A 209 5.91 -3.87 -14.13
N ILE A 210 4.60 -3.62 -14.14
CA ILE A 210 3.71 -4.19 -13.12
C ILE A 210 3.56 -5.69 -13.31
N ASN A 211 3.40 -6.42 -12.21
CA ASN A 211 3.21 -7.87 -12.21
C ASN A 211 1.71 -8.12 -12.13
N VAL A 212 1.09 -8.38 -13.28
CA VAL A 212 -0.35 -8.54 -13.29
C VAL A 212 -0.76 -9.95 -12.87
N LEU A 213 0.07 -10.95 -13.17
CA LEU A 213 -0.25 -12.33 -12.80
C LEU A 213 -0.21 -12.52 -11.29
N GLY A 214 0.76 -11.90 -10.62
CA GLY A 214 0.85 -12.05 -9.18
C GLY A 214 -0.30 -11.39 -8.45
N LEU A 215 -0.70 -10.20 -8.91
CA LEU A 215 -1.84 -9.52 -8.31
C LEU A 215 -3.14 -10.25 -8.61
N ILE A 216 -3.28 -10.81 -9.82
CA ILE A 216 -4.50 -11.55 -10.16
C ILE A 216 -4.63 -12.81 -9.32
N VAL A 217 -3.53 -13.55 -9.15
CA VAL A 217 -3.58 -14.80 -8.38
C VAL A 217 -3.80 -14.51 -6.89
N PHE A 218 -3.11 -13.51 -6.35
CA PHE A 218 -3.31 -13.21 -4.93
C PHE A 218 -4.68 -12.62 -4.65
N CYS A 219 -5.24 -11.83 -5.58
CA CYS A 219 -6.57 -11.31 -5.35
C CYS A 219 -7.63 -12.39 -5.52
N LEU A 220 -7.39 -13.38 -6.38
CA LEU A 220 -8.27 -14.55 -6.47
C LEU A 220 -8.30 -15.31 -5.15
N VAL A 221 -7.13 -15.62 -4.59
CA VAL A 221 -7.06 -16.39 -3.34
C VAL A 221 -7.62 -15.57 -2.18
N PHE A 222 -7.34 -14.26 -2.15
CA PHE A 222 -7.84 -13.42 -1.07
C PHE A 222 -9.35 -13.24 -1.13
N GLY A 223 -9.93 -13.09 -2.32
CA GLY A 223 -11.37 -12.99 -2.42
C GLY A 223 -12.08 -14.29 -2.12
N LEU A 224 -11.48 -15.42 -2.50
CA LEU A 224 -12.06 -16.70 -2.12
C LEU A 224 -11.98 -16.93 -0.62
N VAL A 225 -10.95 -16.40 0.03
CA VAL A 225 -10.83 -16.56 1.48
C VAL A 225 -11.85 -15.69 2.21
N ILE A 226 -11.94 -14.40 1.85
CA ILE A 226 -12.86 -13.54 2.57
C ILE A 226 -14.31 -13.74 2.16
N GLY A 227 -14.57 -14.44 1.06
CA GLY A 227 -15.94 -14.74 0.71
C GLY A 227 -16.50 -15.90 1.50
N LYS A 228 -15.60 -16.69 2.09
CA LYS A 228 -15.96 -17.88 2.84
C LYS A 228 -15.87 -17.69 4.35
N MET A 229 -15.47 -16.51 4.81
CA MET A 229 -15.38 -16.27 6.25
C MET A 229 -16.70 -15.84 6.86
N GLY A 230 -17.65 -15.43 6.05
CA GLY A 230 -19.00 -15.16 6.54
C GLY A 230 -19.11 -13.76 7.13
N GLU A 231 -19.51 -13.69 8.41
CA GLU A 231 -19.72 -12.41 9.06
C GLU A 231 -18.41 -11.77 9.49
N LYS A 232 -17.40 -12.57 9.82
CA LYS A 232 -16.12 -12.05 10.29
C LYS A 232 -15.33 -11.33 9.19
N GLY A 233 -15.68 -11.55 7.93
CA GLY A 233 -15.00 -10.89 6.84
C GLY A 233 -15.95 -10.12 5.96
N GLN A 234 -16.91 -9.43 6.57
CA GLN A 234 -17.86 -8.62 5.82
C GLN A 234 -17.40 -7.18 5.68
N ILE A 235 -16.58 -6.69 6.61
CA ILE A 235 -16.05 -5.34 6.49
C ILE A 235 -15.05 -5.25 5.34
N LEU A 236 -14.30 -6.33 5.08
CA LEU A 236 -13.40 -6.35 3.94
C LEU A 236 -14.16 -6.35 2.62
N VAL A 237 -15.26 -7.11 2.55
CA VAL A 237 -16.07 -7.16 1.34
C VAL A 237 -16.73 -5.82 1.08
N ASP A 238 -17.21 -5.16 2.13
CA ASP A 238 -17.81 -3.83 1.96
C ASP A 238 -16.76 -2.79 1.57
N PHE A 239 -15.56 -2.88 2.14
CA PHE A 239 -14.48 -1.96 1.80
C PHE A 239 -14.08 -2.09 0.35
N PHE A 240 -13.91 -3.33 -0.13
CA PHE A 240 -13.50 -3.49 -1.52
C PHE A 240 -14.63 -3.23 -2.50
N ASN A 241 -15.89 -3.40 -2.08
CA ASN A 241 -17.02 -3.00 -2.91
C ASN A 241 -17.05 -1.50 -3.12
N ALA A 242 -16.88 -0.73 -2.04
CA ALA A 242 -16.86 0.71 -2.17
C ALA A 242 -15.64 1.19 -2.94
N LEU A 243 -14.50 0.50 -2.79
CA LEU A 243 -13.31 0.84 -3.56
C LEU A 243 -13.51 0.56 -5.04
N SER A 244 -14.24 -0.51 -5.38
CA SER A 244 -14.51 -0.81 -6.78
C SER A 244 -15.45 0.22 -7.40
N ASP A 245 -16.44 0.67 -6.65
CA ASP A 245 -17.35 1.69 -7.19
C ASP A 245 -16.62 3.02 -7.40
N ALA A 246 -15.75 3.41 -6.48
CA ALA A 246 -14.98 4.64 -6.64
C ALA A 246 -14.02 4.53 -7.83
N THR A 247 -13.43 3.36 -8.03
CA THR A 247 -12.52 3.18 -9.15
C THR A 247 -13.25 3.23 -10.49
N MET A 248 -14.47 2.69 -10.55
CA MET A 248 -15.22 2.78 -11.81
C MET A 248 -15.66 4.22 -12.10
N LYS A 249 -15.94 5.02 -11.05
CA LYS A 249 -16.24 6.42 -11.30
C LYS A 249 -15.03 7.19 -11.81
N ILE A 250 -13.83 6.89 -11.29
CA ILE A 250 -12.64 7.57 -11.80
C ILE A 250 -12.32 7.12 -13.22
N VAL A 251 -12.62 5.86 -13.57
CA VAL A 251 -12.45 5.40 -14.94
C VAL A 251 -13.41 6.10 -15.87
N GLN A 252 -14.63 6.40 -15.40
CA GLN A 252 -15.56 7.20 -16.21
C GLN A 252 -15.08 8.63 -16.42
N ILE A 253 -14.40 9.21 -15.43
CA ILE A 253 -13.82 10.55 -15.61
C ILE A 253 -12.70 10.53 -16.66
N ILE A 254 -11.83 9.52 -16.60
CA ILE A 254 -10.75 9.38 -17.57
C ILE A 254 -11.31 9.17 -18.97
N MET A 255 -12.37 8.37 -19.10
CA MET A 255 -13.02 8.19 -20.39
C MET A 255 -13.73 9.44 -20.88
N CYS A 256 -14.12 10.34 -19.97
CA CYS A 256 -14.61 11.63 -20.44
C CYS A 256 -13.48 12.50 -20.98
N TYR A 257 -12.26 12.34 -20.45
CA TYR A 257 -11.13 13.07 -21.04
C TYR A 257 -10.70 12.49 -22.37
N MET A 258 -10.83 11.16 -22.53
CA MET A 258 -10.20 10.37 -23.60
C MET A 258 -10.22 10.90 -25.05
N PRO A 259 -11.29 11.51 -25.59
CA PRO A 259 -11.26 11.86 -27.02
C PRO A 259 -10.25 12.94 -27.42
N LEU A 260 -9.91 13.87 -26.53
CA LEU A 260 -8.83 14.81 -26.84
C LEU A 260 -7.49 14.09 -26.96
N GLY A 261 -7.24 13.13 -26.07
CA GLY A 261 -6.03 12.35 -26.14
C GLY A 261 -5.93 11.52 -27.39
N ILE A 262 -7.02 10.85 -27.78
CA ILE A 262 -6.94 10.05 -29.00
C ILE A 262 -6.94 10.91 -30.25
N LEU A 263 -7.44 12.16 -30.19
CA LEU A 263 -7.31 13.08 -31.31
C LEU A 263 -5.85 13.41 -31.56
N PHE A 264 -5.13 13.81 -30.51
CA PHE A 264 -3.72 14.16 -30.71
C PHE A 264 -2.87 12.94 -30.98
N LEU A 265 -3.25 11.77 -30.46
CA LEU A 265 -2.52 10.54 -30.77
C LEU A 265 -2.70 10.13 -32.23
N ILE A 266 -3.90 10.25 -32.78
CA ILE A 266 -4.14 9.86 -34.16
C ILE A 266 -3.48 10.84 -35.12
N ALA A 267 -3.49 12.14 -34.77
CA ALA A 267 -2.76 13.12 -35.57
C ALA A 267 -1.25 12.84 -35.56
N GLY A 268 -0.70 12.50 -34.39
CA GLY A 268 0.71 12.16 -34.32
C GLY A 268 1.06 10.85 -35.00
N LYS A 269 0.09 9.93 -35.10
CA LYS A 269 0.32 8.70 -35.86
C LYS A 269 0.39 9.00 -37.35
N ILE A 270 -0.60 9.72 -37.88
CA ILE A 270 -0.62 9.89 -39.34
C ILE A 270 0.28 10.99 -39.85
N ILE A 271 0.89 11.78 -38.96
CA ILE A 271 1.94 12.69 -39.40
C ILE A 271 3.18 11.89 -39.84
N GLU A 272 3.60 10.94 -39.02
CA GLU A 272 4.83 10.20 -39.31
C GLU A 272 4.65 9.09 -40.33
N VAL A 273 3.42 8.78 -40.72
CA VAL A 273 3.16 7.74 -41.71
C VAL A 273 3.37 8.33 -43.10
N GLU A 274 4.16 7.64 -43.92
CA GLU A 274 4.44 8.08 -45.28
C GLU A 274 3.75 7.23 -46.35
N ASP A 275 3.58 5.94 -46.11
CA ASP A 275 2.94 5.05 -47.06
C ASP A 275 1.59 4.56 -46.53
N TRP A 276 0.68 4.26 -47.45
CA TRP A 276 -0.67 3.82 -47.08
C TRP A 276 -0.67 2.31 -46.85
N GLU A 277 0.00 1.93 -45.76
CA GLU A 277 0.18 0.53 -45.39
C GLU A 277 -0.57 0.13 -44.14
N ILE A 278 -0.72 1.02 -43.16
CA ILE A 278 -1.35 0.63 -41.91
C ILE A 278 -2.87 0.56 -42.05
N PHE A 279 -3.43 1.12 -43.11
CA PHE A 279 -4.86 0.93 -43.36
C PHE A 279 -5.14 -0.50 -43.80
N ARG A 280 -4.21 -1.12 -44.54
CA ARG A 280 -4.32 -2.52 -44.89
C ARG A 280 -4.22 -3.41 -43.65
N LYS A 281 -3.35 -3.05 -42.71
CA LYS A 281 -3.21 -3.82 -41.49
C LYS A 281 -4.42 -3.67 -40.59
N LEU A 282 -5.05 -2.49 -40.57
CA LEU A 282 -6.28 -2.34 -39.80
C LEU A 282 -7.43 -3.12 -40.43
N GLY A 283 -7.48 -3.16 -41.77
CA GLY A 283 -8.47 -3.98 -42.44
C GLY A 283 -8.31 -5.46 -42.16
N LEU A 284 -7.06 -5.93 -42.15
CA LEU A 284 -6.81 -7.34 -41.82
C LEU A 284 -7.09 -7.63 -40.36
N TYR A 285 -6.88 -6.67 -39.46
CA TYR A 285 -7.21 -6.88 -38.05
C TYR A 285 -8.72 -6.98 -37.85
N MET A 286 -9.48 -6.10 -38.49
CA MET A 286 -10.94 -6.19 -38.41
C MET A 286 -11.45 -7.48 -39.03
N ALA A 287 -10.84 -7.92 -40.13
CA ALA A 287 -11.24 -9.19 -40.72
C ALA A 287 -10.90 -10.38 -39.83
N THR A 288 -9.79 -10.30 -39.09
CA THR A 288 -9.43 -11.37 -38.16
C THR A 288 -10.40 -11.46 -36.99
N VAL A 289 -10.77 -10.32 -36.40
CA VAL A 289 -11.74 -10.32 -35.30
C VAL A 289 -13.10 -10.81 -35.80
N LEU A 290 -13.49 -10.39 -37.00
CA LEU A 290 -14.79 -10.79 -37.52
C LEU A 290 -14.84 -12.27 -37.89
N THR A 291 -13.75 -12.83 -38.41
CA THR A 291 -13.80 -14.27 -38.70
C THR A 291 -13.64 -15.08 -37.42
N GLY A 292 -13.04 -14.52 -36.37
CA GLY A 292 -13.01 -15.20 -35.09
C GLY A 292 -14.39 -15.30 -34.48
N LEU A 293 -15.13 -14.19 -34.47
CA LEU A 293 -16.50 -14.23 -33.97
C LEU A 293 -17.40 -15.07 -34.87
N ALA A 294 -17.13 -15.10 -36.18
CA ALA A 294 -17.94 -15.88 -37.09
C ALA A 294 -17.77 -17.38 -36.88
N ILE A 295 -16.52 -17.86 -36.78
CA ILE A 295 -16.34 -19.29 -36.56
C ILE A 295 -16.41 -19.67 -35.09
N HIS A 296 -16.61 -18.70 -34.19
CA HIS A 296 -16.95 -19.05 -32.81
C HIS A 296 -18.45 -19.14 -32.58
N SER A 297 -19.25 -18.32 -33.24
CA SER A 297 -20.69 -18.39 -33.04
C SER A 297 -21.38 -19.44 -33.91
N ILE A 298 -20.74 -19.86 -35.00
CA ILE A 298 -21.40 -20.78 -35.94
C ILE A 298 -20.91 -22.21 -35.73
N VAL A 299 -19.61 -22.41 -35.54
CA VAL A 299 -19.08 -23.76 -35.49
C VAL A 299 -18.94 -24.28 -34.06
N ILE A 300 -18.28 -23.51 -33.20
CA ILE A 300 -17.83 -24.05 -31.91
C ILE A 300 -18.98 -24.19 -30.91
N LEU A 301 -19.78 -23.14 -30.75
CA LEU A 301 -20.84 -23.19 -29.75
C LEU A 301 -22.00 -24.13 -30.14
N PRO A 302 -22.44 -24.21 -31.41
CA PRO A 302 -23.34 -25.32 -31.77
C PRO A 302 -22.69 -26.70 -31.67
N LEU A 303 -21.37 -26.81 -31.81
CA LEU A 303 -20.74 -28.10 -31.56
C LEU A 303 -20.83 -28.50 -30.10
N ILE A 304 -20.64 -27.55 -29.17
CA ILE A 304 -20.76 -27.85 -27.75
C ILE A 304 -22.21 -28.20 -27.40
N TYR A 305 -23.17 -27.47 -27.99
CA TYR A 305 -24.58 -27.80 -27.78
C TYR A 305 -24.94 -29.15 -28.40
N PHE A 306 -24.24 -29.59 -29.44
CA PHE A 306 -24.56 -30.89 -30.00
C PHE A 306 -23.91 -32.04 -29.25
N ILE A 307 -22.73 -31.81 -28.66
CA ILE A 307 -22.13 -32.85 -27.82
C ILE A 307 -22.93 -33.02 -26.52
N VAL A 308 -23.26 -31.92 -25.86
CA VAL A 308 -23.89 -32.02 -24.54
C VAL A 308 -25.37 -32.37 -24.68
N VAL A 309 -26.13 -31.56 -25.42
CA VAL A 309 -27.58 -31.67 -25.37
C VAL A 309 -28.09 -32.69 -26.38
N ARG A 310 -27.36 -32.89 -27.49
CA ARG A 310 -27.70 -33.81 -28.59
C ARG A 310 -29.06 -33.50 -29.22
N LYS A 311 -29.41 -32.23 -29.28
CA LYS A 311 -30.55 -31.73 -30.05
C LYS A 311 -30.02 -30.90 -31.21
N ASN A 312 -30.93 -30.27 -31.95
CA ASN A 312 -30.53 -29.44 -33.07
C ASN A 312 -30.21 -28.03 -32.59
N PRO A 313 -28.96 -27.56 -32.72
CA PRO A 313 -28.63 -26.23 -32.22
C PRO A 313 -29.12 -25.08 -33.08
N PHE A 314 -29.38 -25.33 -34.37
CA PHE A 314 -29.74 -24.23 -35.25
C PHE A 314 -31.17 -23.77 -35.07
N ARG A 315 -32.08 -24.69 -34.69
CA ARG A 315 -33.41 -24.26 -34.28
C ARG A 315 -33.36 -23.47 -32.98
N PHE A 316 -32.44 -23.82 -32.09
CA PHE A 316 -32.23 -23.06 -30.86
C PHE A 316 -31.71 -21.67 -31.18
N ALA A 317 -30.80 -21.56 -32.16
CA ALA A 317 -30.30 -20.24 -32.56
C ALA A 317 -31.36 -19.43 -33.28
N MET A 318 -32.24 -20.07 -34.04
CA MET A 318 -33.35 -19.37 -34.68
C MET A 318 -34.41 -18.94 -33.68
N GLY A 319 -34.51 -19.64 -32.54
CA GLY A 319 -35.44 -19.22 -31.51
C GLY A 319 -35.04 -17.93 -30.80
N MET A 320 -33.76 -17.58 -30.81
CA MET A 320 -33.25 -16.39 -30.13
C MET A 320 -32.95 -15.25 -31.10
N ALA A 321 -33.77 -15.06 -32.12
CA ALA A 321 -33.47 -14.08 -33.15
C ALA A 321 -33.65 -12.66 -32.65
N GLN A 322 -34.70 -12.42 -31.86
CA GLN A 322 -34.98 -11.05 -31.41
C GLN A 322 -33.97 -10.58 -30.38
N ALA A 323 -33.41 -11.50 -29.59
CA ALA A 323 -32.37 -11.12 -28.63
C ALA A 323 -31.10 -10.68 -29.34
N LEU A 324 -30.70 -11.41 -30.39
CA LEU A 324 -29.53 -11.01 -31.16
C LEU A 324 -29.78 -9.74 -31.97
N LEU A 325 -31.01 -9.55 -32.44
CA LEU A 325 -31.34 -8.30 -33.13
C LEU A 325 -31.30 -7.11 -32.18
N THR A 326 -31.76 -7.29 -30.95
CA THR A 326 -31.68 -6.23 -29.96
C THR A 326 -30.23 -5.95 -29.57
N ALA A 327 -29.42 -7.01 -29.42
CA ALA A 327 -28.00 -6.82 -29.10
C ALA A 327 -27.22 -6.22 -30.27
N LEU A 328 -27.71 -6.35 -31.49
CA LEU A 328 -27.16 -5.56 -32.59
C LEU A 328 -27.62 -4.10 -32.51
N MET A 329 -28.86 -3.88 -32.10
CA MET A 329 -29.39 -2.51 -32.08
C MET A 329 -28.80 -1.71 -30.93
N ILE A 330 -29.08 -2.12 -29.68
CA ILE A 330 -28.40 -1.54 -28.53
C ILE A 330 -27.22 -2.43 -28.18
N SER A 331 -26.13 -1.82 -27.73
CA SER A 331 -24.86 -2.53 -27.57
C SER A 331 -24.55 -2.86 -26.13
N SER A 332 -25.53 -3.33 -25.38
CA SER A 332 -25.29 -3.78 -24.01
C SER A 332 -25.86 -5.17 -23.82
N SER A 333 -25.11 -6.01 -23.11
CA SER A 333 -25.58 -7.36 -22.81
C SER A 333 -26.48 -7.41 -21.59
N SER A 334 -26.46 -6.38 -20.75
CA SER A 334 -27.33 -6.30 -19.59
C SER A 334 -28.66 -5.60 -19.90
N ALA A 335 -28.69 -4.75 -20.92
CA ALA A 335 -29.93 -4.11 -21.34
C ALA A 335 -30.71 -4.95 -22.33
N THR A 336 -30.10 -6.01 -22.87
CA THR A 336 -30.77 -6.96 -23.75
C THR A 336 -31.43 -8.08 -22.93
N LEU A 337 -31.22 -8.06 -21.62
CA LEU A 337 -31.62 -9.15 -20.74
C LEU A 337 -33.12 -9.49 -20.70
N PRO A 338 -34.09 -8.56 -20.66
CA PRO A 338 -35.49 -9.02 -20.67
C PRO A 338 -35.91 -9.66 -21.98
N VAL A 339 -35.30 -9.24 -23.08
CA VAL A 339 -35.62 -9.85 -24.37
C VAL A 339 -35.09 -11.28 -24.43
N THR A 340 -33.91 -11.55 -23.89
CA THR A 340 -33.43 -12.93 -23.93
C THR A 340 -34.11 -13.80 -22.88
N PHE A 341 -34.59 -13.21 -21.77
CA PHE A 341 -35.52 -13.93 -20.89
C PHE A 341 -36.78 -14.36 -21.64
N ARG A 342 -37.37 -13.44 -22.42
CA ARG A 342 -38.59 -13.76 -23.14
C ARG A 342 -38.35 -14.78 -24.25
N CYS A 343 -37.22 -14.65 -24.97
CA CYS A 343 -36.95 -15.56 -26.07
C CYS A 343 -36.50 -16.94 -25.60
N ALA A 344 -35.91 -17.05 -24.41
CA ALA A 344 -35.53 -18.37 -23.93
C ALA A 344 -36.65 -19.04 -23.14
N GLU A 345 -37.54 -18.24 -22.55
CA GLU A 345 -38.59 -18.80 -21.71
C GLU A 345 -39.80 -19.26 -22.51
N GLU A 346 -40.33 -18.43 -23.39
CA GLU A 346 -41.60 -18.74 -24.04
C GLU A 346 -41.45 -19.23 -25.48
N ASN A 347 -40.32 -18.96 -26.14
CA ASN A 347 -40.07 -19.50 -27.47
C ASN A 347 -39.34 -20.84 -27.41
N ASN A 348 -38.28 -20.91 -26.64
CA ASN A 348 -37.59 -22.16 -26.35
C ASN A 348 -38.18 -22.75 -25.07
N GLN A 349 -38.07 -24.05 -24.91
CA GLN A 349 -38.65 -24.75 -23.76
C GLN A 349 -37.59 -24.88 -22.67
N VAL A 350 -37.20 -23.74 -22.09
CA VAL A 350 -36.23 -23.69 -21.02
C VAL A 350 -36.96 -23.29 -19.74
N ASP A 351 -36.70 -24.01 -18.66
CA ASP A 351 -37.37 -23.75 -17.40
C ASP A 351 -36.91 -22.41 -16.82
N LYS A 352 -37.80 -21.78 -16.04
CA LYS A 352 -37.51 -20.47 -15.48
C LYS A 352 -36.55 -20.52 -14.32
N ARG A 353 -36.55 -21.61 -13.54
CA ARG A 353 -35.74 -21.70 -12.33
C ARG A 353 -34.25 -21.74 -12.64
N ILE A 354 -33.88 -22.23 -13.81
CA ILE A 354 -32.49 -22.22 -14.22
C ILE A 354 -32.12 -20.93 -14.94
N THR A 355 -33.08 -20.35 -15.66
CA THR A 355 -32.85 -19.12 -16.40
C THR A 355 -32.60 -17.96 -15.46
N ARG A 356 -33.31 -17.94 -14.31
CA ARG A 356 -33.17 -16.88 -13.32
C ARG A 356 -31.76 -16.78 -12.75
N PHE A 357 -31.01 -17.89 -12.76
CA PHE A 357 -29.63 -17.84 -12.34
C PHE A 357 -28.66 -17.69 -13.50
N VAL A 358 -28.88 -18.38 -14.62
CA VAL A 358 -27.87 -18.43 -15.67
C VAL A 358 -27.80 -17.10 -16.42
N LEU A 359 -28.94 -16.47 -16.69
CA LEU A 359 -28.91 -15.28 -17.53
C LEU A 359 -28.36 -14.03 -16.83
N PRO A 360 -28.80 -13.62 -15.62
CA PRO A 360 -28.24 -12.38 -15.07
C PRO A 360 -26.81 -12.52 -14.56
N VAL A 361 -26.37 -13.74 -14.24
CA VAL A 361 -24.98 -13.92 -13.85
C VAL A 361 -24.09 -14.06 -15.08
N GLY A 362 -24.59 -14.74 -16.10
CA GLY A 362 -23.87 -14.85 -17.36
C GLY A 362 -23.90 -13.64 -18.24
N ALA A 363 -24.64 -12.60 -17.86
CA ALA A 363 -24.53 -11.35 -18.59
C ALA A 363 -23.33 -10.52 -18.18
N THR A 364 -22.61 -10.89 -17.12
CA THR A 364 -21.51 -10.08 -16.61
C THR A 364 -20.18 -10.79 -16.53
N ILE A 365 -20.15 -12.11 -16.37
CA ILE A 365 -18.88 -12.84 -16.31
C ILE A 365 -18.68 -13.78 -17.48
N ASN A 366 -19.66 -13.96 -18.35
CA ASN A 366 -19.50 -14.77 -19.55
C ASN A 366 -19.41 -13.82 -20.73
N MET A 367 -18.18 -13.49 -21.13
CA MET A 367 -17.95 -12.62 -22.27
C MET A 367 -16.91 -13.29 -23.16
N ASP A 368 -17.37 -13.98 -24.20
CA ASP A 368 -16.48 -14.68 -25.11
C ASP A 368 -15.93 -13.75 -26.17
N GLY A 369 -16.78 -12.87 -26.71
CA GLY A 369 -16.35 -12.00 -27.79
C GLY A 369 -15.34 -10.96 -27.35
N THR A 370 -15.49 -10.45 -26.13
CA THR A 370 -14.52 -9.51 -25.59
C THR A 370 -13.18 -10.17 -25.32
N ALA A 371 -13.21 -11.44 -24.90
CA ALA A 371 -11.97 -12.16 -24.64
C ALA A 371 -11.21 -12.47 -25.93
N LEU A 372 -11.94 -12.92 -26.96
CA LEU A 372 -11.33 -13.15 -28.27
C LEU A 372 -10.77 -11.85 -28.84
N TYR A 373 -11.52 -10.76 -28.71
CA TYR A 373 -11.08 -9.43 -29.11
C TYR A 373 -9.80 -9.00 -28.42
N GLU A 374 -9.71 -9.20 -27.11
CA GLU A 374 -8.52 -8.73 -26.38
C GLU A 374 -7.31 -9.58 -26.70
N ALA A 375 -7.48 -10.88 -26.91
CA ALA A 375 -6.34 -11.71 -27.32
C ALA A 375 -5.85 -11.34 -28.71
N VAL A 376 -6.76 -11.18 -29.67
CA VAL A 376 -6.39 -10.83 -31.04
C VAL A 376 -5.75 -9.44 -31.09
N ALA A 377 -6.29 -8.50 -30.32
CA ALA A 377 -5.74 -7.15 -30.33
C ALA A 377 -4.38 -7.07 -29.65
N ALA A 378 -4.14 -7.87 -28.61
CA ALA A 378 -2.84 -7.85 -27.96
C ALA A 378 -1.76 -8.44 -28.86
N VAL A 379 -2.06 -9.55 -29.54
CA VAL A 379 -1.06 -10.09 -30.44
C VAL A 379 -0.92 -9.22 -31.70
N PHE A 380 -1.94 -8.47 -32.08
CA PHE A 380 -1.81 -7.55 -33.20
C PHE A 380 -0.92 -6.36 -32.86
N ILE A 381 -1.05 -5.82 -31.65
CA ILE A 381 -0.13 -4.76 -31.21
C ILE A 381 1.29 -5.30 -31.06
N ALA A 382 1.43 -6.57 -30.64
CA ALA A 382 2.77 -7.15 -30.55
C ALA A 382 3.40 -7.36 -31.91
N GLN A 383 2.62 -7.73 -32.92
CA GLN A 383 3.15 -7.90 -34.26
C GLN A 383 3.35 -6.58 -34.98
N LEU A 384 2.65 -5.52 -34.57
CA LEU A 384 2.77 -4.23 -35.24
C LEU A 384 4.07 -3.54 -34.87
N ASN A 385 4.62 -3.82 -33.69
CA ASN A 385 5.86 -3.23 -33.22
C ASN A 385 7.08 -4.10 -33.52
N ASP A 386 6.94 -5.05 -34.46
CA ASP A 386 8.02 -5.90 -34.96
C ASP A 386 8.68 -6.74 -33.88
N LEU A 387 7.92 -7.13 -32.86
CA LEU A 387 8.41 -8.02 -31.82
C LEU A 387 7.99 -9.45 -32.12
N ASP A 388 8.41 -10.36 -31.26
CA ASP A 388 7.99 -11.76 -31.32
C ASP A 388 7.57 -12.23 -29.94
N LEU A 389 6.37 -12.78 -29.84
CA LEU A 389 5.89 -13.29 -28.58
C LEU A 389 6.35 -14.74 -28.40
N GLY A 390 6.80 -15.06 -27.19
CA GLY A 390 7.25 -16.41 -26.90
C GLY A 390 6.11 -17.34 -26.55
N ILE A 391 6.34 -18.25 -25.62
CA ILE A 391 5.29 -19.14 -25.15
C ILE A 391 5.00 -18.75 -23.70
N GLY A 392 5.75 -17.77 -23.18
CA GLY A 392 5.40 -17.20 -21.90
C GLY A 392 4.46 -16.03 -22.03
N GLN A 393 4.68 -15.18 -23.03
CA GLN A 393 3.85 -14.02 -23.22
C GLN A 393 2.49 -14.38 -23.80
N ILE A 394 2.41 -15.47 -24.56
CA ILE A 394 1.12 -15.91 -25.09
C ILE A 394 0.25 -16.49 -23.99
N ILE A 395 0.86 -17.22 -23.05
CA ILE A 395 0.08 -17.72 -21.91
C ILE A 395 -0.26 -16.59 -20.94
N THR A 396 0.59 -15.55 -20.85
CA THR A 396 0.21 -14.39 -20.03
C THR A 396 -0.94 -13.62 -20.65
N ILE A 397 -0.98 -13.52 -21.98
CA ILE A 397 -2.11 -12.91 -22.68
C ILE A 397 -3.37 -13.76 -22.48
N SER A 398 -3.24 -15.08 -22.58
CA SER A 398 -4.39 -15.96 -22.47
C SER A 398 -4.90 -16.10 -21.04
N ILE A 399 -4.10 -15.81 -20.04
CA ILE A 399 -4.60 -15.82 -18.66
C ILE A 399 -5.15 -14.45 -18.27
N THR A 400 -4.51 -13.37 -18.72
CA THR A 400 -4.99 -12.03 -18.39
C THR A 400 -6.31 -11.72 -19.09
N ALA A 401 -6.52 -12.23 -20.31
CA ALA A 401 -7.76 -11.94 -21.02
C ALA A 401 -8.90 -12.82 -20.56
N THR A 402 -8.62 -14.04 -20.12
CA THR A 402 -9.67 -14.91 -19.59
C THR A 402 -10.21 -14.39 -18.27
N SER A 403 -9.32 -14.05 -17.34
CA SER A 403 -9.70 -13.61 -16.00
C SER A 403 -9.89 -12.12 -15.92
N ALA A 404 -10.30 -11.47 -17.00
CA ALA A 404 -10.69 -10.07 -16.97
C ALA A 404 -12.18 -9.87 -17.13
N SER A 405 -12.94 -10.95 -17.36
CA SER A 405 -14.38 -10.86 -17.27
C SER A 405 -14.82 -10.63 -15.83
N ILE A 406 -14.12 -11.27 -14.89
CA ILE A 406 -14.31 -10.97 -13.47
C ILE A 406 -13.82 -9.56 -13.16
N GLY A 407 -12.64 -9.21 -13.66
CA GLY A 407 -11.96 -7.98 -13.29
C GLY A 407 -12.20 -6.78 -14.18
N ALA A 408 -13.44 -6.62 -14.65
CA ALA A 408 -13.89 -5.41 -15.31
C ALA A 408 -15.14 -4.84 -14.67
N ALA A 409 -15.64 -5.47 -13.60
CA ALA A 409 -16.74 -5.02 -12.75
C ALA A 409 -18.08 -4.91 -13.48
N GLY A 410 -18.20 -5.52 -14.66
CA GLY A 410 -19.45 -5.54 -15.39
C GLY A 410 -19.90 -4.17 -15.89
N VAL A 411 -18.97 -3.38 -16.42
CA VAL A 411 -19.27 -2.03 -16.85
C VAL A 411 -18.94 -1.91 -18.34
N PRO A 412 -19.82 -1.34 -19.16
CA PRO A 412 -19.50 -1.19 -20.58
C PRO A 412 -18.39 -0.19 -20.85
N GLN A 413 -18.25 0.85 -20.04
CA GLN A 413 -17.26 1.90 -20.30
C GLN A 413 -15.94 1.61 -19.58
N ALA A 414 -15.46 0.37 -19.71
CA ALA A 414 -14.20 -0.01 -19.07
C ALA A 414 -13.36 -0.92 -19.95
N GLY A 415 -13.87 -1.33 -21.12
CA GLY A 415 -13.18 -2.31 -21.94
C GLY A 415 -11.84 -1.82 -22.46
N LEU A 416 -11.74 -0.52 -22.74
CA LEU A 416 -10.47 0.08 -23.12
C LEU A 416 -9.42 -0.10 -22.04
N VAL A 417 -9.82 0.01 -20.77
CA VAL A 417 -8.88 -0.16 -19.67
C VAL A 417 -8.40 -1.60 -19.62
N THR A 418 -9.26 -2.55 -20.00
CA THR A 418 -8.83 -3.94 -20.07
C THR A 418 -7.79 -4.14 -21.16
N MET A 419 -7.92 -3.41 -22.26
CA MET A 419 -6.89 -3.45 -23.30
C MET A 419 -5.59 -2.82 -22.84
N VAL A 420 -5.61 -1.99 -21.80
CA VAL A 420 -4.35 -1.50 -21.27
C VAL A 420 -3.78 -2.50 -20.28
N ILE A 421 -4.61 -3.37 -19.71
CA ILE A 421 -4.09 -4.34 -18.75
C ILE A 421 -3.34 -5.45 -19.47
N VAL A 422 -3.93 -6.02 -20.53
CA VAL A 422 -3.32 -7.09 -21.28
C VAL A 422 -2.02 -6.64 -21.92
N LEU A 423 -2.02 -5.44 -22.51
CA LEU A 423 -0.81 -4.88 -23.09
C LEU A 423 0.22 -4.52 -22.03
N SER A 424 -0.20 -4.34 -20.78
CA SER A 424 0.77 -4.16 -19.73
C SER A 424 1.02 -5.43 -18.94
N ALA A 425 0.38 -6.54 -19.31
CA ALA A 425 0.68 -7.80 -18.67
C ALA A 425 1.89 -8.47 -19.28
N VAL A 426 2.21 -8.15 -20.53
CA VAL A 426 3.35 -8.73 -21.22
C VAL A 426 4.46 -7.73 -21.49
N GLY A 427 4.17 -6.43 -21.45
CA GLY A 427 5.19 -5.42 -21.64
C GLY A 427 5.18 -4.73 -22.96
N LEU A 428 4.10 -4.60 -23.58
CA LEU A 428 4.03 -3.97 -24.89
C LEU A 428 3.80 -2.47 -24.73
N PRO A 429 4.21 -1.66 -25.71
CA PRO A 429 3.89 -0.23 -25.67
C PRO A 429 2.41 0.00 -25.89
N ALA A 430 1.77 0.63 -24.90
CA ALA A 430 0.33 0.85 -24.91
C ALA A 430 -0.08 1.98 -25.85
N GLU A 431 0.86 2.74 -26.39
CA GLU A 431 0.52 3.91 -27.19
C GLU A 431 0.03 3.56 -28.59
N ASP A 432 0.00 2.28 -28.95
CA ASP A 432 -0.65 1.81 -30.16
C ASP A 432 -2.09 1.39 -29.92
N VAL A 433 -2.57 1.49 -28.67
CA VAL A 433 -3.99 1.32 -28.35
C VAL A 433 -4.89 2.25 -29.15
N THR A 434 -4.39 3.43 -29.53
CA THR A 434 -5.16 4.36 -30.35
C THR A 434 -5.43 3.86 -31.75
N LEU A 435 -4.77 2.77 -32.18
CA LEU A 435 -5.12 2.19 -33.47
C LEU A 435 -6.28 1.21 -33.35
N ILE A 436 -6.73 0.91 -32.15
CA ILE A 436 -7.84 -0.02 -31.93
C ILE A 436 -9.12 0.71 -31.57
N ILE A 437 -9.01 1.83 -30.85
CA ILE A 437 -10.18 2.65 -30.52
C ILE A 437 -10.80 3.29 -31.75
N ALA A 438 -10.04 3.45 -32.82
CA ALA A 438 -10.57 4.00 -34.06
C ALA A 438 -11.59 3.08 -34.71
N VAL A 439 -11.45 1.77 -34.52
CA VAL A 439 -12.31 0.78 -35.17
C VAL A 439 -13.15 -0.01 -34.16
N ASP A 440 -13.17 0.41 -32.90
CA ASP A 440 -13.86 -0.35 -31.86
C ASP A 440 -15.38 -0.29 -32.00
N TRP A 441 -15.92 0.84 -32.45
CA TRP A 441 -17.36 1.01 -32.60
C TRP A 441 -17.93 0.24 -33.79
N LEU A 442 -17.08 -0.36 -34.62
CA LEU A 442 -17.56 -1.26 -35.67
C LEU A 442 -17.75 -2.69 -35.18
N LEU A 443 -16.98 -3.10 -34.18
CA LEU A 443 -16.98 -4.49 -33.71
C LEU A 443 -17.67 -4.66 -32.37
N ASP A 444 -18.03 -3.57 -31.68
CA ASP A 444 -18.67 -3.65 -30.37
C ASP A 444 -20.02 -4.37 -30.43
N ARG A 445 -20.81 -4.13 -31.48
CA ARG A 445 -22.11 -4.75 -31.59
C ARG A 445 -22.00 -6.25 -31.87
N PHE A 446 -21.03 -6.65 -32.70
CA PHE A 446 -20.83 -8.06 -32.95
C PHE A 446 -20.30 -8.79 -31.72
N ARG A 447 -19.46 -8.12 -30.93
CA ARG A 447 -19.02 -8.71 -29.66
C ARG A 447 -20.19 -8.90 -28.70
N THR A 448 -21.11 -7.95 -28.66
CA THR A 448 -22.31 -8.09 -27.83
C THR A 448 -23.17 -9.25 -28.30
N MET A 449 -23.30 -9.44 -29.62
CA MET A 449 -24.06 -10.56 -30.15
C MET A 449 -23.44 -11.90 -29.78
N VAL A 450 -22.11 -12.00 -29.82
CA VAL A 450 -21.46 -13.26 -29.46
C VAL A 450 -21.59 -13.55 -27.97
N ASN A 451 -21.52 -12.52 -27.12
CA ASN A 451 -21.72 -12.72 -25.68
C ASN A 451 -23.12 -13.24 -25.37
N VAL A 452 -24.14 -12.59 -25.98
CA VAL A 452 -25.53 -12.95 -25.74
C VAL A 452 -25.83 -14.34 -26.26
N LEU A 453 -25.26 -14.71 -27.42
CA LEU A 453 -25.41 -16.07 -27.93
C LEU A 453 -24.75 -17.09 -27.03
N GLY A 454 -23.65 -16.69 -26.37
CA GLY A 454 -23.00 -17.58 -25.42
C GLY A 454 -23.87 -17.95 -24.24
N ASP A 455 -24.42 -16.96 -23.55
CA ASP A 455 -25.24 -17.36 -22.39
C ASP A 455 -26.62 -17.88 -22.79
N ALA A 456 -27.10 -17.53 -23.99
CA ALA A 456 -28.34 -18.12 -24.50
C ALA A 456 -28.19 -19.61 -24.76
N PHE A 457 -27.06 -20.02 -25.35
CA PHE A 457 -26.78 -21.45 -25.46
C PHE A 457 -26.51 -22.08 -24.09
N GLY A 458 -25.98 -21.28 -23.15
CA GLY A 458 -25.65 -21.81 -21.84
C GLY A 458 -26.83 -22.25 -21.02
N THR A 459 -27.96 -21.55 -21.16
CA THR A 459 -29.20 -21.98 -20.48
C THR A 459 -29.59 -23.39 -20.87
N GLY A 460 -29.63 -23.68 -22.17
CA GLY A 460 -30.03 -25.01 -22.62
C GLY A 460 -29.02 -26.07 -22.28
N ILE A 461 -27.72 -25.73 -22.33
CA ILE A 461 -26.69 -26.71 -22.02
C ILE A 461 -26.72 -27.09 -20.54
N VAL A 462 -26.84 -26.11 -19.64
CA VAL A 462 -26.94 -26.41 -18.22
C VAL A 462 -28.26 -27.10 -17.88
N GLU A 463 -29.33 -26.82 -18.63
CA GLU A 463 -30.61 -27.51 -18.38
C GLU A 463 -30.54 -29.00 -18.73
N LYS A 464 -29.99 -29.32 -19.90
CA LYS A 464 -29.88 -30.73 -20.26
C LYS A 464 -28.80 -31.44 -19.45
N LEU A 465 -27.82 -30.68 -18.92
CA LEU A 465 -26.75 -31.31 -18.15
C LEU A 465 -27.23 -31.86 -16.81
N SER A 466 -28.10 -31.12 -16.11
CA SER A 466 -28.56 -31.52 -14.79
C SER A 466 -30.08 -31.48 -14.76
N LYS A 467 -30.71 -32.66 -14.72
CA LYS A 467 -32.16 -32.75 -14.62
C LYS A 467 -32.64 -33.33 -13.31
N LYS A 468 -31.73 -33.84 -12.47
CA LYS A 468 -32.13 -34.42 -11.20
C LYS A 468 -32.52 -33.34 -10.20
N GLU A 469 -31.84 -32.19 -10.25
CA GLU A 469 -32.09 -31.14 -9.27
C GLU A 469 -33.45 -30.48 -9.46
N LEU A 470 -33.93 -30.38 -10.71
CA LEU A 470 -35.25 -29.82 -10.93
C LEU A 470 -36.34 -30.75 -10.42
N GLU A 471 -36.16 -32.07 -10.56
CA GLU A 471 -37.10 -33.01 -9.97
C GLU A 471 -37.04 -32.98 -8.44
N GLN A 472 -35.84 -32.84 -7.88
CA GLN A 472 -35.66 -32.81 -6.43
C GLN A 472 -36.26 -31.55 -5.82
N MET A 473 -36.23 -30.44 -6.57
CA MET A 473 -36.86 -29.21 -6.13
C MET A 473 -38.32 -29.11 -6.56
N ASP A 474 -38.78 -30.02 -7.42
CA ASP A 474 -40.19 -30.06 -7.79
C ASP A 474 -41.01 -30.96 -6.86
N VAL A 475 -40.40 -31.98 -6.28
CA VAL A 475 -41.11 -32.79 -5.29
C VAL A 475 -41.01 -32.20 -3.89
N SER A 476 -40.05 -31.32 -3.64
CA SER A 476 -39.85 -30.74 -2.32
C SER A 476 -39.17 -29.38 -2.41
N GLU B 10 -10.87 -47.14 12.83
CA GLU B 10 -10.66 -45.69 12.89
C GLU B 10 -9.38 -45.30 12.17
N TRP B 11 -9.34 -45.54 10.86
CA TRP B 11 -8.17 -45.24 10.05
C TRP B 11 -8.25 -43.88 9.39
N LYS B 12 -9.43 -43.52 8.86
CA LYS B 12 -9.57 -42.24 8.18
C LYS B 12 -9.70 -41.08 9.18
N ARG B 13 -10.29 -41.34 10.35
CA ARG B 13 -10.40 -40.30 11.38
C ARG B 13 -9.04 -39.95 11.95
N PHE B 14 -8.15 -40.93 12.07
CA PHE B 14 -6.80 -40.66 12.54
C PHE B 14 -6.00 -39.86 11.51
N LEU B 15 -6.28 -40.09 10.23
CA LEU B 15 -5.62 -39.31 9.19
C LEU B 15 -6.17 -37.88 9.16
N LYS B 16 -7.48 -37.72 9.41
CA LYS B 16 -8.06 -36.38 9.41
C LYS B 16 -7.65 -35.60 10.66
N ASN B 17 -7.33 -36.32 11.74
CA ASN B 17 -6.94 -35.64 12.97
C ASN B 17 -5.49 -35.17 12.91
N ASN B 18 -4.59 -36.05 12.46
CA ASN B 18 -3.15 -35.85 12.56
C ASN B 18 -2.48 -35.71 11.20
N TRP B 19 -3.05 -34.88 10.31
CA TRP B 19 -2.54 -34.80 8.95
C TRP B 19 -1.20 -34.07 8.87
N VAL B 20 -0.97 -33.12 9.78
CA VAL B 20 0.21 -32.25 9.70
C VAL B 20 1.47 -33.03 10.00
N LEU B 21 1.53 -33.67 11.17
CA LEU B 21 2.72 -34.41 11.58
C LEU B 21 2.97 -35.61 10.67
N LEU B 22 1.89 -36.31 10.28
CA LEU B 22 2.04 -37.49 9.43
C LEU B 22 2.53 -37.10 8.05
N SER B 23 2.02 -35.99 7.50
CA SER B 23 2.45 -35.61 6.17
C SER B 23 3.86 -35.02 6.17
N THR B 24 4.26 -34.33 7.25
CA THR B 24 5.63 -33.84 7.35
C THR B 24 6.62 -35.00 7.47
N VAL B 25 6.30 -35.99 8.30
CA VAL B 25 7.16 -37.17 8.45
C VAL B 25 7.25 -37.97 7.14
N ALA B 26 6.12 -38.13 6.44
CA ALA B 26 6.13 -38.84 5.16
C ALA B 26 6.93 -38.07 4.11
N ALA B 27 6.87 -36.73 4.14
CA ALA B 27 7.63 -35.94 3.19
C ALA B 27 9.13 -36.03 3.46
N VAL B 28 9.53 -36.04 4.73
CA VAL B 28 10.95 -36.18 5.07
C VAL B 28 11.46 -37.56 4.66
N VAL B 29 10.69 -38.61 4.93
CA VAL B 29 11.11 -39.97 4.59
C VAL B 29 11.20 -40.15 3.08
N LEU B 30 10.20 -39.67 2.34
CA LEU B 30 10.23 -39.77 0.88
C LEU B 30 11.33 -38.93 0.26
N GLY B 31 11.63 -37.76 0.85
CA GLY B 31 12.70 -36.94 0.33
C GLY B 31 14.06 -37.58 0.54
N ILE B 32 14.28 -38.20 1.70
CA ILE B 32 15.54 -38.88 1.96
C ILE B 32 15.72 -40.09 1.05
N THR B 33 14.67 -40.91 0.88
CA THR B 33 14.85 -42.09 0.04
C THR B 33 14.90 -41.72 -1.44
N THR B 34 14.29 -40.59 -1.82
CA THR B 34 14.38 -40.13 -3.20
C THR B 34 15.77 -39.59 -3.52
N GLY B 35 16.36 -38.82 -2.58
CA GLY B 35 17.71 -38.35 -2.78
C GLY B 35 18.74 -39.46 -2.79
N VAL B 36 18.52 -40.50 -1.97
CA VAL B 36 19.42 -41.65 -1.98
C VAL B 36 19.29 -42.43 -3.29
N LEU B 37 18.06 -42.70 -3.74
CA LEU B 37 17.87 -43.45 -4.97
C LEU B 37 18.22 -42.67 -6.23
N VAL B 38 18.27 -41.35 -6.16
CA VAL B 38 18.73 -40.56 -7.31
C VAL B 38 20.25 -40.45 -7.31
N ARG B 39 20.86 -40.31 -6.14
CA ARG B 39 22.31 -40.16 -6.04
C ARG B 39 23.05 -41.43 -6.44
N GLU B 40 22.41 -42.60 -6.32
CA GLU B 40 23.03 -43.86 -6.67
C GLU B 40 22.49 -44.43 -7.98
N HIS B 41 21.91 -43.59 -8.84
CA HIS B 41 21.43 -44.07 -10.12
C HIS B 41 21.86 -43.15 -11.26
N ARG B 42 22.08 -41.88 -10.96
CA ARG B 42 22.39 -40.90 -12.00
C ARG B 42 23.08 -39.70 -11.37
N ASN B 43 24.13 -39.22 -12.03
CA ASN B 43 24.71 -37.95 -11.65
C ASN B 43 23.83 -36.82 -12.16
N LEU B 44 23.97 -35.65 -11.53
CA LEU B 44 23.19 -34.49 -11.91
C LEU B 44 24.14 -33.31 -12.09
N SER B 45 23.95 -32.56 -13.17
CA SER B 45 24.78 -31.39 -13.43
C SER B 45 24.34 -30.22 -12.56
N THR B 46 24.97 -29.06 -12.77
CA THR B 46 24.63 -27.89 -11.97
C THR B 46 23.28 -27.32 -12.39
N LEU B 47 22.92 -27.45 -13.67
CA LEU B 47 21.66 -26.89 -14.14
C LEU B 47 20.47 -27.75 -13.74
N GLU B 48 20.58 -29.07 -13.91
CA GLU B 48 19.46 -29.94 -13.56
C GLU B 48 19.41 -30.24 -12.07
N LYS B 49 20.31 -29.72 -11.27
CA LYS B 49 20.12 -29.64 -9.83
C LYS B 49 19.31 -28.43 -9.43
N PHE B 50 19.06 -27.51 -10.35
CA PHE B 50 18.21 -26.36 -10.09
C PHE B 50 16.76 -26.61 -10.51
N TYR B 51 16.54 -27.39 -11.56
CA TYR B 51 15.18 -27.74 -11.94
C TYR B 51 14.59 -28.82 -11.04
N PHE B 52 15.43 -29.53 -10.30
CA PHE B 52 14.93 -30.57 -9.40
C PHE B 52 14.47 -29.99 -8.08
N ALA B 53 15.02 -28.84 -7.68
CA ALA B 53 14.62 -28.14 -6.45
C ALA B 53 13.75 -26.94 -6.76
N PHE B 54 12.87 -27.05 -7.74
CA PHE B 54 11.93 -25.99 -8.12
C PHE B 54 10.66 -25.92 -7.26
N PRO B 55 10.01 -27.03 -6.85
CA PRO B 55 8.88 -26.86 -5.91
C PRO B 55 9.27 -26.30 -4.57
N GLY B 56 10.50 -26.56 -4.11
CA GLY B 56 10.99 -25.90 -2.92
C GLY B 56 11.21 -24.41 -3.12
N GLU B 57 11.60 -24.01 -4.33
CA GLU B 57 11.74 -22.58 -4.61
C GLU B 57 10.39 -21.89 -4.64
N ILE B 58 9.37 -22.56 -5.19
CA ILE B 58 8.03 -21.99 -5.19
C ILE B 58 7.48 -21.92 -3.76
N LEU B 59 7.82 -22.89 -2.92
CA LEU B 59 7.40 -22.82 -1.51
C LEU B 59 8.09 -21.68 -0.77
N MET B 60 9.39 -21.49 -1.03
CA MET B 60 10.09 -20.39 -0.38
C MET B 60 9.71 -19.03 -0.93
N ARG B 61 9.11 -18.96 -2.12
CA ARG B 61 8.51 -17.71 -2.57
C ARG B 61 7.15 -17.47 -1.94
N MET B 62 6.35 -18.53 -1.79
CA MET B 62 5.04 -18.41 -1.15
C MET B 62 5.15 -18.06 0.33
N LEU B 63 6.22 -18.50 0.99
CA LEU B 63 6.37 -18.18 2.40
C LEU B 63 6.80 -16.75 2.63
N LYS B 64 7.63 -16.19 1.74
CA LYS B 64 8.03 -14.80 1.82
C LYS B 64 6.99 -13.85 1.26
N LEU B 65 6.02 -14.37 0.50
CA LEU B 65 4.93 -13.53 0.02
C LEU B 65 4.03 -13.05 1.16
N ILE B 66 3.87 -13.88 2.19
CA ILE B 66 2.79 -13.70 3.15
C ILE B 66 3.23 -12.99 4.43
N ILE B 67 4.53 -12.77 4.63
CA ILE B 67 4.96 -12.21 5.90
C ILE B 67 4.68 -10.72 6.00
N LEU B 68 4.53 -10.02 4.89
CA LEU B 68 4.28 -8.58 4.97
C LEU B 68 2.86 -8.24 5.39
N PRO B 69 1.78 -8.89 4.91
CA PRO B 69 0.49 -8.67 5.59
C PRO B 69 0.42 -9.31 6.95
N LEU B 70 1.20 -10.37 7.19
CA LEU B 70 1.14 -11.09 8.47
C LEU B 70 1.65 -10.23 9.61
N ILE B 71 2.82 -9.59 9.45
CA ILE B 71 3.35 -8.84 10.57
C ILE B 71 2.56 -7.56 10.81
N ILE B 72 2.00 -6.97 9.76
CA ILE B 72 1.22 -5.74 9.91
C ILE B 72 -0.10 -6.02 10.64
N SER B 73 -0.89 -6.97 10.12
CA SER B 73 -2.17 -7.30 10.72
C SER B 73 -2.00 -7.90 12.11
N SER B 74 -1.02 -8.78 12.28
CA SER B 74 -0.83 -9.46 13.55
C SER B 74 -0.33 -8.52 14.62
N MET B 75 0.62 -7.62 14.30
CA MET B 75 1.10 -6.71 15.32
C MET B 75 0.05 -5.68 15.71
N ILE B 76 -0.74 -5.21 14.74
CA ILE B 76 -1.76 -4.21 15.06
C ILE B 76 -2.86 -4.80 15.93
N THR B 77 -3.41 -5.96 15.53
CA THR B 77 -4.48 -6.54 16.34
C THR B 77 -3.96 -7.11 17.65
N GLY B 78 -2.71 -7.57 17.68
CA GLY B 78 -2.16 -8.11 18.91
C GLY B 78 -1.95 -7.05 19.96
N VAL B 79 -1.36 -5.92 19.59
CA VAL B 79 -1.14 -4.90 20.61
C VAL B 79 -2.43 -4.13 20.90
N ALA B 80 -3.40 -4.09 19.98
CA ALA B 80 -4.69 -3.48 20.31
C ALA B 80 -5.48 -4.34 21.29
N ALA B 81 -5.56 -5.65 21.05
CA ALA B 81 -6.26 -6.54 21.97
C ALA B 81 -5.52 -6.67 23.29
N LEU B 82 -4.19 -6.53 23.29
CA LEU B 82 -3.45 -6.54 24.54
C LEU B 82 -3.68 -5.25 25.34
N ASP B 83 -3.81 -4.11 24.65
CA ASP B 83 -4.16 -2.88 25.34
C ASP B 83 -5.59 -2.95 25.88
N SER B 84 -6.46 -3.67 25.19
CA SER B 84 -7.83 -3.87 25.69
C SER B 84 -7.90 -4.81 26.89
N ASN B 85 -7.08 -5.87 26.91
CA ASN B 85 -7.15 -6.84 27.99
C ASN B 85 -6.62 -6.31 29.31
N VAL B 86 -5.55 -5.50 29.26
CA VAL B 86 -5.00 -4.90 30.48
C VAL B 86 -5.96 -3.85 31.01
N SER B 87 -6.44 -4.06 32.23
CA SER B 87 -7.44 -3.20 32.85
C SER B 87 -6.90 -2.44 34.05
N GLY B 88 -6.37 -3.14 35.04
CA GLY B 88 -5.95 -2.49 36.27
C GLY B 88 -4.48 -2.63 36.58
N LYS B 89 -4.16 -3.31 37.67
CA LYS B 89 -2.78 -3.57 38.03
C LYS B 89 -2.39 -5.03 37.94
N ILE B 90 -3.35 -5.93 37.77
CA ILE B 90 -3.01 -7.31 37.43
C ILE B 90 -2.48 -7.38 36.01
N GLY B 91 -3.02 -6.54 35.12
CA GLY B 91 -2.64 -6.58 33.72
C GLY B 91 -1.23 -6.13 33.47
N VAL B 92 -0.83 -5.02 34.08
CA VAL B 92 0.51 -4.48 33.87
C VAL B 92 1.56 -5.42 34.46
N ARG B 93 1.26 -6.01 35.61
CA ARG B 93 2.19 -6.96 36.23
C ARG B 93 2.34 -8.23 35.40
N ALA B 94 1.24 -8.75 34.87
CA ALA B 94 1.32 -9.95 34.04
C ALA B 94 2.05 -9.68 32.72
N VAL B 95 1.83 -8.50 32.12
CA VAL B 95 2.47 -8.20 30.84
C VAL B 95 3.97 -7.96 31.02
N VAL B 96 4.35 -7.26 32.09
CA VAL B 96 5.77 -7.04 32.38
C VAL B 96 6.46 -8.37 32.68
N TYR B 97 5.77 -9.27 33.40
CA TYR B 97 6.33 -10.60 33.65
C TYR B 97 6.54 -11.38 32.36
N TYR B 98 5.55 -11.36 31.46
CA TYR B 98 5.62 -12.11 30.22
C TYR B 98 6.78 -11.64 29.35
N PHE B 99 6.94 -10.33 29.21
CA PHE B 99 7.99 -9.86 28.32
C PHE B 99 9.37 -9.95 28.96
N CYS B 100 9.48 -9.87 30.28
CA CYS B 100 10.77 -10.10 30.92
C CYS B 100 11.22 -11.56 30.78
N THR B 101 10.31 -12.52 30.95
CA THR B 101 10.74 -13.91 30.81
C THR B 101 11.00 -14.28 29.36
N THR B 102 10.27 -13.71 28.41
CA THR B 102 10.59 -13.95 26.99
C THR B 102 11.94 -13.38 26.62
N LEU B 103 12.28 -12.20 27.14
CA LEU B 103 13.60 -11.63 26.88
C LEU B 103 14.72 -12.44 27.52
N ILE B 104 14.49 -12.97 28.72
CA ILE B 104 15.50 -13.80 29.39
C ILE B 104 15.70 -15.10 28.62
N ALA B 105 14.63 -15.68 28.09
CA ALA B 105 14.75 -16.91 27.30
C ALA B 105 15.50 -16.67 26.00
N VAL B 106 15.27 -15.52 25.35
CA VAL B 106 15.97 -15.19 24.11
C VAL B 106 17.46 -15.00 24.36
N ILE B 107 17.80 -14.28 25.44
CA ILE B 107 19.20 -14.05 25.78
C ILE B 107 19.92 -15.35 26.14
N LEU B 108 19.23 -16.25 26.85
CA LEU B 108 19.80 -17.55 27.16
C LEU B 108 20.04 -18.38 25.91
N GLY B 109 19.10 -18.33 24.97
CA GLY B 109 19.28 -19.07 23.72
C GLY B 109 20.43 -18.56 22.88
N ILE B 110 20.59 -17.24 22.79
CA ILE B 110 21.68 -16.63 22.04
C ILE B 110 23.03 -16.99 22.66
N VAL B 111 23.11 -16.92 23.99
CA VAL B 111 24.35 -17.25 24.70
C VAL B 111 24.73 -18.71 24.49
N LEU B 112 23.74 -19.61 24.58
CA LEU B 112 24.04 -21.03 24.42
C LEU B 112 24.43 -21.38 23.00
N VAL B 113 23.84 -20.72 22.00
CA VAL B 113 24.15 -21.11 20.64
C VAL B 113 25.46 -20.48 20.17
N VAL B 114 25.88 -19.33 20.73
CA VAL B 114 27.21 -18.84 20.38
C VAL B 114 28.30 -19.41 21.27
N SER B 115 27.94 -20.12 22.34
CA SER B 115 28.96 -20.82 23.12
C SER B 115 29.18 -22.24 22.63
N ILE B 116 28.11 -22.98 22.32
CA ILE B 116 28.27 -24.36 21.87
C ILE B 116 28.74 -24.40 20.42
N LYS B 117 28.26 -23.46 19.60
CA LYS B 117 28.50 -23.32 18.16
C LYS B 117 28.20 -24.59 17.38
N PRO B 118 26.93 -24.95 17.16
CA PRO B 118 26.64 -26.01 16.20
C PRO B 118 26.53 -25.43 14.80
N GLY B 119 27.20 -26.06 13.83
CA GLY B 119 27.19 -25.61 12.46
C GLY B 119 28.56 -25.29 11.90
N VAL B 120 29.46 -24.80 12.75
CA VAL B 120 30.81 -24.54 12.30
C VAL B 120 31.57 -25.86 12.18
N THR B 121 32.45 -25.92 11.20
CA THR B 121 33.05 -27.17 10.77
C THR B 121 34.16 -27.61 11.72
N GLN B 122 34.25 -28.92 11.93
CA GLN B 122 35.28 -29.50 12.78
C GLN B 122 36.48 -29.94 11.95
N VAL B 136 35.07 -3.59 9.98
CA VAL B 136 33.79 -2.99 10.32
C VAL B 136 33.91 -2.10 11.55
N SER B 137 32.76 -1.63 12.04
CA SER B 137 32.69 -0.84 13.26
C SER B 137 31.33 -1.08 13.89
N THR B 138 31.32 -1.51 15.15
CA THR B 138 30.05 -1.79 15.82
C THR B 138 29.28 -0.53 16.15
N VAL B 139 29.96 0.62 16.24
CA VAL B 139 29.29 1.90 16.45
C VAL B 139 28.35 2.22 15.31
N ASP B 140 28.77 2.01 14.06
CA ASP B 140 27.90 2.22 12.92
C ASP B 140 26.75 1.23 12.83
N ALA B 141 26.96 -0.03 13.17
CA ALA B 141 25.89 -1.03 13.12
C ALA B 141 24.83 -0.77 14.19
N MET B 142 25.25 -0.43 15.40
CA MET B 142 24.29 -0.13 16.45
C MET B 142 23.59 1.20 16.26
N LEU B 143 24.02 2.03 15.29
CA LEU B 143 23.24 3.20 14.90
C LEU B 143 22.39 2.95 13.67
N ASP B 144 22.80 2.04 12.77
CA ASP B 144 21.89 1.63 11.69
C ASP B 144 20.69 0.87 12.21
N LEU B 145 20.81 0.23 13.38
CA LEU B 145 19.65 -0.35 14.04
C LEU B 145 18.59 0.72 14.33
N ILE B 146 18.97 1.81 14.99
CA ILE B 146 18.04 2.88 15.30
C ILE B 146 17.63 3.65 14.05
N ARG B 147 18.48 3.70 13.02
CA ARG B 147 18.07 4.30 11.77
C ARG B 147 17.07 3.45 11.01
N ASN B 148 17.06 2.14 11.24
CA ASN B 148 16.08 1.26 10.63
C ASN B 148 14.81 1.10 11.43
N MET B 149 14.82 1.47 12.71
CA MET B 149 13.58 1.47 13.46
C MET B 149 12.64 2.59 13.04
N PHE B 150 13.18 3.71 12.54
CA PHE B 150 12.38 4.83 12.04
C PHE B 150 12.74 5.05 10.58
N PRO B 151 12.04 4.40 9.65
CA PRO B 151 12.39 4.54 8.24
C PRO B 151 11.90 5.87 7.66
N GLU B 152 12.55 6.29 6.58
CA GLU B 152 12.21 7.55 5.94
C GLU B 152 11.01 7.45 5.03
N ASN B 153 10.51 6.25 4.76
CA ASN B 153 9.35 6.08 3.90
C ASN B 153 8.67 4.80 4.32
N LEU B 154 7.35 4.79 4.28
CA LEU B 154 6.60 3.67 4.81
C LEU B 154 6.28 2.62 3.77
N VAL B 155 6.34 2.96 2.49
CA VAL B 155 6.19 1.98 1.42
C VAL B 155 7.53 1.33 1.07
N GLN B 156 8.61 2.11 1.12
CA GLN B 156 9.94 1.54 0.93
C GLN B 156 10.39 0.69 2.11
N ALA B 157 9.76 0.82 3.27
CA ALA B 157 10.06 -0.07 4.38
C ALA B 157 9.56 -1.48 4.12
N CYS B 158 8.66 -1.65 3.18
CA CYS B 158 8.16 -2.98 2.83
C CYS B 158 9.11 -3.76 1.94
N PHE B 159 10.12 -3.12 1.35
CA PHE B 159 11.09 -3.91 0.60
C PHE B 159 12.55 -3.50 0.70
N GLN B 160 12.92 -2.41 1.37
CA GLN B 160 14.33 -2.04 1.34
C GLN B 160 14.80 -1.47 2.67
N GLN B 161 16.08 -1.69 2.97
CA GLN B 161 16.71 -1.38 4.24
C GLN B 161 17.79 -0.32 4.06
N TYR B 162 18.25 0.23 5.18
CA TYR B 162 19.26 1.26 5.20
C TYR B 162 20.56 0.71 5.75
N LYS B 163 21.68 1.23 5.25
CA LYS B 163 22.99 0.82 5.75
C LYS B 163 24.00 1.94 5.51
N THR B 164 24.77 2.27 6.52
CA THR B 164 25.82 3.28 6.43
C THR B 164 27.19 2.64 6.44
N LYS B 165 28.07 3.17 5.61
CA LYS B 165 29.49 2.81 5.64
C LYS B 165 30.31 4.06 5.87
N ARG B 166 31.55 3.86 6.26
CA ARG B 166 32.49 4.93 6.55
C ARG B 166 33.42 5.12 5.36
N GLU B 167 33.38 6.30 4.75
CA GLU B 167 34.18 6.61 3.59
C GLU B 167 35.14 7.74 3.92
N GLU B 168 36.40 7.59 3.51
CA GLU B 168 37.41 8.61 3.81
C GLU B 168 37.22 9.83 2.92
N VAL B 169 37.53 11.00 3.47
CA VAL B 169 37.37 12.25 2.76
C VAL B 169 38.74 12.73 2.29
N LYS B 170 38.77 13.49 1.20
CA LYS B 170 40.01 13.94 0.61
C LYS B 170 39.99 15.46 0.46
N PRO B 171 40.94 16.18 1.07
CA PRO B 171 41.04 17.64 0.93
C PRO B 171 41.57 18.07 -0.44
N LYS B 196 46.54 16.78 8.74
CA LYS B 196 47.52 15.70 8.87
C LYS B 196 46.87 14.42 9.36
N THR B 197 45.76 14.57 10.08
CA THR B 197 45.07 13.42 10.64
C THR B 197 44.17 12.77 9.60
N LYS B 198 43.76 11.54 9.91
CA LYS B 198 42.87 10.77 9.04
C LYS B 198 41.43 11.04 9.47
N GLU B 199 40.66 11.67 8.60
CA GLU B 199 39.27 12.01 8.88
C GLU B 199 38.36 11.32 7.88
N TYR B 200 37.23 10.80 8.36
CA TYR B 200 36.26 10.11 7.54
C TYR B 200 34.93 10.86 7.57
N LYS B 201 33.98 10.34 6.79
CA LYS B 201 32.58 10.74 6.86
C LYS B 201 31.74 9.49 6.65
N ILE B 202 30.42 9.65 6.71
CA ILE B 202 29.50 8.53 6.71
C ILE B 202 28.57 8.66 5.52
N VAL B 203 28.49 7.60 4.70
CA VAL B 203 27.65 7.58 3.51
C VAL B 203 26.67 6.43 3.67
N GLY B 204 25.38 6.73 3.53
CA GLY B 204 24.33 5.74 3.68
C GLY B 204 23.68 5.41 2.36
N MET B 205 23.15 4.20 2.25
CA MET B 205 22.49 3.76 1.04
C MET B 205 21.41 2.75 1.39
N TYR B 206 20.48 2.56 0.47
CA TYR B 206 19.36 1.65 0.65
C TYR B 206 19.61 0.37 -0.14
N SER B 207 19.68 -0.75 0.56
CA SER B 207 19.85 -2.06 -0.06
C SER B 207 18.52 -2.80 -0.03
N ASP B 208 18.47 -3.94 -0.70
CA ASP B 208 17.21 -4.66 -0.85
C ASP B 208 16.98 -5.62 0.32
N GLY B 209 15.73 -5.99 0.52
CA GLY B 209 15.28 -6.84 1.60
C GLY B 209 14.37 -6.07 2.55
N ILE B 210 13.38 -6.77 3.11
CA ILE B 210 12.31 -6.11 3.85
C ILE B 210 12.84 -5.59 5.17
N ASN B 211 12.27 -4.47 5.63
CA ASN B 211 12.63 -3.82 6.89
C ASN B 211 11.63 -4.28 7.94
N VAL B 212 12.00 -5.29 8.72
CA VAL B 212 11.05 -5.85 9.67
C VAL B 212 10.99 -5.01 10.94
N LEU B 213 12.11 -4.37 11.34
CA LEU B 213 12.10 -3.55 12.53
C LEU B 213 11.25 -2.30 12.37
N GLY B 214 11.29 -1.69 11.19
CA GLY B 214 10.50 -0.50 10.96
C GLY B 214 9.01 -0.78 10.95
N LEU B 215 8.62 -1.89 10.32
CA LEU B 215 7.21 -2.28 10.31
C LEU B 215 6.74 -2.71 11.69
N ILE B 216 7.60 -3.38 12.47
CA ILE B 216 7.22 -3.81 13.80
C ILE B 216 7.03 -2.61 14.72
N VAL B 217 7.94 -1.63 14.65
CA VAL B 217 7.83 -0.45 15.52
C VAL B 217 6.65 0.43 15.13
N PHE B 218 6.45 0.64 13.82
CA PHE B 218 5.31 1.45 13.40
C PHE B 218 3.98 0.77 13.67
N CYS B 219 3.90 -0.55 13.54
CA CYS B 219 2.65 -1.22 13.85
C CYS B 219 2.39 -1.28 15.34
N LEU B 220 3.44 -1.33 16.16
CA LEU B 220 3.28 -1.19 17.60
C LEU B 220 2.68 0.17 17.98
N VAL B 221 3.25 1.25 17.44
CA VAL B 221 2.77 2.59 17.76
C VAL B 221 1.37 2.82 17.20
N PHE B 222 1.10 2.31 16.00
CA PHE B 222 -0.22 2.48 15.38
C PHE B 222 -1.30 1.69 16.11
N GLY B 223 -0.99 0.47 16.57
CA GLY B 223 -1.97 -0.28 17.32
C GLY B 223 -2.22 0.28 18.70
N LEU B 224 -1.17 0.81 19.34
CA LEU B 224 -1.37 1.50 20.62
C LEU B 224 -2.19 2.77 20.46
N VAL B 225 -2.07 3.43 19.31
CA VAL B 225 -2.84 4.66 19.09
C VAL B 225 -4.31 4.32 18.84
N ILE B 226 -4.58 3.38 17.93
CA ILE B 226 -5.98 3.09 17.61
C ILE B 226 -6.66 2.24 18.68
N GLY B 227 -5.91 1.66 19.60
CA GLY B 227 -6.54 0.94 20.70
C GLY B 227 -7.03 1.87 21.78
N LYS B 228 -6.51 3.10 21.78
CA LYS B 228 -6.83 4.10 22.79
C LYS B 228 -7.78 5.17 22.29
N MET B 229 -8.20 5.11 21.03
CA MET B 229 -9.12 6.11 20.49
C MET B 229 -10.57 5.77 20.78
N GLY B 230 -10.87 4.56 21.16
CA GLY B 230 -12.21 4.19 21.61
C GLY B 230 -13.14 3.90 20.45
N GLU B 231 -14.24 4.65 20.35
CA GLU B 231 -15.24 4.40 19.32
C GLU B 231 -14.81 4.98 17.98
N LYS B 232 -14.04 6.06 17.98
CA LYS B 232 -13.62 6.71 16.74
C LYS B 232 -12.63 5.87 15.94
N GLY B 233 -12.00 4.90 16.56
CA GLY B 233 -11.05 4.04 15.87
C GLY B 233 -11.43 2.58 15.98
N GLN B 234 -12.72 2.28 15.86
CA GLN B 234 -13.19 0.90 15.89
C GLN B 234 -13.25 0.28 14.51
N ILE B 235 -13.44 1.09 13.46
CA ILE B 235 -13.46 0.56 12.12
C ILE B 235 -12.07 0.09 11.70
N LEU B 236 -11.02 0.74 12.19
CA LEU B 236 -9.66 0.30 11.91
C LEU B 236 -9.36 -1.02 12.61
N VAL B 237 -9.81 -1.17 13.86
CA VAL B 237 -9.60 -2.41 14.59
C VAL B 237 -10.36 -3.57 13.96
N ASP B 238 -11.59 -3.32 13.49
CA ASP B 238 -12.35 -4.36 12.81
C ASP B 238 -11.72 -4.72 11.47
N PHE B 239 -11.20 -3.72 10.74
CA PHE B 239 -10.55 -3.95 9.46
C PHE B 239 -9.30 -4.81 9.62
N PHE B 240 -8.47 -4.49 10.61
CA PHE B 240 -7.26 -5.27 10.77
C PHE B 240 -7.52 -6.62 11.41
N ASN B 241 -8.60 -6.77 12.19
CA ASN B 241 -8.99 -8.08 12.67
C ASN B 241 -9.40 -9.00 11.53
N ALA B 242 -10.22 -8.50 10.61
CA ALA B 242 -10.62 -9.31 9.47
C ALA B 242 -9.44 -9.59 8.54
N LEU B 243 -8.51 -8.64 8.41
CA LEU B 243 -7.31 -8.87 7.62
C LEU B 243 -6.42 -9.93 8.25
N SER B 244 -6.34 -9.96 9.59
CA SER B 244 -5.56 -10.98 10.27
C SER B 244 -6.15 -12.36 10.10
N ASP B 245 -7.49 -12.47 10.16
CA ASP B 245 -8.12 -13.77 9.96
C ASP B 245 -7.94 -14.28 8.53
N ALA B 246 -8.04 -13.39 7.54
CA ALA B 246 -7.81 -13.80 6.16
C ALA B 246 -6.37 -14.22 5.93
N THR B 247 -5.42 -13.52 6.57
CA THR B 247 -4.02 -13.88 6.42
C THR B 247 -3.71 -15.23 7.06
N MET B 248 -4.34 -15.54 8.20
CA MET B 248 -4.10 -16.85 8.79
C MET B 248 -4.71 -17.98 7.97
N LYS B 249 -5.83 -17.71 7.29
CA LYS B 249 -6.36 -18.73 6.38
C LYS B 249 -5.46 -18.97 5.18
N ILE B 250 -4.86 -17.90 4.63
CA ILE B 250 -3.93 -18.10 3.51
C ILE B 250 -2.65 -18.80 3.97
N VAL B 251 -2.22 -18.57 5.22
CA VAL B 251 -1.08 -19.29 5.76
C VAL B 251 -1.40 -20.77 5.94
N GLN B 252 -2.65 -21.09 6.29
CA GLN B 252 -3.06 -22.50 6.35
C GLN B 252 -3.07 -23.16 4.98
N ILE B 253 -3.43 -22.41 3.93
CA ILE B 253 -3.36 -22.96 2.56
C ILE B 253 -1.91 -23.25 2.15
N ILE B 254 -1.00 -22.31 2.45
CA ILE B 254 0.42 -22.50 2.14
C ILE B 254 0.98 -23.70 2.91
N MET B 255 0.59 -23.86 4.16
CA MET B 255 1.02 -25.01 4.95
C MET B 255 0.41 -26.32 4.45
N CYS B 256 -0.74 -26.26 3.77
CA CYS B 256 -1.23 -27.46 3.12
C CYS B 256 -0.40 -27.81 1.89
N TYR B 257 0.16 -26.80 1.22
CA TYR B 257 1.07 -27.12 0.11
C TYR B 257 2.42 -27.64 0.60
N MET B 258 2.88 -27.15 1.75
CA MET B 258 4.26 -27.28 2.24
C MET B 258 4.98 -28.64 2.12
N PRO B 259 4.37 -29.82 2.35
CA PRO B 259 5.18 -31.06 2.33
C PRO B 259 5.77 -31.45 0.99
N LEU B 260 5.13 -31.10 -0.13
CA LEU B 260 5.75 -31.33 -1.44
C LEU B 260 7.01 -30.48 -1.60
N GLY B 261 6.95 -29.22 -1.15
CA GLY B 261 8.11 -28.36 -1.21
C GLY B 261 9.25 -28.84 -0.34
N ILE B 262 8.95 -29.28 0.89
CA ILE B 262 10.05 -29.75 1.73
C ILE B 262 10.55 -31.13 1.28
N LEU B 263 9.73 -31.91 0.56
CA LEU B 263 10.22 -33.15 -0.03
C LEU B 263 11.29 -32.88 -1.07
N PHE B 264 10.99 -31.97 -2.02
CA PHE B 264 11.98 -31.68 -3.05
C PHE B 264 13.17 -30.90 -2.50
N LEU B 265 12.96 -30.10 -1.46
CA LEU B 265 14.09 -29.40 -0.83
C LEU B 265 15.03 -30.37 -0.11
N ILE B 266 14.49 -31.36 0.59
CA ILE B 266 15.33 -32.31 1.30
C ILE B 266 16.06 -33.24 0.33
N ALA B 267 15.39 -33.62 -0.76
CA ALA B 267 16.08 -34.39 -1.80
C ALA B 267 17.21 -33.59 -2.44
N GLY B 268 16.98 -32.31 -2.71
CA GLY B 268 18.03 -31.46 -3.26
C GLY B 268 19.15 -31.17 -2.27
N LYS B 269 18.85 -31.21 -0.96
CA LYS B 269 19.90 -31.08 0.03
C LYS B 269 20.79 -32.31 0.05
N ILE B 270 20.19 -33.50 0.15
CA ILE B 270 21.03 -34.68 0.32
C ILE B 270 21.61 -35.21 -0.99
N ILE B 271 21.21 -34.68 -2.14
CA ILE B 271 21.92 -35.00 -3.37
C ILE B 271 23.32 -34.40 -3.35
N GLU B 272 23.43 -33.12 -2.99
CA GLU B 272 24.72 -32.44 -3.05
C GLU B 272 25.61 -32.73 -1.85
N VAL B 273 25.11 -33.41 -0.83
CA VAL B 273 25.90 -33.74 0.35
C VAL B 273 26.72 -34.99 0.04
N GLU B 274 28.02 -34.91 0.29
CA GLU B 274 28.94 -36.03 0.06
C GLU B 274 29.42 -36.70 1.34
N ASP B 275 29.58 -35.95 2.42
CA ASP B 275 30.04 -36.51 3.69
C ASP B 275 28.92 -36.46 4.74
N TRP B 276 28.98 -37.39 5.69
CA TRP B 276 27.94 -37.48 6.72
C TRP B 276 28.32 -36.56 7.88
N GLU B 277 28.23 -35.26 7.60
CA GLU B 277 28.60 -34.20 8.52
C GLU B 277 27.41 -33.40 9.03
N ILE B 278 26.39 -33.18 8.20
CA ILE B 278 25.30 -32.32 8.62
C ILE B 278 24.35 -33.04 9.58
N PHE B 279 24.43 -34.37 9.66
CA PHE B 279 23.67 -35.07 10.68
C PHE B 279 24.22 -34.81 12.06
N ARG B 280 25.55 -34.67 12.16
CA ARG B 280 26.18 -34.27 13.42
C ARG B 280 25.78 -32.85 13.82
N LYS B 281 25.67 -31.96 12.85
CA LYS B 281 25.26 -30.59 13.15
C LYS B 281 23.79 -30.51 13.55
N LEU B 282 22.94 -31.35 12.95
CA LEU B 282 21.55 -31.40 13.38
C LEU B 282 21.41 -31.99 14.78
N GLY B 283 22.23 -32.98 15.11
CA GLY B 283 22.22 -33.51 16.46
C GLY B 283 22.68 -32.49 17.49
N LEU B 284 23.71 -31.71 17.16
CA LEU B 284 24.14 -30.65 18.07
C LEU B 284 23.13 -29.53 18.18
N TYR B 285 22.38 -29.25 17.11
CA TYR B 285 21.33 -28.23 17.19
C TYR B 285 20.19 -28.68 18.08
N MET B 286 19.76 -29.93 17.95
CA MET B 286 18.73 -30.47 18.82
C MET B 286 19.19 -30.51 20.27
N ALA B 287 20.47 -30.85 20.50
CA ALA B 287 20.99 -30.84 21.85
C ALA B 287 21.07 -29.43 22.43
N THR B 288 21.34 -28.43 21.59
CA THR B 288 21.38 -27.05 22.05
C THR B 288 19.99 -26.54 22.44
N VAL B 289 18.97 -26.83 21.62
CA VAL B 289 17.61 -26.42 21.97
C VAL B 289 17.13 -27.15 23.21
N LEU B 290 17.48 -28.43 23.35
CA LEU B 290 17.03 -29.19 24.52
C LEU B 290 17.74 -28.74 25.79
N THR B 291 19.03 -28.39 25.73
CA THR B 291 19.65 -27.90 26.95
C THR B 291 19.24 -26.47 27.27
N GLY B 292 18.80 -25.71 26.26
CA GLY B 292 18.25 -24.40 26.53
C GLY B 292 16.93 -24.48 27.27
N LEU B 293 16.03 -25.35 26.81
CA LEU B 293 14.78 -25.57 27.52
C LEU B 293 14.99 -26.21 28.89
N ALA B 294 16.03 -27.05 29.02
CA ALA B 294 16.30 -27.71 30.29
C ALA B 294 16.80 -26.72 31.33
N ILE B 295 17.77 -25.87 30.99
CA ILE B 295 18.24 -24.90 31.98
C ILE B 295 17.39 -23.65 32.03
N HIS B 296 16.36 -23.54 31.20
CA HIS B 296 15.37 -22.48 31.39
C HIS B 296 14.21 -22.92 32.28
N SER B 297 13.78 -24.17 32.20
CA SER B 297 12.68 -24.61 33.05
C SER B 297 13.11 -25.04 34.44
N ILE B 298 14.38 -25.38 34.63
CA ILE B 298 14.82 -25.90 35.92
C ILE B 298 15.52 -24.82 36.75
N VAL B 299 16.37 -24.01 36.13
CA VAL B 299 17.18 -23.08 36.90
C VAL B 299 16.55 -21.68 36.95
N ILE B 300 16.19 -21.13 35.78
CA ILE B 300 15.90 -19.70 35.70
C ILE B 300 14.50 -19.38 36.27
N LEU B 301 13.48 -20.13 35.85
CA LEU B 301 12.13 -19.83 36.30
C LEU B 301 11.90 -20.15 37.79
N PRO B 302 12.42 -21.25 38.35
CA PRO B 302 12.38 -21.36 39.82
C PRO B 302 13.24 -20.32 40.54
N LEU B 303 14.28 -19.79 39.90
CA LEU B 303 15.01 -18.68 40.51
C LEU B 303 14.17 -17.43 40.59
N ILE B 304 13.39 -17.12 39.54
CA ILE B 304 12.50 -15.96 39.58
C ILE B 304 11.40 -16.16 40.60
N TYR B 305 10.86 -17.38 40.69
CA TYR B 305 9.86 -17.67 41.71
C TYR B 305 10.44 -17.63 43.12
N PHE B 306 11.74 -17.88 43.28
CA PHE B 306 12.32 -17.80 44.60
C PHE B 306 12.68 -16.37 45.00
N ILE B 307 13.06 -15.53 44.03
CA ILE B 307 13.29 -14.12 44.35
C ILE B 307 11.98 -13.42 44.68
N VAL B 308 10.96 -13.61 43.86
CA VAL B 308 9.72 -12.85 44.04
C VAL B 308 8.89 -13.41 45.19
N VAL B 309 8.56 -14.71 45.11
CA VAL B 309 7.55 -15.26 46.03
C VAL B 309 8.18 -15.72 47.34
N ARG B 310 9.45 -16.14 47.30
CA ARG B 310 10.23 -16.65 48.45
C ARG B 310 9.57 -17.87 49.10
N LYS B 311 8.93 -18.71 48.29
CA LYS B 311 8.46 -20.02 48.69
C LYS B 311 9.28 -21.08 47.96
N ASN B 312 8.89 -22.34 48.12
CA ASN B 312 9.60 -23.42 47.46
C ASN B 312 9.04 -23.62 46.06
N PRO B 313 9.82 -23.42 45.00
CA PRO B 313 9.28 -23.55 43.64
C PRO B 313 9.11 -24.98 43.18
N PHE B 314 9.81 -25.94 43.78
CA PHE B 314 9.75 -27.30 43.28
C PHE B 314 8.48 -28.02 43.71
N ARG B 315 7.92 -27.67 44.88
CA ARG B 315 6.58 -28.16 45.21
C ARG B 315 5.53 -27.55 44.29
N PHE B 316 5.74 -26.30 43.87
CA PHE B 316 4.84 -25.69 42.89
C PHE B 316 4.94 -26.39 41.55
N ALA B 317 6.15 -26.78 41.14
CA ALA B 317 6.30 -27.52 39.89
C ALA B 317 5.74 -28.93 39.98
N MET B 318 5.84 -29.56 41.15
CA MET B 318 5.22 -30.87 41.34
C MET B 318 3.70 -30.79 41.42
N GLY B 319 3.16 -29.64 41.80
CA GLY B 319 1.72 -29.48 41.78
C GLY B 319 1.11 -29.41 40.39
N MET B 320 1.88 -29.04 39.38
CA MET B 320 1.40 -28.90 38.01
C MET B 320 1.84 -30.05 37.12
N ALA B 321 1.84 -31.28 37.65
CA ALA B 321 2.37 -32.40 36.89
C ALA B 321 1.44 -32.82 35.76
N GLN B 322 0.13 -32.81 36.00
CA GLN B 322 -0.81 -33.27 34.99
C GLN B 322 -0.92 -32.29 33.83
N ALA B 323 -0.71 -31.00 34.09
CA ALA B 323 -0.72 -30.01 33.01
C ALA B 323 0.47 -30.21 32.08
N LEU B 324 1.65 -30.46 32.63
CA LEU B 324 2.82 -30.72 31.81
C LEU B 324 2.72 -32.07 31.10
N LEU B 325 2.09 -33.06 31.74
CA LEU B 325 1.88 -34.34 31.07
C LEU B 325 0.91 -34.21 29.91
N THR B 326 -0.13 -33.39 30.07
CA THR B 326 -1.06 -33.14 28.97
C THR B 326 -0.40 -32.35 27.86
N ALA B 327 0.44 -31.37 28.21
CA ALA B 327 1.16 -30.61 27.19
C ALA B 327 2.24 -31.43 26.49
N LEU B 328 2.72 -32.51 27.12
CA LEU B 328 3.52 -33.48 26.40
C LEU B 328 2.66 -34.35 25.49
N MET B 329 1.45 -34.70 25.93
CA MET B 329 0.61 -35.58 25.13
C MET B 329 0.02 -34.86 23.93
N ILE B 330 -0.81 -33.85 24.16
CA ILE B 330 -1.27 -32.98 23.08
C ILE B 330 -0.36 -31.76 23.05
N SER B 331 -0.09 -31.25 21.86
CA SER B 331 0.94 -30.24 21.67
C SER B 331 0.34 -28.84 21.46
N SER B 332 -0.65 -28.46 22.25
CA SER B 332 -1.19 -27.12 22.20
C SER B 332 -1.23 -26.53 23.60
N SER B 333 -0.87 -25.25 23.71
CA SER B 333 -0.93 -24.56 24.98
C SER B 333 -2.32 -24.02 25.29
N SER B 334 -3.18 -23.89 24.28
CA SER B 334 -4.55 -23.45 24.48
C SER B 334 -5.51 -24.59 24.75
N ALA B 335 -5.18 -25.80 24.30
CA ALA B 335 -5.99 -26.97 24.58
C ALA B 335 -5.62 -27.64 25.89
N THR B 336 -4.51 -27.25 26.49
CA THR B 336 -4.09 -27.71 27.80
C THR B 336 -4.69 -26.85 28.90
N LEU B 337 -5.39 -25.78 28.51
CA LEU B 337 -5.85 -24.75 29.44
C LEU B 337 -6.79 -25.20 30.56
N PRO B 338 -7.82 -26.06 30.35
CA PRO B 338 -8.64 -26.45 31.52
C PRO B 338 -7.89 -27.30 32.53
N VAL B 339 -6.90 -28.07 32.07
CA VAL B 339 -6.10 -28.86 32.99
C VAL B 339 -5.20 -27.98 33.85
N THR B 340 -4.64 -26.91 33.28
CA THR B 340 -3.81 -26.05 34.11
C THR B 340 -4.66 -25.12 34.99
N PHE B 341 -5.89 -24.79 34.57
CA PHE B 341 -6.84 -24.18 35.50
C PHE B 341 -7.10 -25.08 36.70
N ARG B 342 -7.34 -26.38 36.47
CA ARG B 342 -7.63 -27.30 37.56
C ARG B 342 -6.41 -27.51 38.46
N CYS B 343 -5.22 -27.63 37.85
CA CYS B 343 -4.02 -27.87 38.64
C CYS B 343 -3.54 -26.64 39.39
N ALA B 344 -3.83 -25.44 38.91
CA ALA B 344 -3.42 -24.26 39.65
C ALA B 344 -4.48 -23.82 40.66
N GLU B 345 -5.74 -24.15 40.42
CA GLU B 345 -6.82 -23.70 41.30
C GLU B 345 -7.00 -24.59 42.51
N GLU B 346 -7.10 -25.91 42.32
CA GLU B 346 -7.46 -26.80 43.42
C GLU B 346 -6.29 -27.57 44.01
N ASN B 347 -5.17 -27.70 43.29
CA ASN B 347 -3.98 -28.32 43.85
C ASN B 347 -3.05 -27.30 44.49
N ASN B 348 -2.77 -26.22 43.78
CA ASN B 348 -2.05 -25.08 44.34
C ASN B 348 -3.07 -24.09 44.88
N GLN B 349 -2.65 -23.26 45.83
CA GLN B 349 -3.54 -22.31 46.48
C GLN B 349 -3.44 -20.97 45.76
N VAL B 350 -3.92 -20.93 44.53
CA VAL B 350 -3.93 -19.73 43.71
C VAL B 350 -5.38 -19.29 43.55
N ASP B 351 -5.64 -18.00 43.76
CA ASP B 351 -7.00 -17.48 43.68
C ASP B 351 -7.51 -17.51 42.25
N LYS B 352 -8.82 -17.63 42.09
CA LYS B 352 -9.42 -17.74 40.77
C LYS B 352 -9.45 -16.41 40.03
N ARG B 353 -9.59 -15.29 40.75
CA ARG B 353 -9.76 -13.99 40.11
C ARG B 353 -8.51 -13.55 39.35
N ILE B 354 -7.35 -14.02 39.78
CA ILE B 354 -6.12 -13.72 39.06
C ILE B 354 -5.85 -14.75 37.96
N THR B 355 -6.26 -16.00 38.19
CA THR B 355 -6.05 -17.07 37.23
C THR B 355 -6.86 -16.83 35.97
N ARG B 356 -8.09 -16.29 36.13
CA ARG B 356 -8.98 -16.01 35.01
C ARG B 356 -8.38 -15.02 34.02
N PHE B 357 -7.48 -14.15 34.47
CA PHE B 357 -6.80 -13.26 33.57
C PHE B 357 -5.45 -13.78 33.12
N VAL B 358 -4.66 -14.38 34.02
CA VAL B 358 -3.27 -14.70 33.70
C VAL B 358 -3.20 -15.88 32.74
N LEU B 359 -4.04 -16.90 32.95
CA LEU B 359 -3.89 -18.11 32.14
C LEU B 359 -4.38 -17.97 30.70
N PRO B 360 -5.59 -17.46 30.38
CA PRO B 360 -5.96 -17.42 28.95
C PRO B 360 -5.24 -16.34 28.16
N VAL B 361 -4.72 -15.30 28.81
CA VAL B 361 -3.94 -14.32 28.09
C VAL B 361 -2.50 -14.79 27.94
N GLY B 362 -1.96 -15.43 28.97
CA GLY B 362 -0.64 -16.00 28.91
C GLY B 362 -0.52 -17.28 28.13
N ALA B 363 -1.62 -17.83 27.64
CA ALA B 363 -1.50 -18.96 26.72
C ALA B 363 -1.21 -18.54 25.29
N THR B 364 -1.26 -17.24 24.98
CA THR B 364 -1.09 -16.79 23.60
C THR B 364 0.04 -15.79 23.39
N ILE B 365 0.41 -15.00 24.39
CA ILE B 365 1.50 -14.04 24.25
C ILE B 365 2.70 -14.36 25.12
N ASN B 366 2.62 -15.35 26.00
CA ASN B 366 3.77 -15.77 26.78
C ASN B 366 4.25 -17.10 26.21
N MET B 367 5.25 -17.03 25.33
CA MET B 367 5.84 -18.22 24.73
C MET B 367 7.35 -18.09 24.85
N ASP B 368 7.92 -18.73 25.87
CA ASP B 368 9.35 -18.67 26.10
C ASP B 368 10.09 -19.70 25.26
N GLY B 369 9.54 -20.91 25.15
CA GLY B 369 10.23 -21.97 24.43
C GLY B 369 10.30 -21.71 22.94
N THR B 370 9.25 -21.12 22.37
CA THR B 370 9.26 -20.76 20.95
C THR B 370 10.25 -19.64 20.67
N ALA B 371 10.40 -18.70 21.62
CA ALA B 371 11.35 -17.61 21.43
C ALA B 371 12.79 -18.10 21.51
N LEU B 372 13.09 -18.96 22.48
CA LEU B 372 14.42 -19.58 22.58
C LEU B 372 14.73 -20.40 21.34
N TYR B 373 13.75 -21.16 20.86
CA TYR B 373 13.85 -21.94 19.64
C TYR B 373 14.16 -21.08 18.43
N GLU B 374 13.48 -19.95 18.27
CA GLU B 374 13.68 -19.13 17.09
C GLU B 374 15.02 -18.42 17.12
N ALA B 375 15.47 -17.99 18.31
CA ALA B 375 16.81 -17.40 18.40
C ALA B 375 17.91 -18.41 18.11
N VAL B 376 17.82 -19.61 18.70
CA VAL B 376 18.83 -20.64 18.47
C VAL B 376 18.83 -21.09 17.01
N ALA B 377 17.64 -21.23 16.41
CA ALA B 377 17.58 -21.67 15.02
C ALA B 377 18.07 -20.60 14.05
N ALA B 378 17.84 -19.32 14.35
CA ALA B 378 18.35 -18.27 13.46
C ALA B 378 19.86 -18.18 13.49
N VAL B 379 20.46 -18.28 14.69
CA VAL B 379 21.92 -18.25 14.73
C VAL B 379 22.52 -19.56 14.21
N PHE B 380 21.77 -20.66 14.27
CA PHE B 380 22.27 -21.92 13.68
C PHE B 380 22.28 -21.86 12.16
N ILE B 381 21.23 -21.27 11.55
CA ILE B 381 21.23 -21.08 10.10
C ILE B 381 22.30 -20.07 9.70
N ALA B 382 22.57 -19.06 10.54
CA ALA B 382 23.64 -18.12 10.23
C ALA B 382 25.03 -18.77 10.31
N GLN B 383 25.24 -19.67 11.25
CA GLN B 383 26.51 -20.38 11.35
C GLN B 383 26.66 -21.48 10.31
N LEU B 384 25.55 -22.00 9.80
CA LEU B 384 25.62 -23.09 8.84
C LEU B 384 26.05 -22.60 7.46
N ASN B 385 25.79 -21.33 7.15
CA ASN B 385 26.16 -20.74 5.87
C ASN B 385 27.49 -19.99 5.94
N ASP B 386 28.30 -20.28 6.96
CA ASP B 386 29.67 -19.77 7.12
C ASP B 386 29.73 -18.25 7.20
N LEU B 387 28.69 -17.63 7.73
CA LEU B 387 28.69 -16.19 7.96
C LEU B 387 29.07 -15.89 9.40
N ASP B 388 29.12 -14.60 9.72
CA ASP B 388 29.35 -14.14 11.09
C ASP B 388 28.34 -13.05 11.42
N LEU B 389 27.63 -13.22 12.52
CA LEU B 389 26.68 -12.22 12.96
C LEU B 389 27.37 -11.18 13.81
N GLY B 390 27.03 -9.91 13.57
CA GLY B 390 27.62 -8.83 14.33
C GLY B 390 26.92 -8.60 15.65
N ILE B 391 26.81 -7.34 16.07
CA ILE B 391 26.08 -7.00 17.27
C ILE B 391 24.83 -6.24 16.84
N GLY B 392 24.70 -6.02 15.54
CA GLY B 392 23.45 -5.48 15.03
C GLY B 392 22.47 -6.57 14.65
N GLN B 393 22.98 -7.66 14.05
CA GLN B 393 22.11 -8.74 13.64
C GLN B 393 21.65 -9.58 14.81
N ILE B 394 22.45 -9.65 15.87
CA ILE B 394 22.03 -10.39 17.07
C ILE B 394 20.93 -9.64 17.80
N ILE B 395 21.01 -8.31 17.85
CA ILE B 395 19.92 -7.56 18.47
C ILE B 395 18.69 -7.54 17.56
N THR B 396 18.87 -7.61 16.24
CA THR B 396 17.69 -7.74 15.36
C THR B 396 17.01 -9.10 15.52
N ILE B 397 17.80 -10.16 15.73
CA ILE B 397 17.24 -11.48 16.03
C ILE B 397 16.53 -11.45 17.38
N SER B 398 17.12 -10.82 18.38
CA SER B 398 16.55 -10.80 19.72
C SER B 398 15.34 -9.89 19.84
N ILE B 399 15.17 -8.92 18.94
CA ILE B 399 13.96 -8.09 18.96
C ILE B 399 12.87 -8.72 18.11
N THR B 400 13.23 -9.33 16.97
CA THR B 400 12.22 -9.96 16.12
C THR B 400 11.64 -11.21 16.76
N ALA B 401 12.43 -11.95 17.52
CA ALA B 401 11.92 -13.17 18.13
C ALA B 401 11.13 -12.90 19.40
N THR B 402 11.46 -11.82 20.13
CA THR B 402 10.70 -11.46 21.32
C THR B 402 9.32 -10.97 20.94
N SER B 403 9.23 -10.05 19.98
CA SER B 403 7.98 -9.43 19.58
C SER B 403 7.27 -10.19 18.48
N ALA B 404 7.45 -11.50 18.41
CA ALA B 404 6.70 -12.35 17.51
C ALA B 404 5.69 -13.22 18.23
N SER B 405 5.67 -13.18 19.57
CA SER B 405 4.57 -13.79 20.30
C SER B 405 3.29 -13.02 20.07
N ILE B 406 3.39 -11.69 20.00
CA ILE B 406 2.26 -10.86 19.59
C ILE B 406 1.93 -11.11 18.12
N GLY B 407 2.95 -11.15 17.27
CA GLY B 407 2.78 -11.19 15.83
C GLY B 407 2.76 -12.56 15.19
N ALA B 408 2.14 -13.52 15.87
CA ALA B 408 1.83 -14.81 15.28
C ALA B 408 0.36 -15.16 15.41
N ALA B 409 -0.45 -14.27 15.98
CA ALA B 409 -1.90 -14.33 16.08
C ALA B 409 -2.42 -15.52 16.90
N GLY B 410 -1.56 -16.15 17.70
CA GLY B 410 -1.96 -17.24 18.56
C GLY B 410 -2.43 -18.49 17.83
N VAL B 411 -1.71 -18.87 16.78
CA VAL B 411 -2.10 -20.01 15.96
C VAL B 411 -0.97 -21.03 15.96
N PRO B 412 -1.26 -22.31 16.18
CA PRO B 412 -0.20 -23.32 16.16
C PRO B 412 0.41 -23.54 14.79
N GLN B 413 -0.36 -23.39 13.71
CA GLN B 413 0.13 -23.67 12.36
C GLN B 413 0.70 -22.42 11.70
N ALA B 414 1.53 -21.67 12.44
CA ALA B 414 2.15 -20.47 11.90
C ALA B 414 3.59 -20.30 12.32
N GLY B 415 4.12 -21.19 13.17
CA GLY B 415 5.45 -21.02 13.72
C GLY B 415 6.55 -21.07 12.68
N LEU B 416 6.36 -21.89 11.63
CA LEU B 416 7.27 -21.92 10.50
C LEU B 416 7.39 -20.56 9.85
N VAL B 417 6.26 -19.85 9.72
CA VAL B 417 6.30 -18.52 9.10
C VAL B 417 7.07 -17.55 9.97
N THR B 418 7.04 -17.75 11.30
CA THR B 418 7.86 -16.92 12.17
C THR B 418 9.34 -17.18 11.97
N MET B 419 9.70 -18.42 11.67
CA MET B 419 11.08 -18.73 11.32
C MET B 419 11.49 -18.13 9.99
N VAL B 420 10.53 -17.79 9.13
CA VAL B 420 10.92 -17.08 7.92
C VAL B 420 11.03 -15.59 8.20
N ILE B 421 10.38 -15.09 9.26
CA ILE B 421 10.46 -13.66 9.54
C ILE B 421 11.82 -13.32 10.13
N VAL B 422 12.26 -14.09 11.14
CA VAL B 422 13.54 -13.86 11.79
C VAL B 422 14.70 -14.00 10.82
N LEU B 423 14.66 -15.04 9.98
CA LEU B 423 15.68 -15.22 8.95
C LEU B 423 15.60 -14.16 7.87
N SER B 424 14.47 -13.50 7.73
CA SER B 424 14.42 -12.37 6.81
C SER B 424 14.53 -11.04 7.53
N ALA B 425 14.69 -11.05 8.85
CA ALA B 425 14.92 -9.80 9.57
C ALA B 425 16.38 -9.40 9.53
N VAL B 426 17.28 -10.35 9.34
CA VAL B 426 18.70 -10.09 9.30
C VAL B 426 19.31 -10.31 7.92
N GLY B 427 18.65 -11.05 7.04
CA GLY B 427 19.13 -11.24 5.70
C GLY B 427 19.73 -12.59 5.41
N LEU B 428 19.31 -13.59 6.05
CA LEU B 428 19.87 -14.91 5.84
C LEU B 428 19.10 -15.64 4.74
N PRO B 429 19.73 -16.61 4.07
CA PRO B 429 19.01 -17.42 3.08
C PRO B 429 18.02 -18.35 3.79
N ALA B 430 16.74 -18.20 3.46
CA ALA B 430 15.67 -18.94 4.10
C ALA B 430 15.59 -20.38 3.63
N GLU B 431 16.33 -20.76 2.59
CA GLU B 431 16.21 -22.10 2.02
C GLU B 431 16.86 -23.18 2.85
N ASP B 432 17.50 -22.83 3.97
CA ASP B 432 17.98 -23.78 4.95
C ASP B 432 16.97 -24.03 6.05
N VAL B 433 15.80 -23.36 6.00
CA VAL B 433 14.66 -23.63 6.88
C VAL B 433 14.23 -25.10 6.80
N THR B 434 14.43 -25.75 5.65
CA THR B 434 14.07 -27.16 5.50
C THR B 434 14.95 -28.08 6.35
N LEU B 435 16.05 -27.57 6.93
CA LEU B 435 16.81 -28.40 7.85
C LEU B 435 16.26 -28.33 9.27
N ILE B 436 15.29 -27.47 9.52
CA ILE B 436 14.70 -27.32 10.85
C ILE B 436 13.33 -27.99 10.92
N ILE B 437 12.56 -27.95 9.82
CA ILE B 437 11.27 -28.62 9.77
C ILE B 437 11.39 -30.13 9.85
N ALA B 438 12.55 -30.68 9.51
CA ALA B 438 12.76 -32.11 9.62
C ALA B 438 12.78 -32.59 11.07
N VAL B 439 13.21 -31.74 12.00
CA VAL B 439 13.35 -32.11 13.40
C VAL B 439 12.40 -31.33 14.30
N ASP B 440 11.44 -30.60 13.73
CA ASP B 440 10.56 -29.74 14.52
C ASP B 440 9.58 -30.53 15.37
N TRP B 441 9.11 -31.68 14.87
CA TRP B 441 8.13 -32.50 15.58
C TRP B 441 8.75 -33.24 16.75
N LEU B 442 10.07 -33.20 16.93
CA LEU B 442 10.70 -33.75 18.12
C LEU B 442 10.74 -32.76 19.26
N LEU B 443 10.79 -31.46 18.96
CA LEU B 443 10.96 -30.43 19.97
C LEU B 443 9.69 -29.63 20.24
N ASP B 444 8.64 -29.81 19.42
CA ASP B 444 7.39 -29.07 19.60
C ASP B 444 6.74 -29.35 20.95
N ARG B 445 6.77 -30.59 21.41
CA ARG B 445 6.13 -30.93 22.68
C ARG B 445 6.90 -30.35 23.87
N PHE B 446 8.23 -30.35 23.79
CA PHE B 446 9.02 -29.74 24.86
C PHE B 446 8.87 -28.24 24.89
N ARG B 447 8.71 -27.60 23.73
CA ARG B 447 8.42 -26.17 23.70
C ARG B 447 7.06 -25.87 24.33
N THR B 448 6.07 -26.71 24.08
CA THR B 448 4.76 -26.54 24.70
C THR B 448 4.85 -26.69 26.22
N MET B 449 5.66 -27.64 26.70
CA MET B 449 5.85 -27.82 28.13
C MET B 449 6.50 -26.59 28.78
N VAL B 450 7.49 -26.00 28.11
CA VAL B 450 8.15 -24.82 28.67
C VAL B 450 7.21 -23.61 28.69
N ASN B 451 6.37 -23.46 27.65
CA ASN B 451 5.39 -22.36 27.63
C ASN B 451 4.39 -22.49 28.78
N VAL B 452 3.85 -23.71 28.97
CA VAL B 452 2.85 -23.95 30.00
C VAL B 452 3.45 -23.78 31.39
N LEU B 453 4.69 -24.22 31.59
CA LEU B 453 5.38 -24.00 32.86
C LEU B 453 5.61 -22.52 33.11
N GLY B 454 5.83 -21.74 32.04
CA GLY B 454 5.99 -20.30 32.19
C GLY B 454 4.77 -19.62 32.75
N ASP B 455 3.60 -19.83 32.12
CA ASP B 455 2.44 -19.12 32.68
C ASP B 455 1.91 -19.76 33.97
N ALA B 456 2.20 -21.05 34.20
CA ALA B 456 1.86 -21.66 35.48
C ALA B 456 2.65 -21.06 36.63
N PHE B 457 3.94 -20.80 36.44
CA PHE B 457 4.70 -20.05 37.43
C PHE B 457 4.22 -18.60 37.52
N GLY B 458 3.74 -18.06 36.38
CA GLY B 458 3.32 -16.67 36.35
C GLY B 458 2.13 -16.35 37.22
N THR B 459 1.18 -17.29 37.33
CA THR B 459 0.04 -17.10 38.24
C THR B 459 0.49 -16.86 39.68
N GLY B 460 1.39 -17.72 40.19
CA GLY B 460 1.84 -17.58 41.55
C GLY B 460 2.70 -16.35 41.76
N ILE B 461 3.52 -15.99 40.76
CA ILE B 461 4.38 -14.82 40.89
C ILE B 461 3.55 -13.53 40.92
N VAL B 462 2.56 -13.40 40.02
CA VAL B 462 1.71 -12.22 40.04
C VAL B 462 0.79 -12.20 41.27
N GLU B 463 0.43 -13.38 41.82
CA GLU B 463 -0.38 -13.40 43.03
C GLU B 463 0.39 -12.89 44.24
N LYS B 464 1.62 -13.36 44.43
CA LYS B 464 2.41 -12.89 45.56
C LYS B 464 2.89 -11.45 45.35
N LEU B 465 2.97 -11.00 44.10
CA LEU B 465 3.46 -9.65 43.83
C LEU B 465 2.46 -8.59 44.27
N SER B 466 1.17 -8.80 44.04
CA SER B 466 0.13 -7.81 44.36
C SER B 466 -0.95 -8.48 45.18
N LYS B 467 -1.02 -8.14 46.47
CA LYS B 467 -2.06 -8.65 47.35
C LYS B 467 -3.03 -7.57 47.82
N LYS B 468 -2.74 -6.30 47.55
CA LYS B 468 -3.63 -5.23 47.99
C LYS B 468 -4.90 -5.18 47.15
N GLU B 469 -4.79 -5.50 45.86
CA GLU B 469 -5.93 -5.41 44.95
C GLU B 469 -6.98 -6.47 45.24
N LEU B 470 -6.56 -7.65 45.69
CA LEU B 470 -7.53 -8.68 46.04
C LEU B 470 -8.30 -8.31 47.30
N GLU B 471 -7.64 -7.68 48.27
CA GLU B 471 -8.36 -7.18 49.44
C GLU B 471 -9.28 -6.03 49.07
N GLN B 472 -8.84 -5.15 48.17
CA GLN B 472 -9.65 -4.00 47.76
C GLN B 472 -10.87 -4.43 46.97
N MET B 473 -10.75 -5.53 46.22
CA MET B 473 -11.90 -6.09 45.51
C MET B 473 -12.67 -7.10 46.35
N ASP B 474 -12.15 -7.49 47.50
CA ASP B 474 -12.88 -8.36 48.42
C ASP B 474 -13.73 -7.58 49.41
N VAL B 475 -13.32 -6.35 49.76
CA VAL B 475 -14.17 -5.53 50.61
C VAL B 475 -15.19 -4.73 49.81
N SER B 476 -14.97 -4.56 48.51
CA SER B 476 -15.87 -3.77 47.68
C SER B 476 -15.80 -4.21 46.22
N GLU C 10 0.41 28.25 41.25
CA GLU C 10 0.02 27.68 39.96
C GLU C 10 1.23 27.50 39.05
N TRP C 11 2.16 26.67 39.49
CA TRP C 11 3.39 26.42 38.74
C TRP C 11 3.28 25.20 37.84
N LYS C 12 2.68 24.11 38.32
CA LYS C 12 2.56 22.91 37.51
C LYS C 12 1.46 23.03 36.47
N ARG C 13 0.40 23.77 36.78
CA ARG C 13 -0.68 23.98 35.81
C ARG C 13 -0.23 24.83 34.64
N PHE C 14 0.66 25.80 34.90
CA PHE C 14 1.21 26.61 33.81
C PHE C 14 2.15 25.79 32.93
N LEU C 15 2.84 24.81 33.52
CA LEU C 15 3.69 23.93 32.72
C LEU C 15 2.83 22.96 31.91
N LYS C 16 1.73 22.50 32.47
CA LYS C 16 0.86 21.59 31.73
C LYS C 16 0.09 22.31 30.64
N ASN C 17 -0.14 23.62 30.80
CA ASN C 17 -0.87 24.38 29.80
C ASN C 17 0.02 24.74 28.61
N ASN C 18 1.22 25.22 28.89
CA ASN C 18 2.10 25.83 27.89
C ASN C 18 3.37 25.03 27.67
N TRP C 19 3.26 23.71 27.50
CA TRP C 19 4.45 22.87 27.42
C TRP C 19 5.18 23.04 26.09
N VAL C 20 4.44 23.34 25.02
CA VAL C 20 5.02 23.36 23.68
C VAL C 20 5.98 24.53 23.51
N LEU C 21 5.49 25.76 23.76
CA LEU C 21 6.32 26.95 23.60
C LEU C 21 7.47 26.97 24.59
N LEU C 22 7.20 26.56 25.83
CA LEU C 22 8.24 26.56 26.86
C LEU C 22 9.33 25.54 26.55
N SER C 23 8.94 24.37 26.05
CA SER C 23 9.95 23.37 25.77
C SER C 23 10.73 23.69 24.50
N THR C 24 10.09 24.34 23.52
CA THR C 24 10.82 24.77 22.32
C THR C 24 11.83 25.87 22.65
N VAL C 25 11.43 26.85 23.47
CA VAL C 25 12.33 27.92 23.89
C VAL C 25 13.48 27.37 24.73
N ALA C 26 13.20 26.43 25.64
CA ALA C 26 14.25 25.83 26.45
C ALA C 26 15.21 25.01 25.59
N ALA C 27 14.70 24.34 24.55
CA ALA C 27 15.55 23.56 23.67
C ALA C 27 16.45 24.47 22.84
N VAL C 28 15.94 25.61 22.37
CA VAL C 28 16.76 26.55 21.61
C VAL C 28 17.85 27.15 22.49
N VAL C 29 17.49 27.53 23.72
CA VAL C 29 18.46 28.14 24.64
C VAL C 29 19.55 27.13 25.03
N LEU C 30 19.15 25.90 25.35
CA LEU C 30 20.12 24.87 25.71
C LEU C 30 20.99 24.48 24.53
N GLY C 31 20.44 24.47 23.31
CA GLY C 31 21.25 24.14 22.15
C GLY C 31 22.27 25.20 21.84
N ILE C 32 21.89 26.48 21.99
CA ILE C 32 22.85 27.57 21.76
C ILE C 32 23.95 27.56 22.80
N THR C 33 23.61 27.39 24.08
CA THR C 33 24.66 27.41 25.09
C THR C 33 25.51 26.14 25.06
N THR C 34 24.94 25.02 24.57
CA THR C 34 25.73 23.81 24.43
C THR C 34 26.71 23.91 23.27
N GLY C 35 26.26 24.50 22.15
CA GLY C 35 27.17 24.70 21.04
C GLY C 35 28.27 25.69 21.35
N VAL C 36 27.95 26.72 22.13
CA VAL C 36 28.98 27.68 22.54
C VAL C 36 29.97 27.03 23.50
N LEU C 37 29.50 26.28 24.50
CA LEU C 37 30.39 25.66 25.45
C LEU C 37 31.17 24.48 24.88
N VAL C 38 30.72 23.89 23.77
CA VAL C 38 31.50 22.85 23.11
C VAL C 38 32.51 23.45 22.15
N ARG C 39 32.15 24.53 21.47
CA ARG C 39 33.04 25.16 20.51
C ARG C 39 34.25 25.81 21.18
N GLU C 40 34.12 26.21 22.44
CA GLU C 40 35.20 26.85 23.17
C GLU C 40 35.85 25.90 24.19
N HIS C 41 35.70 24.60 24.02
CA HIS C 41 36.35 23.66 24.92
C HIS C 41 37.05 22.53 24.17
N ARG C 42 36.58 22.22 22.97
CA ARG C 42 37.12 21.10 22.22
C ARG C 42 36.79 21.27 20.74
N ASN C 43 37.78 21.01 19.90
CA ASN C 43 37.52 20.92 18.47
C ASN C 43 36.83 19.59 18.17
N LEU C 44 36.14 19.54 17.03
CA LEU C 44 35.44 18.34 16.62
C LEU C 44 35.80 18.03 15.18
N SER C 45 36.09 16.76 14.89
CA SER C 45 36.45 16.35 13.54
C SER C 45 35.19 16.23 12.69
N THR C 46 35.37 15.77 11.45
CA THR C 46 34.23 15.64 10.55
C THR C 46 33.36 14.44 10.95
N LEU C 47 33.96 13.39 11.50
CA LEU C 47 33.19 12.22 11.86
C LEU C 47 32.41 12.43 13.15
N GLU C 48 33.03 13.00 14.18
CA GLU C 48 32.34 13.20 15.44
C GLU C 48 31.45 14.45 15.43
N LYS C 49 31.41 15.19 14.32
CA LYS C 49 30.34 16.15 14.09
C LYS C 49 29.10 15.50 13.50
N PHE C 50 29.20 14.22 13.10
CA PHE C 50 28.05 13.48 12.62
C PHE C 50 27.39 12.66 13.72
N TYR C 51 28.16 12.16 14.68
CA TYR C 51 27.58 11.46 15.81
C TYR C 51 26.97 12.40 16.82
N PHE C 52 27.32 13.69 16.78
CA PHE C 52 26.77 14.66 17.70
C PHE C 52 25.41 15.15 17.25
N ALA C 53 25.14 15.13 15.94
CA ALA C 53 23.86 15.52 15.37
C ALA C 53 23.04 14.32 14.96
N PHE C 54 23.08 13.25 15.74
CA PHE C 54 22.31 12.04 15.50
C PHE C 54 20.86 12.08 16.01
N PRO C 55 20.52 12.65 17.19
CA PRO C 55 19.09 12.78 17.51
C PRO C 55 18.32 13.69 16.56
N GLY C 56 18.96 14.70 15.99
CA GLY C 56 18.33 15.47 14.94
C GLY C 56 18.11 14.68 13.67
N GLU C 57 19.00 13.74 13.36
CA GLU C 57 18.80 12.88 12.20
C GLU C 57 17.64 11.92 12.43
N ILE C 58 17.51 11.40 13.65
CA ILE C 58 16.37 10.54 13.96
C ILE C 58 15.07 11.33 13.93
N LEU C 59 15.10 12.59 14.35
CA LEU C 59 13.90 13.43 14.26
C LEU C 59 13.53 13.72 12.81
N MET C 60 14.51 14.00 11.96
CA MET C 60 14.24 14.25 10.56
C MET C 60 13.84 12.99 9.80
N ARG C 61 14.16 11.80 10.31
CA ARG C 61 13.60 10.57 9.75
C ARG C 61 12.17 10.34 10.21
N MET C 62 11.88 10.63 11.48
CA MET C 62 10.52 10.48 12.00
C MET C 62 9.54 11.46 11.37
N LEU C 63 10.02 12.64 10.99
CA LEU C 63 9.12 13.61 10.37
C LEU C 63 8.80 13.24 8.94
N LYS C 64 9.75 12.67 8.20
CA LYS C 64 9.50 12.22 6.84
C LYS C 64 8.81 10.87 6.78
N LEU C 65 8.78 10.14 7.90
CA LEU C 65 8.05 8.88 7.94
C LEU C 65 6.54 9.10 7.85
N ILE C 66 6.05 10.21 8.39
CA ILE C 66 4.63 10.38 8.68
C ILE C 66 3.90 11.16 7.61
N ILE C 67 4.60 11.79 6.66
CA ILE C 67 3.91 12.66 5.71
C ILE C 67 3.13 11.86 4.66
N LEU C 68 3.49 10.61 4.41
CA LEU C 68 2.79 9.85 3.39
C LEU C 68 1.40 9.37 3.85
N PRO C 69 1.18 8.88 5.07
CA PRO C 69 -0.22 8.71 5.49
C PRO C 69 -0.92 10.02 5.78
N LEU C 70 -0.17 11.06 6.14
CA LEU C 70 -0.76 12.34 6.48
C LEU C 70 -1.43 12.99 5.28
N ILE C 71 -0.72 13.07 4.15
CA ILE C 71 -1.32 13.77 3.01
C ILE C 71 -2.46 12.97 2.41
N ILE C 72 -2.38 11.63 2.46
CA ILE C 72 -3.45 10.80 1.90
C ILE C 72 -4.72 10.92 2.72
N SER C 73 -4.62 10.65 4.03
CA SER C 73 -5.79 10.70 4.90
C SER C 73 -6.35 12.12 5.02
N SER C 74 -5.46 13.11 5.13
CA SER C 74 -5.90 14.48 5.31
C SER C 74 -6.55 15.04 4.06
N MET C 75 -6.00 14.77 2.88
CA MET C 75 -6.61 15.30 1.66
C MET C 75 -7.94 14.62 1.37
N ILE C 76 -8.04 13.30 1.62
CA ILE C 76 -9.29 12.60 1.34
C ILE C 76 -10.40 13.06 2.28
N THR C 77 -10.14 13.11 3.60
CA THR C 77 -11.20 13.53 4.51
C THR C 77 -11.47 15.02 4.40
N GLY C 78 -10.46 15.82 4.05
CA GLY C 78 -10.68 17.24 3.94
C GLY C 78 -11.56 17.61 2.77
N VAL C 79 -11.29 17.02 1.60
CA VAL C 79 -12.13 17.37 0.46
C VAL C 79 -13.48 16.65 0.52
N ALA C 80 -13.59 15.51 1.23
CA ALA C 80 -14.90 14.90 1.40
C ALA C 80 -15.77 15.70 2.35
N ALA C 81 -15.23 16.14 3.49
CA ALA C 81 -16.00 16.97 4.42
C ALA C 81 -16.27 18.35 3.84
N LEU C 82 -15.40 18.85 2.98
CA LEU C 82 -15.67 20.13 2.31
C LEU C 82 -16.76 19.98 1.26
N ASP C 83 -16.81 18.84 0.55
CA ASP C 83 -17.92 18.60 -0.36
C ASP C 83 -19.22 18.41 0.39
N SER C 84 -19.15 17.87 1.61
CA SER C 84 -20.35 17.75 2.44
C SER C 84 -20.83 19.08 3.00
N ASN C 85 -19.92 19.98 3.38
CA ASN C 85 -20.32 21.24 3.98
C ASN C 85 -20.95 22.20 2.99
N VAL C 86 -20.47 22.23 1.75
CA VAL C 86 -21.05 23.08 0.72
C VAL C 86 -22.42 22.54 0.32
N SER C 87 -23.45 23.35 0.51
CA SER C 87 -24.82 22.94 0.28
C SER C 87 -25.47 23.71 -0.87
N GLY C 88 -25.49 25.04 -0.80
CA GLY C 88 -26.20 25.81 -1.80
C GLY C 88 -25.33 26.75 -2.59
N LYS C 89 -25.56 28.06 -2.45
CA LYS C 89 -24.74 29.06 -3.10
C LYS C 89 -23.90 29.88 -2.13
N ILE C 90 -24.16 29.78 -0.83
CA ILE C 90 -23.24 30.36 0.14
C ILE C 90 -21.95 29.56 0.18
N GLY C 91 -22.06 28.24 -0.01
CA GLY C 91 -20.89 27.38 0.08
C GLY C 91 -19.89 27.59 -1.04
N VAL C 92 -20.38 27.67 -2.27
CA VAL C 92 -19.50 27.83 -3.42
C VAL C 92 -18.83 29.19 -3.39
N ARG C 93 -19.57 30.23 -2.97
CA ARG C 93 -18.99 31.56 -2.87
C ARG C 93 -17.92 31.64 -1.78
N ALA C 94 -18.18 31.01 -0.62
CA ALA C 94 -17.18 31.02 0.45
C ALA C 94 -15.94 30.22 0.07
N VAL C 95 -16.11 29.09 -0.63
CA VAL C 95 -14.96 28.26 -0.97
C VAL C 95 -14.11 28.94 -2.05
N VAL C 96 -14.76 29.56 -3.04
CA VAL C 96 -14.04 30.29 -4.08
C VAL C 96 -13.29 31.48 -3.47
N TYR C 97 -13.91 32.16 -2.50
CA TYR C 97 -13.22 33.25 -1.81
C TYR C 97 -12.00 32.76 -1.05
N TYR C 98 -12.14 31.65 -0.33
CA TYR C 98 -11.04 31.11 0.48
C TYR C 98 -9.85 30.75 -0.39
N PHE C 99 -10.09 30.05 -1.49
CA PHE C 99 -8.95 29.62 -2.29
C PHE C 99 -8.37 30.73 -3.13
N CYS C 100 -9.15 31.74 -3.53
CA CYS C 100 -8.57 32.90 -4.20
C CYS C 100 -7.69 33.71 -3.26
N THR C 101 -8.11 33.92 -2.00
CA THR C 101 -7.25 34.70 -1.11
C THR C 101 -6.01 33.91 -0.68
N THR C 102 -6.11 32.58 -0.54
CA THR C 102 -4.92 31.79 -0.24
C THR C 102 -3.93 31.81 -1.40
N LEU C 103 -4.43 31.77 -2.65
CA LEU C 103 -3.54 31.87 -3.80
C LEU C 103 -2.89 33.24 -3.91
N ILE C 104 -3.64 34.31 -3.59
CA ILE C 104 -3.07 35.65 -3.62
C ILE C 104 -2.00 35.82 -2.56
N ALA C 105 -2.21 35.24 -1.38
CA ALA C 105 -1.21 35.31 -0.32
C ALA C 105 0.06 34.54 -0.68
N VAL C 106 -0.09 33.38 -1.33
CA VAL C 106 1.07 32.60 -1.74
C VAL C 106 1.88 33.34 -2.81
N ILE C 107 1.19 33.95 -3.78
CA ILE C 107 1.88 34.69 -4.84
C ILE C 107 2.59 35.91 -4.27
N LEU C 108 1.97 36.60 -3.30
CA LEU C 108 2.61 37.74 -2.66
C LEU C 108 3.85 37.31 -1.87
N GLY C 109 3.79 36.16 -1.20
CA GLY C 109 4.95 35.68 -0.47
C GLY C 109 6.10 35.30 -1.36
N ILE C 110 5.81 34.64 -2.48
CA ILE C 110 6.86 34.26 -3.44
C ILE C 110 7.51 35.49 -4.05
N VAL C 111 6.72 36.49 -4.42
CA VAL C 111 7.24 37.73 -5.00
C VAL C 111 8.13 38.47 -4.01
N LEU C 112 7.70 38.55 -2.75
CA LEU C 112 8.48 39.27 -1.74
C LEU C 112 9.77 38.53 -1.41
N VAL C 113 9.76 37.20 -1.39
CA VAL C 113 10.98 36.51 -1.00
C VAL C 113 11.97 36.42 -2.15
N VAL C 114 11.52 36.46 -3.41
CA VAL C 114 12.50 36.53 -4.51
C VAL C 114 12.89 37.96 -4.84
N SER C 115 12.20 38.95 -4.28
CA SER C 115 12.66 40.32 -4.45
C SER C 115 13.61 40.77 -3.35
N ILE C 116 13.31 40.44 -2.10
CA ILE C 116 14.18 40.85 -0.99
C ILE C 116 15.43 39.99 -0.94
N LYS C 117 15.29 38.70 -1.26
CA LYS C 117 16.32 37.66 -1.22
C LYS C 117 17.04 37.57 0.12
N PRO C 118 16.41 37.03 1.18
CA PRO C 118 17.18 36.70 2.37
C PRO C 118 17.79 35.31 2.24
N GLY C 119 19.08 35.20 2.56
CA GLY C 119 19.80 33.94 2.48
C GLY C 119 20.99 33.97 1.54
N VAL C 120 20.91 34.75 0.48
CA VAL C 120 22.06 34.88 -0.42
C VAL C 120 23.10 35.77 0.23
N THR C 121 24.37 35.46 -0.03
CA THR C 121 25.48 36.02 0.72
C THR C 121 25.80 37.43 0.25
N GLN C 122 26.17 38.27 1.20
CA GLN C 122 26.54 39.65 0.90
C GLN C 122 28.06 39.78 0.74
N VAL C 136 19.34 24.60 -19.11
CA VAL C 136 18.03 23.99 -18.92
C VAL C 136 17.03 24.52 -19.95
N SER C 137 15.78 24.16 -19.76
CA SER C 137 14.68 24.65 -20.60
C SER C 137 13.42 24.65 -19.75
N THR C 138 12.76 25.80 -19.64
CA THR C 138 11.55 25.89 -18.84
C THR C 138 10.38 25.17 -19.47
N VAL C 139 10.41 24.96 -20.79
CA VAL C 139 9.37 24.19 -21.47
C VAL C 139 9.32 22.77 -20.97
N ASP C 140 10.47 22.13 -20.79
CA ASP C 140 10.51 20.78 -20.24
C ASP C 140 10.11 20.70 -18.79
N ALA C 141 10.48 21.68 -17.96
CA ALA C 141 10.10 21.66 -16.55
C ALA C 141 8.60 21.87 -16.36
N MET C 142 8.01 22.79 -17.11
CA MET C 142 6.57 23.01 -17.00
C MET C 142 5.75 21.91 -17.64
N LEU C 143 6.38 20.96 -18.34
CA LEU C 143 5.70 19.74 -18.76
C LEU C 143 5.96 18.57 -17.84
N ASP C 144 7.12 18.52 -17.16
CA ASP C 144 7.31 17.52 -16.11
C ASP C 144 6.41 17.77 -14.92
N LEU C 145 5.97 19.02 -14.71
CA LEU C 145 4.93 19.28 -13.72
C LEU C 145 3.65 18.51 -14.02
N ILE C 146 3.13 18.63 -15.24
CA ILE C 146 1.93 17.92 -15.63
C ILE C 146 2.17 16.42 -15.76
N ARG C 147 3.39 16.01 -16.08
CA ARG C 147 3.70 14.58 -16.09
C ARG C 147 3.76 14.00 -14.69
N ASN C 148 4.06 14.81 -13.68
CA ASN C 148 4.07 14.37 -12.30
C ASN C 148 2.72 14.50 -11.61
N MET C 149 1.80 15.28 -12.17
CA MET C 149 0.46 15.30 -11.60
C MET C 149 -0.32 14.02 -11.88
N PHE C 150 0.00 13.31 -12.97
CA PHE C 150 -0.62 12.03 -13.32
C PHE C 150 0.47 10.98 -13.41
N PRO C 151 0.80 10.31 -12.31
CA PRO C 151 1.89 9.33 -12.34
C PRO C 151 1.46 8.03 -13.01
N GLU C 152 2.46 7.30 -13.51
CA GLU C 152 2.19 6.04 -14.20
C GLU C 152 1.97 4.88 -13.25
N ASN C 153 2.20 5.06 -11.96
CA ASN C 153 1.98 3.99 -11.00
C ASN C 153 1.69 4.64 -9.66
N LEU C 154 0.79 4.03 -8.90
CA LEU C 154 0.32 4.66 -7.68
C LEU C 154 1.12 4.26 -6.45
N VAL C 155 1.86 3.16 -6.51
CA VAL C 155 2.76 2.78 -5.43
C VAL C 155 4.12 3.43 -5.61
N GLN C 156 4.59 3.56 -6.86
CA GLN C 156 5.83 4.27 -7.12
C GLN C 156 5.68 5.78 -6.94
N ALA C 157 4.46 6.31 -6.90
CA ALA C 157 4.28 7.71 -6.58
C ALA C 157 4.58 8.00 -5.12
N CYS C 158 4.60 6.99 -4.28
CA CYS C 158 4.92 7.16 -2.87
C CYS C 158 6.41 7.29 -2.62
N PHE C 159 7.28 6.98 -3.58
CA PHE C 159 8.69 7.23 -3.36
C PHE C 159 9.50 7.74 -4.54
N GLN C 160 8.97 7.86 -5.75
CA GLN C 160 9.84 8.28 -6.85
C GLN C 160 9.13 9.20 -7.83
N GLN C 161 9.90 10.09 -8.44
CA GLN C 161 9.44 11.17 -9.30
C GLN C 161 9.95 10.98 -10.72
N TYR C 162 9.36 11.74 -11.64
CA TYR C 162 9.70 11.69 -13.05
C TYR C 162 10.47 12.95 -13.45
N LYS C 163 11.38 12.80 -14.41
CA LYS C 163 12.11 13.95 -14.92
C LYS C 163 12.58 13.65 -16.34
N THR C 164 12.36 14.60 -17.24
CA THR C 164 12.81 14.47 -18.62
C THR C 164 13.97 15.40 -18.90
N LYS C 165 14.94 14.92 -19.66
CA LYS C 165 16.03 15.72 -20.18
C LYS C 165 16.02 15.64 -21.70
N ARG C 166 16.71 16.58 -22.32
CA ARG C 166 16.81 16.67 -23.77
C ARG C 166 18.15 16.09 -24.21
N GLU C 167 18.10 15.03 -25.02
CA GLU C 167 19.30 14.36 -25.49
C GLU C 167 19.36 14.46 -27.01
N GLU C 168 20.55 14.78 -27.52
CA GLU C 168 20.72 14.94 -28.96
C GLU C 168 20.73 13.58 -29.65
N VAL C 169 20.21 13.55 -30.87
CA VAL C 169 20.11 12.32 -31.65
C VAL C 169 21.20 12.33 -32.72
N LYS C 170 21.65 11.15 -33.12
CA LYS C 170 22.73 11.03 -34.07
C LYS C 170 22.29 10.16 -35.25
N PRO C 171 22.33 10.66 -36.49
CA PRO C 171 21.99 9.88 -37.68
C PRO C 171 23.08 8.88 -38.05
N LYS C 196 21.18 18.57 -41.66
CA LYS C 196 22.14 19.64 -41.38
C LYS C 196 21.81 20.35 -40.08
N THR C 197 20.54 20.33 -39.71
CA THR C 197 20.09 21.02 -38.51
C THR C 197 20.34 20.18 -37.26
N LYS C 198 20.29 20.83 -36.12
CA LYS C 198 20.48 20.18 -34.83
C LYS C 198 19.11 19.73 -34.31
N GLU C 199 18.91 18.43 -34.21
CA GLU C 199 17.65 17.87 -33.74
C GLU C 199 17.89 17.05 -32.47
N TYR C 200 16.97 17.19 -31.51
CA TYR C 200 17.05 16.49 -30.24
C TYR C 200 15.85 15.55 -30.09
N LYS C 201 15.86 14.81 -28.99
CA LYS C 201 14.71 14.06 -28.52
C LYS C 201 14.68 14.15 -27.01
N ILE C 202 13.67 13.53 -26.40
CA ILE C 202 13.41 13.69 -24.97
C ILE C 202 13.47 12.32 -24.31
N VAL C 203 14.29 12.21 -23.26
CA VAL C 203 14.46 10.97 -22.52
C VAL C 203 14.07 11.22 -21.08
N GLY C 204 13.15 10.41 -20.56
CA GLY C 204 12.66 10.55 -19.21
C GLY C 204 13.18 9.44 -18.31
N MET C 205 13.28 9.73 -17.02
CA MET C 205 13.73 8.74 -16.06
C MET C 205 13.11 9.05 -14.71
N TYR C 206 13.10 8.03 -13.85
CA TYR C 206 12.52 8.13 -12.51
C TYR C 206 13.63 8.29 -11.48
N SER C 207 13.62 9.39 -10.77
CA SER C 207 14.57 9.65 -9.69
C SER C 207 13.88 9.46 -8.35
N ASP C 208 14.66 9.51 -7.27
CA ASP C 208 14.12 9.19 -5.96
C ASP C 208 13.56 10.45 -5.29
N GLY C 209 12.67 10.23 -4.32
CA GLY C 209 11.96 11.27 -3.60
C GLY C 209 10.47 11.21 -3.88
N ILE C 210 9.67 11.53 -2.86
CA ILE C 210 8.24 11.30 -2.93
C ILE C 210 7.58 12.26 -3.92
N ASN C 211 6.52 11.80 -4.57
CA ASN C 211 5.76 12.58 -5.54
C ASN C 211 4.56 13.15 -4.82
N VAL C 212 4.66 14.41 -4.37
CA VAL C 212 3.59 14.99 -3.58
C VAL C 212 2.46 15.49 -4.45
N LEU C 213 2.77 15.95 -5.68
CA LEU C 213 1.73 16.45 -6.57
C LEU C 213 0.82 15.33 -7.06
N GLY C 214 1.38 14.16 -7.34
CA GLY C 214 0.57 13.05 -7.79
C GLY C 214 -0.36 12.52 -6.71
N LEU C 215 0.13 12.43 -5.48
CA LEU C 215 -0.70 12.00 -4.36
C LEU C 215 -1.76 13.05 -4.02
N ILE C 216 -1.42 14.34 -4.13
CA ILE C 216 -2.39 15.39 -3.84
C ILE C 216 -3.50 15.39 -4.86
N VAL C 217 -3.17 15.26 -6.15
CA VAL C 217 -4.19 15.28 -7.20
C VAL C 217 -5.05 14.03 -7.14
N PHE C 218 -4.45 12.86 -6.95
CA PHE C 218 -5.26 11.64 -6.88
C PHE C 218 -6.12 11.60 -5.62
N CYS C 219 -5.64 12.12 -4.49
CA CYS C 219 -6.47 12.14 -3.30
C CYS C 219 -7.58 13.17 -3.41
N LEU C 220 -7.35 14.27 -4.13
CA LEU C 220 -8.43 15.21 -4.43
C LEU C 220 -9.53 14.56 -5.24
N VAL C 221 -9.17 13.87 -6.32
CA VAL C 221 -10.16 13.24 -7.18
C VAL C 221 -10.86 12.09 -6.46
N PHE C 222 -10.12 11.31 -5.67
CA PHE C 222 -10.70 10.20 -4.93
C PHE C 222 -11.65 10.66 -3.83
N GLY C 223 -11.30 11.74 -3.12
CA GLY C 223 -12.21 12.25 -2.11
C GLY C 223 -13.44 12.90 -2.69
N LEU C 224 -13.30 13.57 -3.84
CA LEU C 224 -14.48 14.11 -4.51
C LEU C 224 -15.38 13.00 -5.04
N VAL C 225 -14.80 11.86 -5.42
CA VAL C 225 -15.61 10.75 -5.91
C VAL C 225 -16.35 10.08 -4.76
N ILE C 226 -15.65 9.75 -3.67
CA ILE C 226 -16.33 9.05 -2.58
C ILE C 226 -17.19 9.97 -1.73
N GLY C 227 -17.05 11.29 -1.87
CA GLY C 227 -17.93 12.17 -1.15
C GLY C 227 -19.27 12.32 -1.83
N LYS C 228 -19.34 11.93 -3.10
CA LYS C 228 -20.53 12.05 -3.91
C LYS C 228 -21.25 10.73 -4.13
N MET C 229 -20.73 9.62 -3.60
CA MET C 229 -21.36 8.33 -3.76
C MET C 229 -22.44 8.07 -2.73
N GLY C 230 -22.48 8.84 -1.66
CA GLY C 230 -23.57 8.77 -0.70
C GLY C 230 -23.38 7.64 0.30
N GLU C 231 -24.34 6.72 0.34
CA GLU C 231 -24.30 5.62 1.30
C GLU C 231 -23.35 4.52 0.88
N LYS C 232 -23.18 4.32 -0.44
CA LYS C 232 -22.33 3.25 -0.94
C LYS C 232 -20.85 3.50 -0.69
N GLY C 233 -20.47 4.72 -0.39
CA GLY C 233 -19.08 5.04 -0.10
C GLY C 233 -18.92 5.68 1.26
N GLN C 234 -19.63 5.18 2.26
CA GLN C 234 -19.51 5.69 3.61
C GLN C 234 -18.48 4.93 4.42
N ILE C 235 -18.22 3.67 4.07
CA ILE C 235 -17.20 2.91 4.78
C ILE C 235 -15.81 3.44 4.45
N LEU C 236 -15.61 3.93 3.22
CA LEU C 236 -14.34 4.54 2.87
C LEU C 236 -14.12 5.85 3.61
N VAL C 237 -15.17 6.67 3.75
CA VAL C 237 -15.06 7.93 4.46
C VAL C 237 -14.80 7.70 5.95
N ASP C 238 -15.45 6.69 6.54
CA ASP C 238 -15.18 6.36 7.94
C ASP C 238 -13.78 5.80 8.13
N PHE C 239 -13.30 4.99 7.19
CA PHE C 239 -11.96 4.42 7.26
C PHE C 239 -10.90 5.52 7.20
N PHE C 240 -11.05 6.47 6.27
CA PHE C 240 -10.04 7.51 6.17
C PHE C 240 -10.18 8.54 7.27
N ASN C 241 -11.37 8.72 7.85
CA ASN C 241 -11.50 9.57 9.03
C ASN C 241 -10.75 9.00 10.22
N ALA C 242 -10.91 7.69 10.46
CA ALA C 242 -10.18 7.06 11.56
C ALA C 242 -8.68 7.03 11.30
N LEU C 243 -8.29 6.86 10.04
CA LEU C 243 -6.87 6.91 9.69
C LEU C 243 -6.28 8.30 9.90
N SER C 244 -7.06 9.34 9.62
CA SER C 244 -6.60 10.71 9.86
C SER C 244 -6.44 11.01 11.33
N ASP C 245 -7.37 10.53 12.16
CA ASP C 245 -7.24 10.75 13.61
C ASP C 245 -6.04 10.01 14.20
N ALA C 246 -5.79 8.78 13.73
CA ALA C 246 -4.62 8.04 14.20
C ALA C 246 -3.32 8.71 13.75
N THR C 247 -3.30 9.26 12.54
CA THR C 247 -2.11 9.94 12.06
C THR C 247 -1.84 11.23 12.83
N MET C 248 -2.89 11.96 13.21
CA MET C 248 -2.66 13.16 14.00
C MET C 248 -2.18 12.82 15.41
N LYS C 249 -2.61 11.69 15.97
CA LYS C 249 -2.07 11.29 17.27
C LYS C 249 -0.59 10.90 17.17
N ILE C 250 -0.20 10.23 16.10
CA ILE C 250 1.23 9.89 15.94
C ILE C 250 2.07 11.15 15.69
N VAL C 251 1.50 12.15 15.01
CA VAL C 251 2.20 13.42 14.83
C VAL C 251 2.37 14.13 16.16
N GLN C 252 1.38 14.02 17.07
CA GLN C 252 1.54 14.59 18.40
C GLN C 252 2.63 13.88 19.21
N ILE C 253 2.79 12.56 19.02
CA ILE C 253 3.87 11.85 19.68
C ILE C 253 5.25 12.32 19.18
N ILE C 254 5.37 12.47 17.86
CA ILE C 254 6.62 12.95 17.26
C ILE C 254 6.94 14.37 17.74
N MET C 255 5.92 15.22 17.84
CA MET C 255 6.13 16.57 18.37
C MET C 255 6.45 16.57 19.86
N CYS C 256 6.06 15.53 20.59
CA CYS C 256 6.54 15.41 21.96
C CYS C 256 8.01 15.04 22.01
N TYR C 257 8.49 14.28 21.01
CA TYR C 257 9.94 14.01 20.97
C TYR C 257 10.75 15.22 20.51
N MET C 258 10.16 16.05 19.64
CA MET C 258 10.86 17.09 18.86
C MET C 258 11.90 17.99 19.56
N PRO C 259 11.74 18.47 20.81
CA PRO C 259 12.73 19.43 21.34
C PRO C 259 14.12 18.87 21.58
N LEU C 260 14.27 17.58 21.88
CA LEU C 260 15.60 16.98 21.96
C LEU C 260 16.29 17.00 20.60
N GLY C 261 15.53 16.68 19.55
CA GLY C 261 16.08 16.72 18.22
C GLY C 261 16.49 18.10 17.78
N ILE C 262 15.66 19.11 18.06
CA ILE C 262 16.06 20.45 17.65
C ILE C 262 17.16 21.02 18.54
N LEU C 263 17.30 20.51 19.78
CA LEU C 263 18.44 20.90 20.60
C LEU C 263 19.75 20.45 19.98
N PHE C 264 19.83 19.17 19.62
CA PHE C 264 21.08 18.67 19.03
C PHE C 264 21.29 19.22 17.62
N LEU C 265 20.22 19.52 16.89
CA LEU C 265 20.37 20.13 15.56
C LEU C 265 20.89 21.56 15.67
N ILE C 266 20.41 22.34 16.63
CA ILE C 266 20.87 23.72 16.76
C ILE C 266 22.30 23.77 17.28
N ALA C 267 22.67 22.85 18.18
CA ALA C 267 24.06 22.75 18.61
C ALA C 267 24.98 22.37 17.45
N GLY C 268 24.56 21.43 16.61
CA GLY C 268 25.34 21.06 15.44
C GLY C 268 25.39 22.14 14.38
N LYS C 269 24.38 23.01 14.33
CA LYS C 269 24.44 24.15 13.42
C LYS C 269 25.47 25.17 13.90
N ILE C 270 25.40 25.57 15.17
CA ILE C 270 26.28 26.66 15.60
C ILE C 270 27.67 26.20 15.95
N ILE C 271 27.94 24.89 15.98
CA ILE C 271 29.33 24.44 16.08
C ILE C 271 30.08 24.76 14.79
N GLU C 272 29.50 24.45 13.65
CA GLU C 272 30.20 24.63 12.38
C GLU C 272 30.17 26.06 11.87
N VAL C 273 29.39 26.94 12.49
CA VAL C 273 29.32 28.34 12.08
C VAL C 273 30.51 29.09 12.67
N GLU C 274 31.24 29.81 11.81
CA GLU C 274 32.39 30.59 12.24
C GLU C 274 32.16 32.09 12.24
N ASP C 275 31.33 32.61 11.34
CA ASP C 275 31.03 34.03 11.28
C ASP C 275 29.58 34.30 11.65
N TRP C 276 29.33 35.49 12.19
CA TRP C 276 27.99 35.87 12.64
C TRP C 276 27.21 36.44 11.46
N GLU C 277 26.88 35.55 10.54
CA GLU C 277 26.19 35.88 9.30
C GLU C 277 24.77 35.34 9.24
N ILE C 278 24.51 34.16 9.80
CA ILE C 278 23.19 33.57 9.65
C ILE C 278 22.17 34.23 10.58
N PHE C 279 22.62 34.99 11.58
CA PHE C 279 21.69 35.77 12.38
C PHE C 279 21.12 36.92 11.57
N ARG C 280 21.93 37.51 10.68
CA ARG C 280 21.43 38.53 9.77
C ARG C 280 20.41 37.95 8.79
N LYS C 281 20.64 36.71 8.33
CA LYS C 281 19.71 36.09 7.41
C LYS C 281 18.41 35.70 8.10
N LEU C 282 18.48 35.30 9.38
CA LEU C 282 17.25 35.04 10.12
C LEU C 282 16.47 36.32 10.40
N GLY C 283 17.18 37.42 10.67
CA GLY C 283 16.50 38.70 10.83
C GLY C 283 15.82 39.16 9.54
N LEU C 284 16.47 38.98 8.40
CA LEU C 284 15.85 39.32 7.13
C LEU C 284 14.69 38.40 6.79
N TYR C 285 14.75 37.13 7.20
CA TYR C 285 13.63 36.24 6.97
C TYR C 285 12.41 36.63 7.80
N MET C 286 12.63 36.96 9.08
CA MET C 286 11.53 37.42 9.92
C MET C 286 10.96 38.73 9.40
N ALA C 287 11.82 39.63 8.91
CA ALA C 287 11.32 40.88 8.33
C ALA C 287 10.54 40.63 7.04
N THR C 288 10.92 39.63 6.25
CA THR C 288 10.18 39.31 5.04
C THR C 288 8.80 38.75 5.35
N VAL C 289 8.70 37.82 6.31
CA VAL C 289 7.40 37.28 6.71
C VAL C 289 6.53 38.37 7.31
N LEU C 290 7.12 39.27 8.11
CA LEU C 290 6.32 40.32 8.74
C LEU C 290 5.86 41.36 7.73
N THR C 291 6.67 41.70 6.73
CA THR C 291 6.18 42.66 5.74
C THR C 291 5.20 41.99 4.78
N GLY C 292 5.27 40.67 4.61
CA GLY C 292 4.27 39.98 3.82
C GLY C 292 2.90 40.00 4.49
N LEU C 293 2.87 39.70 5.80
CA LEU C 293 1.62 39.78 6.54
C LEU C 293 1.13 41.22 6.66
N ALA C 294 2.05 42.18 6.72
CA ALA C 294 1.66 43.59 6.84
C ALA C 294 1.01 44.10 5.57
N ILE C 295 1.62 43.84 4.40
CA ILE C 295 0.98 44.32 3.17
C ILE C 295 -0.06 43.36 2.64
N HIS C 296 -0.29 42.23 3.30
CA HIS C 296 -1.46 41.41 2.98
C HIS C 296 -2.68 41.78 3.82
N SER C 297 -2.50 42.16 5.07
CA SER C 297 -3.66 42.53 5.88
C SER C 297 -4.09 43.97 5.71
N ILE C 298 -3.22 44.85 5.21
CA ILE C 298 -3.54 46.27 5.13
C ILE C 298 -3.95 46.66 3.71
N VAL C 299 -3.25 46.17 2.70
CA VAL C 299 -3.48 46.62 1.33
C VAL C 299 -4.42 45.70 0.58
N ILE C 300 -4.13 44.40 0.56
CA ILE C 300 -4.78 43.50 -0.39
C ILE C 300 -6.20 43.15 0.04
N LEU C 301 -6.40 42.76 1.30
CA LEU C 301 -7.73 42.36 1.73
C LEU C 301 -8.72 43.53 1.84
N PRO C 302 -8.34 44.73 2.31
CA PRO C 302 -9.24 45.87 2.12
C PRO C 302 -9.46 46.25 0.67
N LEU C 303 -8.51 45.98 -0.23
CA LEU C 303 -8.77 46.21 -1.64
C LEU C 303 -9.84 45.27 -2.18
N ILE C 304 -9.81 44.00 -1.77
CA ILE C 304 -10.85 43.06 -2.20
C ILE C 304 -12.21 43.45 -1.62
N TYR C 305 -12.22 43.87 -0.36
CA TYR C 305 -13.46 44.35 0.26
C TYR C 305 -13.96 45.63 -0.39
N PHE C 306 -13.07 46.45 -0.97
CA PHE C 306 -13.54 47.66 -1.62
C PHE C 306 -14.01 47.40 -3.05
N ILE C 307 -13.43 46.43 -3.74
CA ILE C 307 -13.95 46.07 -5.06
C ILE C 307 -15.30 45.40 -4.95
N VAL C 308 -15.44 44.42 -4.04
CA VAL C 308 -16.67 43.64 -3.98
C VAL C 308 -17.78 44.42 -3.28
N VAL C 309 -17.54 44.86 -2.05
CA VAL C 309 -18.62 45.37 -1.22
C VAL C 309 -18.84 46.87 -1.46
N ARG C 310 -17.79 47.60 -1.84
CA ARG C 310 -17.81 49.05 -2.11
C ARG C 310 -18.26 49.86 -0.88
N LYS C 311 -17.91 49.38 0.30
CA LYS C 311 -18.04 50.14 1.54
C LYS C 311 -16.65 50.47 2.07
N ASN C 312 -16.60 51.05 3.26
CA ASN C 312 -15.31 51.40 3.85
C ASN C 312 -14.75 50.21 4.60
N PRO C 313 -13.60 49.65 4.20
CA PRO C 313 -13.08 48.46 4.88
C PRO C 313 -12.42 48.75 6.22
N PHE C 314 -11.99 49.98 6.46
CA PHE C 314 -11.24 50.26 7.69
C PHE C 314 -12.16 50.38 8.90
N ARG C 315 -13.40 50.84 8.71
CA ARG C 315 -14.38 50.75 9.80
C ARG C 315 -14.74 49.30 10.09
N PHE C 316 -14.75 48.44 9.06
CA PHE C 316 -14.97 47.02 9.27
C PHE C 316 -13.81 46.40 10.04
N ALA C 317 -12.58 46.82 9.74
CA ALA C 317 -11.44 46.31 10.49
C ALA C 317 -11.41 46.83 11.91
N MET C 318 -11.86 48.07 12.14
CA MET C 318 -11.96 48.60 13.50
C MET C 318 -13.08 47.95 14.28
N GLY C 319 -14.11 47.42 13.60
CA GLY C 319 -15.15 46.69 14.30
C GLY C 319 -14.71 45.35 14.86
N MET C 320 -13.67 44.76 14.32
CA MET C 320 -13.19 43.45 14.74
C MET C 320 -11.93 43.55 15.59
N ALA C 321 -11.84 44.56 16.47
CA ALA C 321 -10.60 44.77 17.22
C ALA C 321 -10.40 43.73 18.30
N GLN C 322 -11.47 43.34 18.99
CA GLN C 322 -11.33 42.38 20.09
C GLN C 322 -11.01 40.98 19.60
N ALA C 323 -11.46 40.63 18.39
CA ALA C 323 -11.12 39.33 17.82
C ALA C 323 -9.64 39.25 17.49
N LEU C 324 -9.08 40.31 16.90
CA LEU C 324 -7.65 40.33 16.61
C LEU C 324 -6.82 40.42 17.89
N LEU C 325 -7.32 41.11 18.91
CA LEU C 325 -6.61 41.16 20.19
C LEU C 325 -6.59 39.79 20.87
N THR C 326 -7.71 39.06 20.77
CA THR C 326 -7.75 37.71 21.32
C THR C 326 -6.84 36.77 20.53
N ALA C 327 -6.81 36.91 19.20
CA ALA C 327 -5.93 36.08 18.38
C ALA C 327 -4.46 36.44 18.56
N LEU C 328 -4.16 37.65 19.02
CA LEU C 328 -2.81 37.95 19.49
C LEU C 328 -2.54 37.31 20.85
N MET C 329 -3.54 37.29 21.73
CA MET C 329 -3.32 36.77 23.07
C MET C 329 -3.22 35.24 23.07
N ILE C 330 -4.28 34.56 22.69
CA ILE C 330 -4.22 33.12 22.46
C ILE C 330 -3.99 32.88 20.98
N SER C 331 -3.21 31.85 20.66
CA SER C 331 -2.72 31.65 19.30
C SER C 331 -3.48 30.56 18.56
N SER C 332 -4.80 30.52 18.67
CA SER C 332 -5.60 29.58 17.91
C SER C 332 -6.72 30.31 17.19
N SER C 333 -6.97 29.91 15.95
CA SER C 333 -8.05 30.51 15.17
C SER C 333 -9.40 29.86 15.47
N SER C 334 -9.40 28.67 16.06
CA SER C 334 -10.64 28.00 16.44
C SER C 334 -11.08 28.35 17.86
N ALA C 335 -10.16 28.75 18.72
CA ALA C 335 -10.50 29.18 20.06
C ALA C 335 -10.84 30.66 20.13
N THR C 336 -10.58 31.41 19.06
CA THR C 336 -10.96 32.80 18.95
C THR C 336 -12.37 32.93 18.37
N LEU C 337 -12.97 31.81 18.00
CA LEU C 337 -14.23 31.79 17.25
C LEU C 337 -15.44 32.44 17.93
N PRO C 338 -15.74 32.26 19.24
CA PRO C 338 -16.90 32.97 19.78
C PRO C 338 -16.72 34.48 19.83
N VAL C 339 -15.49 34.96 19.98
CA VAL C 339 -15.25 36.38 19.98
C VAL C 339 -15.46 36.97 18.60
N THR C 340 -15.07 36.27 17.53
CA THR C 340 -15.32 36.83 16.21
C THR C 340 -16.78 36.66 15.77
N PHE C 341 -17.48 35.64 16.30
CA PHE C 341 -18.94 35.62 16.17
C PHE C 341 -19.58 36.85 16.80
N ARG C 342 -19.15 37.21 18.02
CA ARG C 342 -19.73 38.37 18.70
C ARG C 342 -19.37 39.68 18.00
N CYS C 343 -18.13 39.81 17.54
CA CYS C 343 -17.70 41.05 16.89
C CYS C 343 -18.26 41.20 15.48
N ALA C 344 -18.58 40.11 14.79
CA ALA C 344 -19.16 40.27 13.46
C ALA C 344 -20.68 40.34 13.52
N GLU C 345 -21.29 39.77 14.56
CA GLU C 345 -22.75 39.74 14.63
C GLU C 345 -23.34 41.01 15.21
N GLU C 346 -22.84 41.48 16.36
CA GLU C 346 -23.49 42.58 17.06
C GLU C 346 -22.79 43.93 16.88
N ASN C 347 -21.50 43.94 16.50
CA ASN C 347 -20.81 45.18 16.20
C ASN C 347 -20.92 45.56 14.74
N ASN C 348 -20.64 44.61 13.84
CA ASN C 348 -20.88 44.78 12.43
C ASN C 348 -22.27 44.26 12.10
N GLN C 349 -22.86 44.73 11.02
CA GLN C 349 -24.22 44.36 10.64
C GLN C 349 -24.15 43.20 9.65
N VAL C 350 -23.72 42.05 10.14
CA VAL C 350 -23.62 40.83 9.34
C VAL C 350 -24.68 39.86 9.85
N ASP C 351 -25.43 39.27 8.93
CA ASP C 351 -26.51 38.35 9.30
C ASP C 351 -25.94 37.07 9.89
N LYS C 352 -26.72 36.44 10.76
CA LYS C 352 -26.26 35.24 11.46
C LYS C 352 -26.27 34.01 10.57
N ARG C 353 -27.20 33.94 9.61
CA ARG C 353 -27.36 32.74 8.79
C ARG C 353 -26.17 32.50 7.88
N ILE C 354 -25.46 33.56 7.50
CA ILE C 354 -24.25 33.41 6.71
C ILE C 354 -23.02 33.21 7.59
N THR C 355 -23.03 33.83 8.77
CA THR C 355 -21.90 33.73 9.70
C THR C 355 -21.75 32.31 10.22
N ARG C 356 -22.90 31.62 10.45
CA ARG C 356 -22.90 30.26 10.96
C ARG C 356 -22.20 29.29 10.02
N PHE C 357 -22.16 29.59 8.73
CA PHE C 357 -21.41 28.75 7.80
C PHE C 357 -20.01 29.28 7.54
N VAL C 358 -19.83 30.59 7.39
CA VAL C 358 -18.55 31.12 6.92
C VAL C 358 -17.49 31.02 8.02
N LEU C 359 -17.86 31.31 9.27
CA LEU C 359 -16.84 31.37 10.31
C LEU C 359 -16.30 30.01 10.75
N PRO C 360 -17.12 28.99 11.10
CA PRO C 360 -16.51 27.73 11.55
C PRO C 360 -15.86 26.92 10.44
N VAL C 361 -16.26 27.11 9.19
CA VAL C 361 -15.60 26.43 8.09
C VAL C 361 -14.34 27.19 7.69
N GLY C 362 -14.40 28.52 7.69
CA GLY C 362 -13.24 29.33 7.40
C GLY C 362 -12.23 29.44 8.51
N ALA C 363 -12.50 28.86 9.67
CA ALA C 363 -11.46 28.79 10.69
C ALA C 363 -10.49 27.63 10.46
N THR C 364 -10.77 26.73 9.52
CA THR C 364 -9.94 25.54 9.34
C THR C 364 -9.36 25.39 7.94
N ILE C 365 -10.01 25.90 6.90
CA ILE C 365 -9.48 25.80 5.54
C ILE C 365 -9.08 27.13 4.94
N ASN C 366 -9.36 28.24 5.60
CA ASN C 366 -8.90 29.55 5.13
C ASN C 366 -7.76 29.99 6.02
N MET C 367 -6.54 29.73 5.58
CA MET C 367 -5.34 30.12 6.31
C MET C 367 -4.40 30.82 5.32
N ASP C 368 -4.44 32.15 5.31
CA ASP C 368 -3.61 32.92 4.41
C ASP C 368 -2.20 33.12 4.96
N GLY C 369 -2.11 33.40 6.27
CA GLY C 369 -0.81 33.69 6.87
C GLY C 369 0.09 32.48 6.91
N THR C 370 -0.49 31.29 7.15
CA THR C 370 0.30 30.06 7.13
C THR C 370 0.78 29.73 5.73
N ALA C 371 -0.03 30.04 4.71
CA ALA C 371 0.37 29.77 3.34
C ALA C 371 1.49 30.70 2.89
N LEU C 372 1.38 31.99 3.22
CA LEU C 372 2.46 32.95 2.93
C LEU C 372 3.73 32.57 3.65
N TYR C 373 3.61 32.16 4.92
CA TYR C 373 4.72 31.67 5.71
C TYR C 373 5.41 30.47 5.10
N GLU C 374 4.64 29.49 4.61
CA GLU C 374 5.26 28.29 4.08
C GLU C 374 5.93 28.54 2.73
N ALA C 375 5.36 29.42 1.91
CA ALA C 375 6.01 29.77 0.65
C ALA C 375 7.31 30.54 0.90
N VAL C 376 7.29 31.54 1.78
CA VAL C 376 8.49 32.32 2.09
C VAL C 376 9.56 31.45 2.73
N ALA C 377 9.16 30.55 3.62
CA ALA C 377 10.14 29.70 4.29
C ALA C 377 10.73 28.66 3.35
N ALA C 378 9.95 28.15 2.40
CA ALA C 378 10.51 27.18 1.45
C ALA C 378 11.51 27.83 0.51
N VAL C 379 11.20 29.02 0.00
CA VAL C 379 12.19 29.69 -0.85
C VAL C 379 13.38 30.20 -0.05
N PHE C 380 13.20 30.48 1.25
CA PHE C 380 14.34 30.88 2.08
C PHE C 380 15.28 29.70 2.34
N ILE C 381 14.74 28.50 2.58
CA ILE C 381 15.59 27.32 2.71
C ILE C 381 16.25 26.99 1.37
N ALA C 382 15.57 27.24 0.25
CA ALA C 382 16.19 27.00 -1.05
C ALA C 382 17.32 27.98 -1.33
N GLN C 383 17.17 29.24 -0.92
CA GLN C 383 18.24 30.21 -1.10
C GLN C 383 19.38 30.06 -0.10
N LEU C 384 19.10 29.44 1.04
CA LEU C 384 20.13 29.29 2.06
C LEU C 384 21.13 28.21 1.70
N ASN C 385 20.72 27.22 0.89
CA ASN C 385 21.58 26.13 0.46
C ASN C 385 22.21 26.40 -0.90
N ASP C 386 22.23 27.66 -1.34
CA ASP C 386 22.91 28.14 -2.55
C ASP C 386 22.39 27.45 -3.82
N LEU C 387 21.11 27.09 -3.83
CA LEU C 387 20.47 26.55 -5.02
C LEU C 387 19.72 27.65 -5.75
N ASP C 388 19.12 27.27 -6.89
CA ASP C 388 18.26 28.16 -7.65
C ASP C 388 16.97 27.43 -8.01
N LEU C 389 15.84 28.04 -7.68
CA LEU C 389 14.55 27.46 -8.02
C LEU C 389 14.15 27.87 -9.42
N GLY C 390 13.63 26.91 -10.19
CA GLY C 390 13.19 27.20 -11.54
C GLY C 390 11.79 27.78 -11.59
N ILE C 391 11.03 27.41 -12.60
CA ILE C 391 9.63 27.83 -12.69
C ILE C 391 8.78 26.59 -12.51
N GLY C 392 9.44 25.43 -12.36
CA GLY C 392 8.71 24.24 -11.97
C GLY C 392 8.64 24.08 -10.47
N GLN C 393 9.74 24.38 -9.78
CA GLN C 393 9.77 24.22 -8.34
C GLN C 393 8.99 25.33 -7.64
N ILE C 394 8.90 26.50 -8.25
CA ILE C 394 8.12 27.58 -7.65
C ILE C 394 6.62 27.29 -7.77
N ILE C 395 6.20 26.69 -8.88
CA ILE C 395 4.79 26.30 -8.99
C ILE C 395 4.50 25.08 -8.11
N THR C 396 5.48 24.20 -7.89
CA THR C 396 5.26 23.10 -6.96
C THR C 396 5.15 23.59 -5.52
N ILE C 397 5.93 24.62 -5.16
CA ILE C 397 5.79 25.25 -3.86
C ILE C 397 4.44 25.94 -3.73
N SER C 398 4.01 26.64 -4.77
CA SER C 398 2.76 27.38 -4.73
C SER C 398 1.53 26.48 -4.79
N ILE C 399 1.64 25.26 -5.29
CA ILE C 399 0.51 24.34 -5.27
C ILE C 399 0.50 23.52 -3.97
N THR C 400 1.67 23.13 -3.47
CA THR C 400 1.73 22.36 -2.23
C THR C 400 1.35 23.21 -1.02
N ALA C 401 1.67 24.50 -1.03
CA ALA C 401 1.34 25.34 0.11
C ALA C 401 -0.10 25.81 0.09
N THR C 402 -0.70 25.97 -1.09
CA THR C 402 -2.10 26.34 -1.18
C THR C 402 -2.99 25.21 -0.71
N SER C 403 -2.76 24.00 -1.22
CA SER C 403 -3.59 22.84 -0.91
C SER C 403 -3.13 22.09 0.32
N ALA C 404 -2.51 22.77 1.27
CA ALA C 404 -2.18 22.18 2.55
C ALA C 404 -3.04 22.71 3.68
N SER C 405 -3.91 23.69 3.40
CA SER C 405 -4.94 24.06 4.37
C SER C 405 -5.95 22.94 4.53
N ILE C 406 -6.29 22.28 3.43
CA ILE C 406 -7.09 21.06 3.48
C ILE C 406 -6.31 19.94 4.16
N GLY C 407 -5.05 19.77 3.78
CA GLY C 407 -4.24 18.63 4.18
C GLY C 407 -3.38 18.83 5.42
N ALA C 408 -3.91 19.54 6.41
CA ALA C 408 -3.32 19.61 7.74
C ALA C 408 -4.30 19.24 8.83
N ALA C 409 -5.54 18.86 8.45
CA ALA C 409 -6.59 18.32 9.32
C ALA C 409 -7.06 19.30 10.40
N GLY C 410 -6.75 20.59 10.25
CA GLY C 410 -7.20 21.61 11.18
C GLY C 410 -6.64 21.48 12.58
N VAL C 411 -5.34 21.19 12.69
CA VAL C 411 -4.71 20.97 13.98
C VAL C 411 -3.59 21.97 14.15
N PRO C 412 -3.49 22.64 15.30
CA PRO C 412 -2.39 23.60 15.50
C PRO C 412 -1.02 22.94 15.59
N GLN C 413 -0.93 21.73 16.13
CA GLN C 413 0.36 21.07 16.34
C GLN C 413 0.74 20.20 15.14
N ALA C 414 0.61 20.75 13.93
CA ALA C 414 0.97 20.01 12.72
C ALA C 414 1.64 20.88 11.69
N GLY C 415 1.78 22.19 11.93
CA GLY C 415 2.30 23.10 10.93
C GLY C 415 3.74 22.83 10.55
N LEU C 416 4.54 22.36 11.52
CA LEU C 416 5.91 21.93 11.24
C LEU C 416 5.94 20.81 10.22
N VAL C 417 4.99 19.88 10.31
CA VAL C 417 4.95 18.77 9.37
C VAL C 417 4.62 19.28 7.97
N THR C 418 3.82 20.35 7.89
CA THR C 418 3.55 20.95 6.59
C THR C 418 4.81 21.58 5.99
N MET C 419 5.67 22.13 6.84
CA MET C 419 6.95 22.63 6.37
C MET C 419 7.87 21.51 5.92
N VAL C 420 7.64 20.28 6.35
CA VAL C 420 8.43 19.19 5.82
C VAL C 420 7.83 18.71 4.51
N ILE C 421 6.53 18.97 4.27
CA ILE C 421 5.93 18.51 3.02
C ILE C 421 6.37 19.37 1.86
N VAL C 422 6.32 20.70 2.03
CA VAL C 422 6.71 21.64 0.99
C VAL C 422 8.18 21.49 0.63
N LEU C 423 9.03 21.36 1.65
CA LEU C 423 10.46 21.12 1.41
C LEU C 423 10.72 19.75 0.83
N SER C 424 9.80 18.81 0.97
CA SER C 424 9.96 17.55 0.29
C SER C 424 9.13 17.47 -0.99
N ALA C 425 8.41 18.53 -1.33
CA ALA C 425 7.70 18.56 -2.60
C ALA C 425 8.60 18.97 -3.74
N VAL C 426 9.67 19.70 -3.45
CA VAL C 426 10.60 20.16 -4.47
C VAL C 426 11.96 19.49 -4.37
N GLY C 427 12.31 18.92 -3.23
CA GLY C 427 13.56 18.21 -3.08
C GLY C 427 14.62 18.93 -2.28
N LEU C 428 14.27 19.72 -1.38
CA LEU C 428 15.23 20.47 -0.60
C LEU C 428 15.65 19.67 0.63
N PRO C 429 16.84 19.92 1.17
CA PRO C 429 17.23 19.28 2.44
C PRO C 429 16.42 19.83 3.59
N ALA C 430 15.69 18.94 4.27
CA ALA C 430 14.79 19.33 5.35
C ALA C 430 15.52 19.65 6.64
N GLU C 431 16.82 19.39 6.72
CA GLU C 431 17.55 19.56 7.96
C GLU C 431 17.85 21.01 8.30
N ASP C 432 17.47 21.95 7.43
CA ASP C 432 17.50 23.37 7.73
C ASP C 432 16.18 23.88 8.29
N VAL C 433 15.18 23.00 8.41
CA VAL C 433 13.93 23.29 9.11
C VAL C 433 14.17 23.78 10.54
N THR C 434 15.25 23.32 11.19
CA THR C 434 15.59 23.76 12.54
C THR C 434 15.97 25.23 12.60
N LEU C 435 16.20 25.90 11.47
CA LEU C 435 16.43 27.33 11.50
C LEU C 435 15.13 28.13 11.50
N ILE C 436 14.00 27.46 11.31
CA ILE C 436 12.70 28.12 11.27
C ILE C 436 11.93 27.90 12.56
N ILE C 437 12.07 26.73 13.18
CA ILE C 437 11.44 26.46 14.46
C ILE C 437 11.99 27.32 15.58
N ALA C 438 13.20 27.84 15.43
CA ALA C 438 13.77 28.73 16.44
C ALA C 438 13.03 30.07 16.52
N VAL C 439 12.44 30.53 15.41
CA VAL C 439 11.78 31.82 15.36
C VAL C 439 10.28 31.70 15.09
N ASP C 440 9.72 30.48 15.16
CA ASP C 440 8.32 30.26 14.83
C ASP C 440 7.37 30.86 15.86
N TRP C 441 7.74 30.84 17.13
CA TRP C 441 6.90 31.37 18.19
C TRP C 441 6.84 32.88 18.22
N LEU C 442 7.63 33.57 17.40
CA LEU C 442 7.51 35.01 17.25
C LEU C 442 6.48 35.40 16.20
N LEU C 443 6.27 34.55 15.20
CA LEU C 443 5.39 34.86 14.08
C LEU C 443 4.07 34.11 14.11
N ASP C 444 3.92 33.14 15.01
CA ASP C 444 2.68 32.35 15.10
C ASP C 444 1.46 33.22 15.42
N ARG C 445 1.62 34.20 16.32
CA ARG C 445 0.50 35.04 16.70
C ARG C 445 0.08 35.97 15.56
N PHE C 446 1.05 36.49 14.81
CA PHE C 446 0.71 37.34 13.68
C PHE C 446 0.07 36.54 12.56
N ARG C 447 0.50 35.29 12.36
CA ARG C 447 -0.18 34.43 11.39
C ARG C 447 -1.62 34.17 11.79
N THR C 448 -1.87 33.97 13.09
CA THR C 448 -3.24 33.78 13.56
C THR C 448 -4.08 35.01 13.34
N MET C 449 -3.50 36.21 13.55
CA MET C 449 -4.22 37.45 13.29
C MET C 449 -4.59 37.61 11.82
N VAL C 450 -3.68 37.24 10.91
CA VAL C 450 -3.97 37.37 9.48
C VAL C 450 -5.05 36.37 9.06
N ASN C 451 -5.03 35.15 9.61
CA ASN C 451 -6.07 34.17 9.30
C ASN C 451 -7.45 34.66 9.74
N VAL C 452 -7.54 35.16 10.99
CA VAL C 452 -8.79 35.62 11.56
C VAL C 452 -9.32 36.84 10.80
N LEU C 453 -8.42 37.75 10.40
CA LEU C 453 -8.83 38.89 9.60
C LEU C 453 -9.33 38.45 8.22
N GLY C 454 -8.76 37.36 7.69
CA GLY C 454 -9.23 36.83 6.42
C GLY C 454 -10.68 36.37 6.47
N ASP C 455 -11.03 35.49 7.43
CA ASP C 455 -12.43 35.05 7.40
C ASP C 455 -13.39 36.10 7.96
N ALA C 456 -12.89 37.04 8.77
CA ALA C 456 -13.73 38.15 9.22
C ALA C 456 -14.12 39.07 8.06
N PHE C 457 -13.18 39.36 7.15
CA PHE C 457 -13.54 40.06 5.92
C PHE C 457 -14.41 39.19 5.02
N GLY C 458 -14.23 37.87 5.09
CA GLY C 458 -14.96 36.97 4.22
C GLY C 458 -16.45 36.94 4.48
N THR C 459 -16.86 37.08 5.74
CA THR C 459 -18.29 37.17 6.06
C THR C 459 -18.97 38.33 5.34
N GLY C 460 -18.38 39.52 5.41
CA GLY C 460 -18.97 40.68 4.76
C GLY C 460 -18.93 40.60 3.25
N ILE C 461 -17.85 40.02 2.70
CA ILE C 461 -17.73 39.92 1.25
C ILE C 461 -18.76 38.94 0.68
N VAL C 462 -18.93 37.78 1.33
CA VAL C 462 -19.94 36.83 0.87
C VAL C 462 -21.36 37.34 1.14
N GLU C 463 -21.56 38.17 2.16
CA GLU C 463 -22.88 38.74 2.40
C GLU C 463 -23.28 39.73 1.32
N LYS C 464 -22.38 40.64 0.97
CA LYS C 464 -22.71 41.60 -0.09
C LYS C 464 -22.72 40.94 -1.46
N LEU C 465 -22.02 39.81 -1.62
CA LEU C 465 -21.99 39.15 -2.93
C LEU C 465 -23.32 38.51 -3.29
N SER C 466 -24.01 37.89 -2.35
CA SER C 466 -25.26 37.18 -2.61
C SER C 466 -26.31 37.66 -1.62
N LYS C 467 -27.29 38.42 -2.11
CA LYS C 467 -28.39 38.89 -1.28
C LYS C 467 -29.73 38.28 -1.68
N LYS C 468 -29.79 37.56 -2.81
CA LYS C 468 -31.06 36.97 -3.24
C LYS C 468 -31.42 35.77 -2.39
N GLU C 469 -30.42 35.01 -1.95
CA GLU C 469 -30.68 33.79 -1.21
C GLU C 469 -31.22 34.07 0.19
N LEU C 470 -30.81 35.17 0.81
CA LEU C 470 -31.36 35.52 2.12
C LEU C 470 -32.82 35.94 2.01
N GLU C 471 -33.19 36.64 0.93
CA GLU C 471 -34.60 36.96 0.72
C GLU C 471 -35.40 35.71 0.40
N GLN C 472 -34.83 34.79 -0.39
CA GLN C 472 -35.52 33.56 -0.76
C GLN C 472 -35.73 32.64 0.45
N MET C 473 -34.79 32.68 1.40
CA MET C 473 -34.95 31.93 2.63
C MET C 473 -35.68 32.71 3.72
N ASP C 474 -35.91 34.01 3.51
CA ASP C 474 -36.70 34.81 4.43
C ASP C 474 -38.18 34.79 4.10
N VAL C 475 -38.55 34.62 2.82
CA VAL C 475 -39.95 34.48 2.48
C VAL C 475 -40.43 33.03 2.58
N SER C 476 -39.52 32.07 2.58
CA SER C 476 -39.88 30.66 2.61
C SER C 476 -38.75 29.81 3.21
#